data_4ELB
#
_entry.id   4ELB
#
_cell.length_a   67.874
_cell.length_b   135.444
_cell.length_c   168.194
_cell.angle_alpha   90.00
_cell.angle_beta   90.00
_cell.angle_gamma   90.00
#
_symmetry.space_group_name_H-M   'P 21 21 21'
#
loop_
_entity.id
_entity.type
_entity.pdbx_description
1 polymer 'Dihydrofolate reductase'
2 non-polymer 'CALCIUM ION'
3 non-polymer 'CHLORIDE ION'
4 non-polymer (2E)-3-{5-[(2,4-diaminopyrimidin-5-yl)methyl]-2,3-dimethoxyphenyl}-1-[(1S)-1-phenylphthalazin-2(1H)-yl]prop-2-en-1-one
5 non-polymer (2E)-3-{5-[(2,4-diaminopyrimidin-5-yl)methyl]-2,3-dimethoxyphenyl}-1-[(1R)-1-phenylphthalazin-2(1H)-yl]prop-2-en-1-one
6 water water
#
_entity_poly.entity_id   1
_entity_poly.type   'polypeptide(L)'
_entity_poly.pdbx_seq_one_letter_code
;MIVSFMVAMDENRVIGKDNNLPWRLPSELQYVKKTTMGHPLIMGRKNYEAIGRPLPGRRNIIVTRNEGYHVEGCEVAHSV
EEVFELCKNEEEIFIFGGAQIYDLFLPYVDKLYITKIHHAFEGDTFFPEMDMTNWKEVFVEKGLTDEKNPYTYYYHVYEK
QQLVPR
;
_entity_poly.pdbx_strand_id   A,H,C,B,G,F,D,E
#
loop_
_chem_comp.id
_chem_comp.type
_chem_comp.name
_chem_comp.formula
34R non-polymer (2E)-3-{5-[(2,4-diaminopyrimidin-5-yl)methyl]-2,3-dimethoxyphenyl}-1-[(1R)-1-phenylphthalazin-2(1H)-yl]prop-2-en-1-one 'C30 H28 N6 O3'
34S non-polymer (2E)-3-{5-[(2,4-diaminopyrimidin-5-yl)methyl]-2,3-dimethoxyphenyl}-1-[(1S)-1-phenylphthalazin-2(1H)-yl]prop-2-en-1-one 'C30 H28 N6 O3'
CA non-polymer 'CALCIUM ION' 'Ca 2'
CL non-polymer 'CHLORIDE ION' 'Cl -1'
#
# COMPACT_ATOMS: atom_id res chain seq x y z
N MET A 1 52.74 20.61 5.91
CA MET A 1 51.30 20.52 5.89
C MET A 1 50.74 19.56 6.94
N ILE A 2 49.97 20.11 7.87
CA ILE A 2 49.32 19.27 8.87
C ILE A 2 48.10 18.56 8.28
N VAL A 3 48.12 17.23 8.33
CA VAL A 3 46.98 16.44 7.90
C VAL A 3 46.15 16.07 9.13
N SER A 4 44.94 16.62 9.20
CA SER A 4 44.09 16.43 10.37
C SER A 4 42.80 15.69 10.04
N PHE A 5 42.50 14.66 10.82
CA PHE A 5 41.21 14.01 10.79
C PHE A 5 40.24 14.86 11.61
N MET A 6 39.05 15.11 11.07
CA MET A 6 38.01 15.80 11.83
C MET A 6 36.82 14.85 11.95
N VAL A 7 36.44 14.53 13.19
CA VAL A 7 35.52 13.41 13.42
C VAL A 7 34.65 13.58 14.66
N ALA A 8 33.39 13.19 14.53
CA ALA A 8 32.47 13.12 15.66
C ALA A 8 31.92 11.70 15.68
N MET A 9 32.13 11.00 16.78
CA MET A 9 31.69 9.61 16.86
C MET A 9 31.13 9.32 18.24
N ASP A 10 30.32 8.28 18.32
CA ASP A 10 29.75 7.89 19.58
C ASP A 10 30.62 6.86 20.29
N GLU A 11 30.12 6.31 21.38
CA GLU A 11 30.93 5.49 22.26
C GLU A 11 31.31 4.16 21.61
N ASN A 12 30.73 3.89 20.45
CA ASN A 12 31.06 2.71 19.65
C ASN A 12 31.65 3.10 18.29
N ARG A 13 32.15 4.33 18.18
CA ARG A 13 32.77 4.83 16.96
C ARG A 13 31.80 5.07 15.80
N VAL A 14 30.50 5.03 16.08
CA VAL A 14 29.51 5.31 15.04
C VAL A 14 29.73 6.73 14.52
N ILE A 15 29.83 6.88 13.20
CA ILE A 15 29.89 8.20 12.58
C ILE A 15 28.73 8.45 11.62
N GLY A 16 27.88 7.44 11.42
CA GLY A 16 26.76 7.59 10.51
C GLY A 16 25.69 6.53 10.63
N LYS A 17 24.49 6.87 10.14
CA LYS A 17 23.37 5.94 10.06
C LYS A 17 22.57 6.25 8.80
N ASP A 18 22.53 5.30 7.88
CA ASP A 18 21.87 5.49 6.60
C ASP A 18 22.37 6.79 5.97
N ASN A 19 23.69 6.98 6.02
CA ASN A 19 24.35 8.15 5.46
C ASN A 19 24.09 9.49 6.15
N ASN A 20 23.49 9.47 7.32
CA ASN A 20 23.26 10.70 8.08
C ASN A 20 23.69 10.60 9.53
N LEU A 21 23.81 11.74 10.19
CA LEU A 21 24.17 11.77 11.61
C LEU A 21 22.99 11.31 12.45
N PRO A 22 23.23 10.34 13.35
CA PRO A 22 22.12 9.92 14.21
C PRO A 22 21.84 10.95 15.30
N TRP A 23 22.67 11.99 15.42
CA TRP A 23 22.44 13.02 16.42
C TRP A 23 22.32 14.40 15.78
N ARG A 24 21.74 15.35 16.51
CA ARG A 24 21.69 16.73 16.05
C ARG A 24 22.29 17.64 17.12
N LEU A 25 23.53 18.06 16.91
CA LEU A 25 24.25 18.89 17.87
C LEU A 25 24.81 20.12 17.18
N PRO A 26 23.97 21.16 17.02
CA PRO A 26 24.36 22.38 16.33
C PRO A 26 25.61 23.00 16.95
N SER A 27 25.75 22.91 18.27
CA SER A 27 26.91 23.47 18.94
C SER A 27 28.17 22.76 18.46
N GLU A 28 28.05 21.46 18.21
CA GLU A 28 29.16 20.67 17.73
C GLU A 28 29.62 21.15 16.35
N LEU A 29 28.66 21.43 15.50
CA LEU A 29 28.93 21.89 14.15
C LEU A 29 29.49 23.32 14.15
N GLN A 30 29.11 24.10 15.15
CA GLN A 30 29.68 25.44 15.33
C GLN A 30 31.15 25.29 15.66
N TYR A 31 31.48 24.23 16.40
CA TYR A 31 32.86 23.94 16.73
C TYR A 31 33.67 23.52 15.52
N VAL A 32 33.10 22.66 14.68
CA VAL A 32 33.75 22.27 13.44
C VAL A 32 34.04 23.50 12.59
N LYS A 33 33.06 24.40 12.50
CA LYS A 33 33.18 25.58 11.66
C LYS A 33 34.29 26.48 12.15
N LYS A 34 34.30 26.76 13.45
CA LYS A 34 35.31 27.59 14.07
C LYS A 34 36.70 26.99 13.87
N THR A 35 36.81 25.69 14.05
CA THR A 35 38.10 25.01 14.04
C THR A 35 38.72 24.90 12.65
N THR A 36 37.87 24.78 11.64
CA THR A 36 38.32 24.51 10.27
C THR A 36 38.37 25.77 9.41
N MET A 37 37.90 26.88 9.96
CA MET A 37 37.91 28.16 9.26
C MET A 37 39.24 28.43 8.56
N GLY A 38 39.17 28.79 7.29
CA GLY A 38 40.35 29.14 6.52
C GLY A 38 41.20 27.94 6.13
N HIS A 39 40.64 26.76 6.26
CA HIS A 39 41.34 25.53 5.90
C HIS A 39 40.49 24.65 4.98
N PRO A 40 41.16 23.89 4.10
CA PRO A 40 40.45 22.96 3.20
C PRO A 40 39.70 21.88 3.98
N LEU A 41 38.49 21.57 3.52
CA LEU A 41 37.74 20.43 4.02
C LEU A 41 37.74 19.29 2.99
N ILE A 42 38.19 18.12 3.41
CA ILE A 42 38.28 16.95 2.53
C ILE A 42 37.25 15.90 2.90
N MET A 43 36.39 15.55 1.96
CA MET A 43 35.32 14.59 2.22
C MET A 43 34.94 13.75 1.00
N GLY A 44 34.45 12.54 1.27
CA GLY A 44 33.96 11.67 0.21
C GLY A 44 32.62 12.11 -0.33
N ARG A 45 32.28 11.60 -1.52
CA ARG A 45 31.06 11.99 -2.21
C ARG A 45 29.84 11.70 -1.33
N LYS A 46 29.80 10.49 -0.77
CA LYS A 46 28.65 10.03 0.01
C LYS A 46 28.46 10.96 1.19
N ASN A 47 29.57 11.29 1.83
CA ASN A 47 29.60 12.22 2.94
C ASN A 47 29.08 13.58 2.55
N TYR A 48 29.68 14.10 1.49
CA TYR A 48 29.31 15.40 0.97
C TYR A 48 27.79 15.46 0.70
N GLU A 49 27.28 14.48 -0.05
CA GLU A 49 25.85 14.44 -0.41
C GLU A 49 24.93 14.35 0.79
N ALA A 50 25.43 13.72 1.85
CA ALA A 50 24.70 13.57 3.09
C ALA A 50 24.53 14.91 3.78
N ILE A 51 24.98 15.96 3.11
CA ILE A 51 24.82 17.27 3.66
C ILE A 51 23.98 18.15 2.73
N GLY A 52 24.11 17.98 1.43
CA GLY A 52 23.17 18.69 0.61
C GLY A 52 23.80 19.98 0.15
N ARG A 53 24.75 20.49 0.94
CA ARG A 53 25.35 21.78 0.62
C ARG A 53 26.81 21.86 1.05
N PRO A 54 27.47 22.96 0.68
CA PRO A 54 28.86 23.19 1.05
C PRO A 54 28.95 24.27 2.12
N LEU A 55 29.95 24.16 3.00
CA LEU A 55 30.15 25.14 4.05
C LEU A 55 30.89 26.36 3.52
N PRO A 56 30.29 27.53 3.70
CA PRO A 56 30.91 28.79 3.26
C PRO A 56 32.23 29.01 3.98
N GLY A 57 33.05 29.92 3.48
CA GLY A 57 34.33 30.20 4.13
C GLY A 57 35.30 29.02 4.19
N ARG A 58 35.04 27.98 3.41
CA ARG A 58 35.90 26.80 3.44
C ARG A 58 36.10 26.22 2.05
N ARG A 59 37.34 25.84 1.77
CA ARG A 59 37.64 25.12 0.54
C ARG A 59 37.11 23.70 0.59
N ASN A 60 36.02 23.46 -0.13
CA ASN A 60 35.43 22.15 -0.17
C ASN A 60 36.01 21.32 -1.30
N ILE A 61 36.58 20.18 -0.95
CA ILE A 61 37.20 19.29 -1.92
C ILE A 61 36.55 17.92 -1.83
N ILE A 62 35.89 17.50 -2.89
CA ILE A 62 35.18 16.23 -2.88
C ILE A 62 36.06 15.17 -3.50
N VAL A 63 36.22 14.06 -2.79
CA VAL A 63 37.05 12.98 -3.25
C VAL A 63 36.17 11.88 -3.83
N THR A 64 36.26 11.68 -5.14
CA THR A 64 35.59 10.53 -5.74
C THR A 64 36.44 9.99 -6.88
N ARG A 65 36.32 8.69 -7.12
CA ARG A 65 36.97 8.06 -8.24
C ARG A 65 36.31 8.45 -9.57
N ASN A 66 35.09 8.98 -9.50
CA ASN A 66 34.32 9.37 -10.68
C ASN A 66 34.93 10.58 -11.38
N GLU A 67 35.48 10.37 -12.58
CA GLU A 67 36.18 11.43 -13.29
C GLU A 67 35.20 12.47 -13.84
N GLY A 68 33.92 12.12 -13.89
CA GLY A 68 32.91 13.02 -14.40
C GLY A 68 32.16 13.77 -13.31
N TYR A 69 32.41 13.40 -12.06
CA TYR A 69 31.76 14.04 -10.92
C TYR A 69 32.19 15.50 -10.82
N HIS A 70 31.21 16.39 -10.86
CA HIS A 70 31.42 17.81 -10.58
C HIS A 70 30.30 18.39 -9.71
N VAL A 71 30.67 19.31 -8.83
CA VAL A 71 29.68 20.14 -8.17
C VAL A 71 30.09 21.61 -8.14
N GLU A 72 29.12 22.49 -8.38
CA GLU A 72 29.41 23.92 -8.38
C GLU A 72 29.81 24.37 -6.97
N GLY A 73 30.84 25.21 -6.90
CA GLY A 73 31.29 25.70 -5.61
C GLY A 73 32.17 24.72 -4.87
N CYS A 74 32.56 23.65 -5.56
CA CYS A 74 33.44 22.66 -4.96
C CYS A 74 34.54 22.23 -5.91
N GLU A 75 35.65 21.77 -5.36
CA GLU A 75 36.69 21.13 -6.16
C GLU A 75 36.54 19.63 -6.01
N VAL A 76 36.90 18.88 -7.05
CA VAL A 76 36.87 17.42 -6.99
C VAL A 76 38.26 16.81 -7.22
N ALA A 77 38.62 15.83 -6.40
CA ALA A 77 39.93 15.19 -6.49
C ALA A 77 39.67 13.69 -6.49
N HIS A 78 40.52 12.96 -7.19
CA HIS A 78 40.27 11.54 -7.47
C HIS A 78 41.26 10.56 -6.84
N SER A 79 42.19 11.07 -6.04
CA SER A 79 43.18 10.23 -5.39
C SER A 79 43.77 11.03 -4.24
N VAL A 80 44.47 10.35 -3.34
CA VAL A 80 45.21 11.03 -2.29
C VAL A 80 46.23 11.99 -2.87
N GLU A 81 46.95 11.53 -3.88
CA GLU A 81 48.02 12.32 -4.47
C GLU A 81 47.47 13.61 -5.07
N GLU A 82 46.28 13.55 -5.63
CA GLU A 82 45.69 14.73 -6.25
C GLU A 82 45.25 15.77 -5.22
N VAL A 83 44.81 15.30 -4.06
CA VAL A 83 44.47 16.18 -2.95
C VAL A 83 45.69 16.92 -2.40
N PHE A 84 46.78 16.19 -2.14
CA PHE A 84 48.02 16.82 -1.66
C PHE A 84 48.61 17.86 -2.60
N GLU A 85 48.53 17.61 -3.90
CA GLU A 85 48.99 18.57 -4.89
C GLU A 85 48.13 19.83 -4.91
N LEU A 86 46.82 19.61 -4.91
CA LEU A 86 45.83 20.66 -4.84
C LEU A 86 46.01 21.53 -3.58
N CYS A 87 46.35 20.89 -2.46
CA CYS A 87 46.48 21.60 -1.18
C CYS A 87 47.94 21.93 -0.86
N LYS A 88 48.78 21.92 -1.89
CA LYS A 88 50.23 22.04 -1.73
C LYS A 88 50.74 23.17 -0.84
N ASN A 89 50.05 24.31 -0.84
CA ASN A 89 50.51 25.46 -0.05
C ASN A 89 49.81 25.65 1.28
N GLU A 90 48.90 24.73 1.61
CA GLU A 90 48.08 24.84 2.81
C GLU A 90 48.82 24.41 4.08
N GLU A 91 48.59 25.15 5.16
CA GLU A 91 49.21 24.82 6.43
C GLU A 91 48.53 23.61 7.07
N GLU A 92 47.20 23.55 6.96
CA GLU A 92 46.43 22.45 7.54
C GLU A 92 45.20 22.12 6.70
N ILE A 93 44.98 20.83 6.44
CA ILE A 93 43.75 20.38 5.79
C ILE A 93 42.96 19.47 6.72
N PHE A 94 41.64 19.48 6.58
CA PHE A 94 40.77 18.67 7.42
C PHE A 94 40.05 17.55 6.68
N ILE A 95 40.42 16.31 6.99
CA ILE A 95 39.74 15.16 6.44
C ILE A 95 38.43 15.05 7.19
N PHE A 96 37.33 15.18 6.44
CA PHE A 96 36.03 15.45 7.03
C PHE A 96 35.16 14.21 7.01
N GLY A 97 35.70 13.10 6.49
CA GLY A 97 35.08 11.81 6.64
C GLY A 97 34.43 11.08 5.48
N GLY A 98 33.71 10.01 5.84
CA GLY A 98 33.73 8.76 5.10
C GLY A 98 34.78 7.91 5.77
N ALA A 99 34.37 6.77 6.32
CA ALA A 99 35.31 5.78 6.85
C ALA A 99 36.45 5.50 5.87
N GLN A 100 36.09 5.28 4.61
CA GLN A 100 37.07 4.91 3.57
C GLN A 100 38.03 6.06 3.31
N ILE A 101 37.52 7.27 3.41
CA ILE A 101 38.31 8.47 3.23
C ILE A 101 39.33 8.63 4.35
N TYR A 102 38.90 8.37 5.58
CA TYR A 102 39.81 8.32 6.72
C TYR A 102 40.91 7.31 6.45
N ASP A 103 40.51 6.13 5.97
CA ASP A 103 41.45 5.05 5.69
C ASP A 103 42.50 5.50 4.67
N LEU A 104 42.06 6.22 3.65
CA LEU A 104 42.98 6.70 2.61
C LEU A 104 44.09 7.58 3.18
N PHE A 105 43.81 8.26 4.29
CA PHE A 105 44.72 9.29 4.78
C PHE A 105 45.45 8.86 6.05
N LEU A 106 45.15 7.65 6.51
CA LEU A 106 45.77 7.12 7.73
C LEU A 106 47.29 7.17 7.76
N PRO A 107 47.95 6.81 6.64
CA PRO A 107 49.42 6.77 6.66
C PRO A 107 50.04 8.16 6.76
N TYR A 108 49.20 9.19 6.67
CA TYR A 108 49.68 10.57 6.64
C TYR A 108 49.21 11.45 7.80
N VAL A 109 48.30 10.95 8.63
CA VAL A 109 47.66 11.83 9.61
C VAL A 109 48.66 12.32 10.67
N ASP A 110 48.56 13.60 11.01
CA ASP A 110 49.43 14.27 11.99
C ASP A 110 48.68 14.75 13.25
N LYS A 111 47.34 14.83 13.14
CA LYS A 111 46.46 15.48 14.12
C LYS A 111 45.07 14.89 14.16
N LEU A 112 44.57 14.63 15.36
CA LEU A 112 43.22 14.10 15.46
C LEU A 112 42.32 15.06 16.22
N TYR A 113 41.26 15.52 15.57
CA TYR A 113 40.21 16.26 16.24
C TYR A 113 39.00 15.35 16.40
N ILE A 114 38.77 14.84 17.60
CA ILE A 114 37.74 13.82 17.78
C ILE A 114 36.66 14.29 18.75
N THR A 115 35.42 14.39 18.27
CA THR A 115 34.32 14.64 19.20
C THR A 115 33.73 13.30 19.62
N LYS A 116 33.69 13.07 20.93
CA LYS A 116 33.16 11.83 21.48
C LYS A 116 31.82 12.03 22.18
N ILE A 117 30.78 11.42 21.63
CA ILE A 117 29.43 11.59 22.13
C ILE A 117 29.09 10.45 23.09
N HIS A 118 28.67 10.82 24.30
CA HIS A 118 28.48 9.82 25.35
C HIS A 118 27.13 9.13 25.24
N HIS A 119 26.97 8.29 24.21
CA HIS A 119 25.69 7.66 23.92
C HIS A 119 25.88 6.56 22.87
N ALA A 120 24.96 5.60 22.85
CA ALA A 120 25.01 4.57 21.81
C ALA A 120 23.82 4.76 20.87
N PHE A 121 24.13 5.09 19.64
CA PHE A 121 23.13 5.24 18.59
C PHE A 121 23.06 3.99 17.73
N GLU A 122 22.08 3.96 16.83
CA GLU A 122 22.05 2.97 15.77
C GLU A 122 22.93 3.47 14.63
N GLY A 123 23.88 2.65 14.19
CA GLY A 123 24.82 3.11 13.18
C GLY A 123 25.14 2.01 12.19
N ASP A 124 25.66 2.40 11.02
CA ASP A 124 26.05 1.46 9.99
C ASP A 124 27.43 1.75 9.40
N THR A 125 28.06 2.80 9.91
CA THR A 125 29.41 3.19 9.47
C THR A 125 30.20 3.76 10.65
N PHE A 126 31.51 3.53 10.66
CA PHE A 126 32.30 3.72 11.88
C PHE A 126 33.65 4.41 11.64
N PHE A 127 34.08 5.18 12.63
CA PHE A 127 35.45 5.68 12.63
C PHE A 127 36.37 4.50 12.83
N PRO A 128 37.26 4.27 11.86
CA PRO A 128 38.20 3.14 11.89
C PRO A 128 38.98 3.12 13.20
N GLU A 129 39.23 1.91 13.71
CA GLU A 129 40.12 1.75 14.84
C GLU A 129 41.45 2.44 14.64
N MET A 130 42.01 2.95 15.73
CA MET A 130 43.33 3.56 15.71
C MET A 130 44.07 3.24 17.00
N ASP A 131 45.32 2.82 16.87
CA ASP A 131 46.18 2.61 18.02
C ASP A 131 46.55 3.95 18.67
N MET A 132 45.95 4.23 19.83
CA MET A 132 46.15 5.52 20.49
C MET A 132 47.41 5.60 21.34
N THR A 133 48.17 4.52 21.40
CA THR A 133 49.44 4.59 22.11
C THR A 133 50.42 5.46 21.34
N ASN A 134 50.17 5.64 20.05
CA ASN A 134 50.97 6.55 19.22
C ASN A 134 50.53 8.00 19.35
N TRP A 135 49.46 8.24 20.11
CA TRP A 135 48.89 9.58 20.23
C TRP A 135 48.86 10.13 21.64
N LYS A 136 48.85 11.45 21.74
CA LYS A 136 48.86 12.15 23.02
C LYS A 136 47.83 13.28 22.97
N GLU A 137 46.95 13.32 23.96
CA GLU A 137 45.96 14.38 24.04
C GLU A 137 46.63 15.70 24.38
N VAL A 138 46.23 16.76 23.68
CA VAL A 138 46.79 18.09 23.95
C VAL A 138 45.71 19.07 24.37
N PHE A 139 44.45 18.68 24.19
CA PHE A 139 43.32 19.50 24.57
C PHE A 139 42.03 18.70 24.72
N VAL A 140 41.25 19.03 25.74
CA VAL A 140 39.92 18.47 25.90
C VAL A 140 38.96 19.55 26.42
N GLU A 141 37.69 19.45 26.04
CA GLU A 141 36.67 20.37 26.54
C GLU A 141 35.28 19.75 26.40
N LYS A 142 34.52 19.72 27.51
CA LYS A 142 33.14 19.25 27.47
C LYS A 142 32.27 20.18 26.64
N GLY A 143 31.53 19.59 25.70
CA GLY A 143 30.65 20.36 24.83
C GLY A 143 29.44 20.90 25.58
N LEU A 144 28.73 21.84 24.95
CA LEU A 144 27.54 22.43 25.53
C LEU A 144 26.36 21.48 25.42
N THR A 145 25.84 21.01 26.55
CA THR A 145 24.64 20.18 26.54
C THR A 145 23.44 20.98 27.07
N ASP A 146 22.38 21.04 26.29
CA ASP A 146 21.18 21.79 26.66
C ASP A 146 19.98 21.37 25.81
N GLU A 147 19.00 22.27 25.67
CA GLU A 147 17.77 21.92 24.96
C GLU A 147 18.02 21.55 23.49
N LYS A 148 18.96 22.24 22.86
CA LYS A 148 19.24 22.00 21.45
C LYS A 148 20.30 20.94 21.22
N ASN A 149 21.08 20.64 22.25
CA ASN A 149 22.16 19.66 22.16
C ASN A 149 21.99 18.67 23.30
N PRO A 150 21.11 17.69 23.10
CA PRO A 150 20.59 16.88 24.21
C PRO A 150 21.67 16.02 24.89
N TYR A 151 22.61 15.54 24.08
CA TYR A 151 23.57 14.54 24.54
C TYR A 151 24.79 15.15 25.22
N THR A 152 25.53 14.32 25.95
CA THR A 152 26.77 14.74 26.59
C THR A 152 27.93 14.38 25.66
N TYR A 153 28.81 15.34 25.41
CA TYR A 153 29.92 15.09 24.50
C TYR A 153 31.13 15.97 24.81
N TYR A 154 32.29 15.53 24.32
CA TYR A 154 33.56 16.16 24.63
C TYR A 154 34.39 16.34 23.36
N TYR A 155 34.95 17.53 23.18
CA TYR A 155 35.91 17.78 22.10
C TYR A 155 37.30 17.30 22.55
N HIS A 156 37.92 16.43 21.75
CA HIS A 156 39.29 15.97 22.01
C HIS A 156 40.22 16.24 20.84
N VAL A 157 41.46 16.58 21.16
CA VAL A 157 42.48 16.79 20.13
C VAL A 157 43.77 16.06 20.47
N TYR A 158 44.31 15.32 19.51
CA TYR A 158 45.48 14.50 19.77
C TYR A 158 46.56 14.83 18.76
N GLU A 159 47.81 14.79 19.24
CA GLU A 159 48.96 14.88 18.36
C GLU A 159 49.82 13.63 18.47
N LYS A 160 50.78 13.47 17.56
CA LYS A 160 51.61 12.27 17.57
C LYS A 160 52.50 12.20 18.81
N GLN A 161 52.47 11.05 19.48
CA GLN A 161 53.26 10.84 20.67
C GLN A 161 54.68 10.68 20.15
N GLN A 162 55.59 11.53 20.61
CA GLN A 162 56.96 11.37 20.21
C GLN A 162 57.56 10.23 21.03
N LEU A 163 58.36 9.39 20.38
CA LEU A 163 59.04 8.33 21.09
C LEU A 163 60.41 8.78 21.56
N VAL A 164 60.75 8.43 22.79
CA VAL A 164 62.07 8.67 23.33
C VAL A 164 63.00 7.50 22.99
N PRO A 165 64.09 7.78 22.26
CA PRO A 165 65.04 6.77 21.79
C PRO A 165 65.68 5.93 22.90
N ARG A 166 66.04 4.70 22.56
CA ARG A 166 66.62 3.75 23.51
C ARG A 166 68.04 4.12 23.90
N MET B 1 -45.36 9.09 18.76
CA MET B 1 -44.19 9.70 18.14
C MET B 1 -42.88 9.28 18.80
N ILE B 2 -41.98 8.69 18.01
CA ILE B 2 -40.66 8.32 18.49
C ILE B 2 -39.71 9.51 18.33
N VAL B 3 -39.22 10.07 19.43
CA VAL B 3 -38.22 11.13 19.35
C VAL B 3 -36.83 10.51 19.31
N SER B 4 -36.12 10.75 18.20
CA SER B 4 -34.79 10.18 18.01
C SER B 4 -33.68 11.21 17.95
N PHE B 5 -32.56 10.94 18.64
CA PHE B 5 -31.35 11.72 18.44
C PHE B 5 -30.51 11.11 17.33
N MET B 6 -30.05 11.93 16.39
CA MET B 6 -29.05 11.52 15.42
C MET B 6 -27.76 12.26 15.76
N VAL B 7 -26.69 11.52 16.07
CA VAL B 7 -25.47 12.17 16.56
C VAL B 7 -24.21 11.56 15.97
N ALA B 8 -23.24 12.41 15.64
CA ALA B 8 -21.89 11.97 15.32
C ALA B 8 -20.90 12.70 16.20
N MET B 9 -20.13 11.94 16.97
CA MET B 9 -19.18 12.53 17.91
C MET B 9 -17.88 11.75 17.96
N ASP B 10 -16.85 12.37 18.52
CA ASP B 10 -15.55 11.72 18.65
C ASP B 10 -15.36 11.10 20.03
N GLU B 11 -14.13 10.74 20.35
CA GLU B 11 -13.83 10.04 21.60
C GLU B 11 -14.16 10.93 22.79
N ASN B 12 -14.21 12.24 22.55
CA ASN B 12 -14.47 13.17 23.64
C ASN B 12 -15.81 13.89 23.43
N ARG B 13 -16.68 13.24 22.68
CA ARG B 13 -18.04 13.72 22.46
C ARG B 13 -18.07 15.01 21.66
N VAL B 14 -16.99 15.28 20.94
CA VAL B 14 -16.95 16.41 20.04
C VAL B 14 -17.91 16.22 18.87
N ILE B 15 -18.73 17.24 18.60
CA ILE B 15 -19.68 17.18 17.49
C ILE B 15 -19.49 18.33 16.52
N GLY B 16 -18.57 19.23 16.82
CA GLY B 16 -18.38 20.41 16.01
C GLY B 16 -17.12 21.17 16.38
N LYS B 17 -16.59 21.89 15.41
CA LYS B 17 -15.49 22.82 15.64
C LYS B 17 -15.64 24.00 14.71
N ASP B 18 -15.68 25.20 15.28
CA ASP B 18 -15.82 26.42 14.48
C ASP B 18 -16.99 26.29 13.54
N ASN B 19 -18.12 25.86 14.11
CA ASN B 19 -19.35 25.70 13.37
C ASN B 19 -19.20 24.80 12.15
N ASN B 20 -18.65 23.61 12.37
CA ASN B 20 -18.47 22.63 11.30
C ASN B 20 -17.93 21.32 11.87
N LEU B 21 -17.78 20.32 11.01
CA LEU B 21 -17.26 19.03 11.45
C LEU B 21 -15.75 18.99 11.26
N PRO B 22 -15.03 18.54 12.30
CA PRO B 22 -13.57 18.35 12.25
C PRO B 22 -13.22 17.18 11.34
N TRP B 23 -14.23 16.39 10.98
CA TRP B 23 -14.01 15.25 10.10
C TRP B 23 -14.86 15.36 8.84
N ARG B 24 -14.47 14.63 7.82
CA ARG B 24 -15.22 14.55 6.57
C ARG B 24 -15.44 13.11 6.21
N LEU B 25 -16.66 12.62 6.43
CA LEU B 25 -16.96 11.23 6.17
C LEU B 25 -18.25 11.13 5.36
N PRO B 26 -18.14 11.27 4.03
CA PRO B 26 -19.34 11.20 3.20
C PRO B 26 -20.13 9.92 3.47
N SER B 27 -19.44 8.83 3.76
CA SER B 27 -20.12 7.57 4.03
C SER B 27 -21.00 7.68 5.27
N GLU B 28 -20.46 8.32 6.32
CA GLU B 28 -21.24 8.59 7.53
C GLU B 28 -22.51 9.37 7.21
N LEU B 29 -22.40 10.33 6.30
CA LEU B 29 -23.53 11.15 5.91
C LEU B 29 -24.54 10.39 5.07
N GLN B 30 -24.06 9.41 4.32
CA GLN B 30 -24.93 8.51 3.57
C GLN B 30 -25.76 7.68 4.54
N TYR B 31 -25.13 7.31 5.65
CA TYR B 31 -25.85 6.62 6.72
C TYR B 31 -26.97 7.48 7.31
N VAL B 32 -26.65 8.74 7.61
CA VAL B 32 -27.67 9.71 8.03
C VAL B 32 -28.84 9.79 7.07
N LYS B 33 -28.51 9.90 5.78
CA LYS B 33 -29.49 10.03 4.72
C LYS B 33 -30.42 8.82 4.69
N LYS B 34 -29.82 7.64 4.82
CA LYS B 34 -30.56 6.38 4.77
C LYS B 34 -31.47 6.21 5.98
N THR B 35 -30.91 6.47 7.16
CA THR B 35 -31.62 6.28 8.41
C THR B 35 -32.80 7.25 8.58
N THR B 36 -32.63 8.47 8.08
CA THR B 36 -33.64 9.52 8.25
C THR B 36 -34.60 9.61 7.08
N MET B 37 -34.46 8.72 6.10
CA MET B 37 -35.26 8.81 4.89
C MET B 37 -36.75 8.77 5.20
N GLY B 38 -37.45 9.80 4.71
CA GLY B 38 -38.89 9.90 4.86
C GLY B 38 -39.32 10.38 6.23
N HIS B 39 -38.37 10.80 7.05
CA HIS B 39 -38.69 11.36 8.37
C HIS B 39 -38.19 12.80 8.54
N PRO B 40 -38.83 13.53 9.45
CA PRO B 40 -38.49 14.94 9.69
C PRO B 40 -37.11 15.12 10.35
N LEU B 41 -36.43 16.20 10.00
CA LEU B 41 -35.12 16.51 10.56
C LEU B 41 -35.16 17.79 11.39
N ILE B 42 -34.97 17.65 12.70
CA ILE B 42 -35.02 18.79 13.60
C ILE B 42 -33.62 19.28 13.97
N MET B 43 -33.30 20.50 13.55
CA MET B 43 -31.98 21.07 13.79
C MET B 43 -32.01 22.55 14.13
N GLY B 44 -30.98 22.99 14.83
CA GLY B 44 -30.83 24.39 15.20
C GLY B 44 -30.39 25.18 13.99
N ARG B 45 -30.64 26.48 14.01
CA ARG B 45 -30.27 27.36 12.92
C ARG B 45 -28.79 27.30 12.56
N LYS B 46 -27.95 27.41 13.58
CA LYS B 46 -26.51 27.36 13.42
C LYS B 46 -26.13 26.08 12.68
N ASN B 47 -26.77 25.00 13.11
CA ASN B 47 -26.60 23.68 12.52
C ASN B 47 -27.02 23.57 11.06
N TYR B 48 -28.18 24.11 10.72
CA TYR B 48 -28.64 24.01 9.34
C TYR B 48 -27.69 24.77 8.41
N GLU B 49 -27.26 25.95 8.85
CA GLU B 49 -26.41 26.83 8.06
C GLU B 49 -25.01 26.27 7.87
N ALA B 50 -24.59 25.48 8.85
CA ALA B 50 -23.32 24.76 8.82
C ALA B 50 -23.33 23.73 7.71
N ILE B 51 -24.51 23.16 7.49
CA ILE B 51 -24.71 22.18 6.44
C ILE B 51 -24.66 22.88 5.08
N GLY B 52 -25.12 24.12 4.99
CA GLY B 52 -24.97 24.80 3.72
C GLY B 52 -26.26 24.88 2.95
N ARG B 53 -27.02 23.81 2.98
CA ARG B 53 -28.30 23.75 2.26
C ARG B 53 -29.23 22.72 2.87
N PRO B 54 -30.49 22.75 2.47
CA PRO B 54 -31.48 21.79 2.96
C PRO B 54 -31.30 20.43 2.30
N LEU B 55 -31.61 19.37 3.02
CA LEU B 55 -31.44 18.01 2.52
C LEU B 55 -32.68 17.54 1.76
N PRO B 56 -32.48 17.22 0.48
CA PRO B 56 -33.60 16.81 -0.39
C PRO B 56 -34.16 15.44 -0.07
N GLY B 57 -35.45 15.39 0.23
CA GLY B 57 -36.17 14.14 0.43
C GLY B 57 -36.64 13.94 1.86
N ARG B 58 -36.58 14.98 2.69
CA ARG B 58 -37.20 14.95 4.02
C ARG B 58 -37.70 16.31 4.48
N ARG B 59 -38.69 16.31 5.37
CA ARG B 59 -39.21 17.56 5.95
C ARG B 59 -38.22 18.18 6.93
N ASN B 60 -37.47 19.18 6.48
CA ASN B 60 -36.49 19.84 7.32
C ASN B 60 -37.18 20.82 8.27
N ILE B 61 -36.75 20.83 9.53
CA ILE B 61 -37.33 21.76 10.51
C ILE B 61 -36.27 22.41 11.38
N ILE B 62 -36.24 23.73 11.28
CA ILE B 62 -35.31 24.57 12.02
C ILE B 62 -35.94 25.17 13.27
N VAL B 63 -35.23 25.07 14.39
CA VAL B 63 -35.72 25.58 15.65
C VAL B 63 -34.93 26.85 15.96
N THR B 64 -35.64 27.95 16.19
CA THR B 64 -35.01 29.24 16.46
C THR B 64 -35.99 30.17 17.16
N ARG B 65 -35.50 31.15 17.89
CA ARG B 65 -36.40 32.11 18.54
C ARG B 65 -37.05 33.05 17.52
N ASN B 66 -36.19 33.70 16.76
CA ASN B 66 -36.52 34.53 15.60
C ASN B 66 -37.68 33.99 14.76
N GLU B 67 -38.86 34.59 14.81
CA GLU B 67 -39.95 34.04 14.01
C GLU B 67 -39.89 34.48 12.56
N GLY B 68 -39.14 35.54 12.29
CA GLY B 68 -39.03 36.04 10.95
C GLY B 68 -38.02 35.24 10.16
N TYR B 69 -37.81 33.99 10.57
CA TYR B 69 -36.94 33.13 9.81
C TYR B 69 -37.68 32.33 8.77
N HIS B 70 -37.12 32.33 7.56
CA HIS B 70 -37.66 31.59 6.44
C HIS B 70 -36.50 31.05 5.58
N VAL B 71 -36.70 29.88 4.98
CA VAL B 71 -35.70 29.28 4.10
C VAL B 71 -36.42 28.38 3.12
N GLU B 72 -36.19 28.60 1.83
CA GLU B 72 -36.86 27.76 0.84
C GLU B 72 -36.49 26.30 1.02
N GLY B 73 -37.52 25.48 1.21
CA GLY B 73 -37.36 24.05 1.37
C GLY B 73 -37.30 23.67 2.83
N CYS B 74 -37.56 24.62 3.72
CA CYS B 74 -37.57 24.33 5.14
C CYS B 74 -38.70 25.01 5.91
N GLU B 75 -39.35 24.24 6.75
CA GLU B 75 -40.23 24.77 7.79
C GLU B 75 -39.43 25.32 8.97
N VAL B 76 -40.04 26.22 9.74
CA VAL B 76 -39.37 26.81 10.89
C VAL B 76 -40.23 26.80 12.16
N ALA B 77 -39.62 26.38 13.26
CA ALA B 77 -40.30 26.31 14.55
C ALA B 77 -39.52 27.06 15.63
N HIS B 78 -40.21 27.47 16.68
CA HIS B 78 -39.62 28.36 17.69
C HIS B 78 -39.77 27.86 19.13
N SER B 79 -40.16 26.60 19.30
CA SER B 79 -40.33 26.03 20.64
C SER B 79 -40.57 24.55 20.50
N VAL B 80 -40.48 23.80 21.60
CA VAL B 80 -40.80 22.39 21.57
C VAL B 80 -42.26 22.20 21.22
N GLU B 81 -43.12 22.97 21.88
CA GLU B 81 -44.55 22.99 21.59
C GLU B 81 -44.77 23.09 20.10
N GLU B 82 -44.26 24.18 19.52
CA GLU B 82 -44.36 24.42 18.09
C GLU B 82 -43.91 23.21 17.29
N VAL B 83 -42.77 22.65 17.68
CA VAL B 83 -42.21 21.50 16.99
C VAL B 83 -43.17 20.31 17.02
N PHE B 84 -43.70 20.01 18.20
CA PHE B 84 -44.59 18.86 18.36
C PHE B 84 -45.89 19.03 17.59
N GLU B 85 -46.35 20.28 17.50
CA GLU B 85 -47.53 20.62 16.72
C GLU B 85 -47.30 20.42 15.24
N LEU B 86 -46.12 20.85 14.79
CA LEU B 86 -45.71 20.71 13.41
C LEU B 86 -45.58 19.25 12.97
N CYS B 87 -45.05 18.39 13.84
CA CYS B 87 -44.85 16.98 13.46
C CYS B 87 -45.91 15.99 13.98
N LYS B 88 -47.06 16.49 14.41
CA LYS B 88 -48.09 15.66 15.01
C LYS B 88 -48.42 14.46 14.11
N ASN B 89 -48.16 14.63 12.82
CA ASN B 89 -48.46 13.60 11.83
C ASN B 89 -47.25 12.76 11.44
N GLU B 90 -46.28 12.68 12.34
CA GLU B 90 -45.07 11.89 12.07
C GLU B 90 -44.80 10.77 13.07
N GLU B 91 -44.22 9.67 12.57
CA GLU B 91 -43.93 8.49 13.36
C GLU B 91 -42.57 8.51 14.02
N GLU B 92 -41.67 9.31 13.47
CA GLU B 92 -40.35 9.45 14.06
C GLU B 92 -39.65 10.71 13.58
N ILE B 93 -39.14 11.46 14.54
CA ILE B 93 -38.37 12.67 14.28
C ILE B 93 -36.97 12.53 14.84
N PHE B 94 -36.04 13.20 14.17
CA PHE B 94 -34.63 13.16 14.48
C PHE B 94 -34.10 14.47 15.00
N ILE B 95 -33.63 14.48 16.24
CA ILE B 95 -33.03 15.69 16.75
C ILE B 95 -31.62 15.62 16.20
N PHE B 96 -31.31 16.60 15.36
CA PHE B 96 -30.12 16.54 14.52
C PHE B 96 -29.02 17.41 15.12
N GLY B 97 -29.36 18.03 16.24
CA GLY B 97 -28.37 18.66 17.09
C GLY B 97 -28.10 20.15 17.02
N GLY B 98 -26.88 20.49 17.42
CA GLY B 98 -26.64 21.64 18.25
C GLY B 98 -26.73 21.09 19.66
N ALA B 99 -25.70 21.27 20.46
CA ALA B 99 -25.75 20.84 21.85
C ALA B 99 -27.05 21.30 22.51
N GLN B 100 -27.41 22.55 22.26
CA GLN B 100 -28.55 23.17 22.93
C GLN B 100 -29.86 22.51 22.51
N ILE B 101 -29.96 22.12 21.24
CA ILE B 101 -31.15 21.46 20.73
C ILE B 101 -31.33 20.10 21.38
N TYR B 102 -30.23 19.38 21.60
CA TYR B 102 -30.27 18.10 22.28
C TYR B 102 -30.79 18.28 23.70
N ASP B 103 -30.24 19.28 24.37
CA ASP B 103 -30.63 19.59 25.74
C ASP B 103 -32.13 19.82 25.84
N LEU B 104 -32.69 20.55 24.89
CA LEU B 104 -34.09 20.92 24.90
C LEU B 104 -34.99 19.70 24.83
N PHE B 105 -34.53 18.68 24.12
CA PHE B 105 -35.33 17.50 23.81
C PHE B 105 -34.97 16.26 24.62
N LEU B 106 -34.04 16.40 25.55
CA LEU B 106 -33.59 15.27 26.35
C LEU B 106 -34.74 14.63 27.17
N PRO B 107 -35.64 15.46 27.73
CA PRO B 107 -36.71 14.81 28.50
C PRO B 107 -37.66 13.94 27.68
N TYR B 108 -37.61 14.00 26.35
CA TYR B 108 -38.60 13.30 25.53
C TYR B 108 -37.96 12.24 24.64
N VAL B 109 -36.65 12.11 24.70
CA VAL B 109 -35.93 11.24 23.76
C VAL B 109 -36.25 9.75 24.00
N ASP B 110 -36.49 9.03 22.91
CA ASP B 110 -36.81 7.61 22.98
C ASP B 110 -35.76 6.74 22.29
N LYS B 111 -34.95 7.33 21.43
CA LYS B 111 -34.01 6.55 20.65
C LYS B 111 -32.73 7.32 20.33
N LEU B 112 -31.59 6.63 20.35
CA LEU B 112 -30.31 7.27 20.10
C LEU B 112 -29.59 6.64 18.91
N TYR B 113 -29.33 7.44 17.87
CA TYR B 113 -28.50 6.99 16.76
C TYR B 113 -27.13 7.67 16.88
N ILE B 114 -26.13 6.98 17.42
CA ILE B 114 -24.87 7.65 17.71
C ILE B 114 -23.71 7.08 16.91
N THR B 115 -23.07 7.91 16.10
CA THR B 115 -21.85 7.50 15.41
C THR B 115 -20.64 7.89 16.27
N LYS B 116 -19.86 6.89 16.67
CA LYS B 116 -18.67 7.13 17.47
C LYS B 116 -17.39 7.06 16.65
N ILE B 117 -16.71 8.20 16.52
CA ILE B 117 -15.47 8.26 15.77
C ILE B 117 -14.27 8.06 16.69
N HIS B 118 -13.44 7.06 16.39
CA HIS B 118 -12.31 6.71 17.25
C HIS B 118 -11.09 7.58 16.96
N HIS B 119 -11.17 8.83 17.39
CA HIS B 119 -10.10 9.79 17.20
C HIS B 119 -10.42 11.03 18.03
N ALA B 120 -9.38 11.70 18.52
CA ALA B 120 -9.58 12.95 19.26
C ALA B 120 -9.30 14.15 18.39
N PHE B 121 -10.33 14.93 18.12
CA PHE B 121 -10.20 16.12 17.28
C PHE B 121 -10.14 17.35 18.18
N GLU B 122 -9.76 18.48 17.62
CA GLU B 122 -9.92 19.76 18.31
C GLU B 122 -11.36 20.24 18.18
N GLY B 123 -12.01 20.50 19.31
CA GLY B 123 -13.42 20.84 19.27
C GLY B 123 -13.82 21.92 20.25
N ASP B 124 -15.00 22.49 20.02
CA ASP B 124 -15.49 23.62 20.80
C ASP B 124 -17.00 23.52 21.08
N THR B 125 -17.62 22.43 20.63
CA THR B 125 -19.02 22.13 20.97
C THR B 125 -19.19 20.63 21.16
N PHE B 126 -20.05 20.25 22.11
CA PHE B 126 -20.08 18.87 22.60
C PHE B 126 -21.45 18.24 22.75
N PHE B 127 -21.53 16.95 22.47
CA PHE B 127 -22.74 16.18 22.75
C PHE B 127 -22.87 16.02 24.26
N PRO B 128 -23.97 16.50 24.82
CA PRO B 128 -24.20 16.42 26.28
C PRO B 128 -24.00 15.01 26.82
N GLU B 129 -23.53 14.91 28.06
CA GLU B 129 -23.33 13.60 28.69
C GLU B 129 -24.70 12.99 28.97
N MET B 130 -24.80 11.68 28.87
CA MET B 130 -26.06 11.00 29.12
C MET B 130 -25.91 9.80 30.05
N ASP B 131 -26.87 9.67 30.96
CA ASP B 131 -26.93 8.49 31.82
C ASP B 131 -27.35 7.29 30.99
N MET B 132 -26.35 6.54 30.55
CA MET B 132 -26.59 5.43 29.65
C MET B 132 -27.06 4.18 30.38
N THR B 133 -27.23 4.30 31.70
CA THR B 133 -27.67 3.15 32.48
C THR B 133 -29.10 2.76 32.18
N ASN B 134 -29.83 3.66 31.54
CA ASN B 134 -31.19 3.33 31.11
C ASN B 134 -31.32 3.17 29.59
N TRP B 135 -30.18 3.05 28.91
CA TRP B 135 -30.20 2.83 27.47
C TRP B 135 -29.62 1.47 27.08
N LYS B 136 -30.26 0.87 26.08
CA LYS B 136 -29.89 -0.45 25.60
C LYS B 136 -29.46 -0.41 24.14
N GLU B 137 -28.23 -0.80 23.88
CA GLU B 137 -27.75 -0.93 22.51
C GLU B 137 -28.48 -2.06 21.80
N VAL B 138 -29.14 -1.76 20.69
CA VAL B 138 -29.87 -2.77 19.94
C VAL B 138 -29.19 -3.07 18.61
N PHE B 139 -28.25 -2.22 18.22
CA PHE B 139 -27.54 -2.41 16.96
C PHE B 139 -26.21 -1.66 16.92
N VAL B 140 -25.18 -2.31 16.38
CA VAL B 140 -23.89 -1.67 16.12
C VAL B 140 -23.34 -2.13 14.77
N GLU B 141 -22.73 -1.22 14.02
CA GLU B 141 -22.04 -1.57 12.77
C GLU B 141 -20.79 -0.73 12.49
N LYS B 142 -19.71 -1.38 12.06
CA LYS B 142 -18.48 -0.66 11.73
C LYS B 142 -18.65 0.09 10.41
N GLY B 143 -18.31 1.37 10.41
CA GLY B 143 -18.43 2.18 9.21
C GLY B 143 -17.36 1.91 8.17
N LEU B 144 -17.62 2.35 6.94
CA LEU B 144 -16.67 2.20 5.85
C LEU B 144 -15.48 3.12 6.03
N THR B 145 -14.30 2.53 6.26
CA THR B 145 -13.08 3.30 6.34
C THR B 145 -12.23 3.06 5.10
N ASP B 146 -11.91 4.13 4.38
CA ASP B 146 -11.17 4.03 3.12
C ASP B 146 -10.59 5.39 2.74
N GLU B 147 -10.17 5.54 1.49
CA GLU B 147 -9.48 6.75 1.05
C GLU B 147 -10.28 8.01 1.33
N LYS B 148 -11.60 7.95 1.12
CA LYS B 148 -12.44 9.12 1.24
C LYS B 148 -13.00 9.26 2.65
N ASN B 149 -12.95 8.18 3.40
CA ASN B 149 -13.36 8.20 4.80
C ASN B 149 -12.23 7.70 5.68
N PRO B 150 -11.26 8.58 6.00
CA PRO B 150 -10.01 8.08 6.59
C PRO B 150 -10.12 7.52 8.00
N TYR B 151 -10.95 8.11 8.86
CA TYR B 151 -11.01 7.69 10.26
C TYR B 151 -11.85 6.44 10.53
N THR B 152 -11.54 5.74 11.61
CA THR B 152 -12.33 4.61 12.09
C THR B 152 -13.50 5.05 12.96
N TYR B 153 -14.70 4.56 12.63
CA TYR B 153 -15.91 4.94 13.36
C TYR B 153 -16.97 3.83 13.36
N TYR B 154 -17.92 3.94 14.29
CA TYR B 154 -18.94 2.91 14.50
C TYR B 154 -20.33 3.50 14.69
N TYR B 155 -21.31 2.95 13.98
CA TYR B 155 -22.72 3.30 14.18
C TYR B 155 -23.31 2.54 15.35
N HIS B 156 -23.94 3.26 16.29
CA HIS B 156 -24.65 2.63 17.40
C HIS B 156 -26.10 3.12 17.48
N VAL B 157 -27.01 2.19 17.77
CA VAL B 157 -28.40 2.55 18.04
C VAL B 157 -28.83 2.07 19.43
N TYR B 158 -29.44 2.98 20.19
CA TYR B 158 -29.85 2.69 21.57
C TYR B 158 -31.34 2.93 21.75
N GLU B 159 -31.94 2.07 22.56
CA GLU B 159 -33.33 2.24 22.96
C GLU B 159 -33.41 2.23 24.48
N LYS B 160 -34.47 2.79 25.05
CA LYS B 160 -34.61 2.82 26.49
C LYS B 160 -34.72 1.44 27.11
N GLN B 161 -33.96 1.23 28.16
CA GLN B 161 -34.12 0.05 28.97
C GLN B 161 -35.54 0.19 29.50
N GLN B 162 -36.31 -0.88 29.36
CA GLN B 162 -37.56 -1.04 30.07
C GLN B 162 -37.29 -1.47 31.50
N LEU B 163 -37.76 -0.69 32.47
CA LEU B 163 -37.50 -1.08 33.83
C LEU B 163 -38.31 -2.24 34.32
N VAL B 164 -37.65 -3.11 35.09
CA VAL B 164 -38.30 -4.26 35.69
C VAL B 164 -38.71 -3.87 37.10
N PRO B 165 -40.00 -3.98 37.40
CA PRO B 165 -40.49 -3.46 38.69
C PRO B 165 -39.74 -4.16 39.84
N ARG B 166 -39.55 -3.44 40.95
CA ARG B 166 -38.88 -4.03 42.16
C ARG B 166 -39.85 -4.62 43.15
N MET C 1 13.69 25.62 21.59
CA MET C 1 12.37 25.21 22.04
C MET C 1 12.03 25.95 23.32
N ILE C 2 10.76 26.31 23.47
CA ILE C 2 10.31 26.98 24.69
C ILE C 2 9.96 25.95 25.74
N VAL C 3 10.68 25.97 26.85
CA VAL C 3 10.35 25.12 27.99
C VAL C 3 9.43 25.85 28.98
N SER C 4 8.18 25.43 29.02
CA SER C 4 7.16 26.09 29.84
C SER C 4 6.71 25.19 30.98
N PHE C 5 6.72 25.74 32.20
CA PHE C 5 6.11 25.08 33.33
C PHE C 5 4.60 25.33 33.34
N MET C 6 3.83 24.28 33.58
CA MET C 6 2.39 24.41 33.74
C MET C 6 2.06 23.86 35.12
N VAL C 7 1.49 24.69 35.98
CA VAL C 7 1.24 24.31 37.37
C VAL C 7 0.03 25.02 37.98
N ALA C 8 -0.68 24.31 38.86
CA ALA C 8 -1.73 24.93 39.65
C ALA C 8 -1.40 24.75 41.12
N MET C 9 -1.30 25.86 41.85
CA MET C 9 -0.87 25.81 43.24
C MET C 9 -1.62 26.75 44.16
N ASP C 10 -1.57 26.46 45.46
CA ASP C 10 -2.25 27.26 46.47
C ASP C 10 -1.34 28.31 47.10
N GLU C 11 -1.86 29.01 48.12
CA GLU C 11 -1.13 30.10 48.75
C GLU C 11 0.24 29.66 49.28
N ASN C 12 0.39 28.38 49.63
CA ASN C 12 1.66 27.87 50.13
C ASN C 12 2.42 27.02 49.10
N ARG C 13 2.08 27.19 47.82
CA ARG C 13 2.72 26.43 46.76
C ARG C 13 2.39 24.93 46.80
N VAL C 14 1.36 24.54 47.54
CA VAL C 14 0.91 23.15 47.49
C VAL C 14 0.45 22.84 46.07
N ILE C 15 0.95 21.73 45.52
CA ILE C 15 0.52 21.26 44.21
C ILE C 15 -0.06 19.86 44.22
N GLY C 16 -0.05 19.23 45.39
CA GLY C 16 -0.57 17.89 45.49
C GLY C 16 -0.66 17.37 46.91
N LYS C 17 -1.52 16.37 47.10
CA LYS C 17 -1.69 15.69 48.38
C LYS C 17 -1.97 14.22 48.13
N ASP C 18 -1.09 13.36 48.62
CA ASP C 18 -1.16 11.93 48.35
C ASP C 18 -1.24 11.70 46.84
N ASN C 19 -0.46 12.48 46.09
CA ASN C 19 -0.44 12.34 44.64
C ASN C 19 -1.70 12.83 43.94
N ASN C 20 -2.61 13.46 44.68
CA ASN C 20 -3.80 13.95 44.01
C ASN C 20 -3.92 15.45 44.12
N LEU C 21 -4.93 16.03 43.46
CA LEU C 21 -5.19 17.43 43.67
C LEU C 21 -6.11 17.51 44.87
N PRO C 22 -5.76 18.37 45.81
CA PRO C 22 -6.67 18.63 46.94
C PRO C 22 -7.92 19.39 46.54
N TRP C 23 -7.94 19.92 45.32
CA TRP C 23 -9.11 20.66 44.86
C TRP C 23 -9.65 20.02 43.59
N ARG C 24 -10.93 20.26 43.30
CA ARG C 24 -11.54 19.81 42.05
C ARG C 24 -12.02 21.02 41.25
N LEU C 25 -11.27 21.40 40.22
CA LEU C 25 -11.57 22.60 39.43
C LEU C 25 -11.58 22.34 37.92
N PRO C 26 -12.64 21.73 37.39
CA PRO C 26 -12.74 21.38 35.98
C PRO C 26 -12.47 22.55 35.03
N SER C 27 -12.84 23.76 35.45
CA SER C 27 -12.58 24.93 34.61
C SER C 27 -11.08 25.13 34.48
N GLU C 28 -10.39 25.02 35.61
CA GLU C 28 -8.94 25.12 35.65
C GLU C 28 -8.29 24.15 34.67
N LEU C 29 -8.81 22.92 34.62
CA LEU C 29 -8.27 21.92 33.72
C LEU C 29 -8.56 22.19 32.25
N GLN C 30 -9.71 22.82 31.99
CA GLN C 30 -10.03 23.24 30.63
C GLN C 30 -9.06 24.30 30.13
N TYR C 31 -8.68 25.22 31.01
CA TYR C 31 -7.60 26.15 30.70
C TYR C 31 -6.32 25.40 30.32
N VAL C 32 -5.95 24.42 31.13
CA VAL C 32 -4.78 23.59 30.84
C VAL C 32 -4.90 22.92 29.48
N LYS C 33 -6.05 22.32 29.22
CA LYS C 33 -6.29 21.61 27.97
C LYS C 33 -6.14 22.56 26.79
N LYS C 34 -6.77 23.72 26.91
CA LYS C 34 -6.79 24.70 25.84
C LYS C 34 -5.40 25.30 25.60
N THR C 35 -4.71 25.62 26.69
CA THR C 35 -3.40 26.28 26.63
C THR C 35 -2.30 25.39 26.05
N THR C 36 -2.38 24.10 26.34
CA THR C 36 -1.34 23.16 25.91
C THR C 36 -1.68 22.48 24.59
N MET C 37 -2.73 22.96 23.94
CA MET C 37 -3.17 22.38 22.68
C MET C 37 -2.05 22.44 21.65
N GLY C 38 -1.78 21.32 20.99
CA GLY C 38 -0.76 21.29 19.96
C GLY C 38 0.65 21.22 20.52
N HIS C 39 0.76 20.92 21.81
CA HIS C 39 2.06 20.81 22.45
C HIS C 39 2.17 19.60 23.38
N PRO C 40 3.37 19.00 23.44
CA PRO C 40 3.73 17.88 24.30
C PRO C 40 3.55 18.20 25.77
N LEU C 41 3.21 17.18 26.55
CA LEU C 41 3.08 17.34 27.99
C LEU C 41 4.13 16.44 28.58
N ILE C 42 5.01 17.02 29.41
CA ILE C 42 6.06 16.26 30.04
C ILE C 42 5.71 16.10 31.51
N MET C 43 5.67 14.85 31.96
CA MET C 43 5.30 14.58 33.34
C MET C 43 5.97 13.35 33.93
N GLY C 44 6.05 13.34 35.26
CA GLY C 44 6.65 12.23 36.01
C GLY C 44 5.67 11.07 36.01
N ARG C 45 6.17 9.87 36.27
CA ARG C 45 5.30 8.70 36.35
C ARG C 45 4.09 8.87 37.27
N LYS C 46 4.34 9.29 38.50
CA LYS C 46 3.28 9.45 39.49
C LYS C 46 2.19 10.42 39.04
N ASN C 47 2.60 11.55 38.48
CA ASN C 47 1.67 12.52 37.90
C ASN C 47 0.78 11.86 36.85
N TYR C 48 1.39 11.12 35.93
CA TYR C 48 0.60 10.42 34.94
C TYR C 48 -0.42 9.46 35.54
N GLU C 49 0.03 8.63 36.48
CA GLU C 49 -0.83 7.60 37.07
C GLU C 49 -2.01 8.19 37.83
N ALA C 50 -1.83 9.35 38.45
CA ALA C 50 -2.92 10.03 39.14
C ALA C 50 -4.05 10.40 38.17
N ILE C 51 -3.67 10.74 36.95
CA ILE C 51 -4.61 11.15 35.90
C ILE C 51 -5.31 9.94 35.26
N GLY C 52 -4.59 8.83 35.17
CA GLY C 52 -5.14 7.56 34.72
C GLY C 52 -5.00 7.23 33.24
N ARG C 53 -4.91 8.24 32.38
CA ARG C 53 -4.77 7.98 30.94
C ARG C 53 -4.17 9.16 30.20
N PRO C 54 -3.75 8.94 28.94
CA PRO C 54 -3.10 10.02 28.19
C PRO C 54 -4.07 11.16 27.90
N LEU C 55 -3.62 12.41 28.01
CA LEU C 55 -4.43 13.54 27.60
C LEU C 55 -4.59 13.50 26.08
N PRO C 56 -5.85 13.47 25.61
CA PRO C 56 -6.20 13.39 24.19
C PRO C 56 -5.56 14.48 23.37
N GLY C 57 -5.13 14.13 22.16
CA GLY C 57 -4.71 15.12 21.18
C GLY C 57 -3.35 15.74 21.43
N ARG C 58 -2.58 15.13 22.32
CA ARG C 58 -1.24 15.60 22.64
C ARG C 58 -0.25 14.47 22.79
N ARG C 59 1.03 14.78 22.65
CA ARG C 59 2.08 13.85 22.99
C ARG C 59 2.15 13.82 24.51
N ASN C 60 1.97 12.63 25.09
CA ASN C 60 2.12 12.47 26.52
C ASN C 60 3.45 11.82 26.76
N ILE C 61 4.38 12.56 27.36
CA ILE C 61 5.69 12.02 27.68
C ILE C 61 5.86 11.80 29.18
N ILE C 62 6.03 10.54 29.56
CA ILE C 62 6.22 10.21 30.97
C ILE C 62 7.70 10.10 31.27
N VAL C 63 8.12 10.74 32.36
CA VAL C 63 9.51 10.78 32.78
C VAL C 63 9.68 9.82 33.95
N THR C 64 10.50 8.79 33.78
CA THR C 64 10.81 7.88 34.86
C THR C 64 12.18 7.23 34.68
N ARG C 65 12.78 6.88 35.81
CA ARG C 65 14.09 6.26 35.84
C ARG C 65 14.04 4.83 35.30
N ASN C 66 12.88 4.18 35.42
CA ASN C 66 12.75 2.78 35.02
C ASN C 66 12.77 2.57 33.51
N GLU C 67 13.67 1.71 33.03
CA GLU C 67 13.88 1.48 31.60
C GLU C 67 12.82 0.59 30.93
N GLY C 68 12.28 -0.36 31.69
CA GLY C 68 11.25 -1.26 31.19
C GLY C 68 9.87 -0.63 31.12
N TYR C 69 9.73 0.50 31.80
CA TYR C 69 8.44 1.19 31.88
C TYR C 69 7.88 1.50 30.50
N HIS C 70 6.61 1.16 30.31
CA HIS C 70 5.87 1.43 29.08
C HIS C 70 4.40 1.71 29.39
N VAL C 71 3.75 2.48 28.52
CA VAL C 71 2.32 2.75 28.64
C VAL C 71 1.70 3.04 27.28
N GLU C 72 0.67 2.27 26.92
CA GLU C 72 -0.06 2.50 25.67
C GLU C 72 -0.46 3.97 25.53
N GLY C 73 -0.30 4.52 24.33
CA GLY C 73 -0.69 5.90 24.09
C GLY C 73 0.28 6.94 24.62
N CYS C 74 1.38 6.50 25.23
CA CYS C 74 2.34 7.44 25.78
C CYS C 74 3.79 7.17 25.37
N GLU C 75 4.58 8.24 25.23
CA GLU C 75 6.02 8.07 25.05
C GLU C 75 6.71 8.20 26.42
N VAL C 76 7.82 7.47 26.59
CA VAL C 76 8.60 7.53 27.82
C VAL C 76 10.03 8.06 27.62
N ALA C 77 10.45 8.96 28.52
CA ALA C 77 11.83 9.42 28.59
C ALA C 77 12.44 9.17 29.98
N HIS C 78 13.73 8.86 30.03
CA HIS C 78 14.41 8.49 31.27
C HIS C 78 15.38 9.56 31.82
N SER C 79 15.41 10.71 31.16
CA SER C 79 16.26 11.81 31.58
C SER C 79 15.83 13.09 30.87
N VAL C 80 16.39 14.21 31.32
CA VAL C 80 16.16 15.48 30.65
C VAL C 80 16.64 15.42 29.20
N GLU C 81 17.81 14.83 29.03
CA GLU C 81 18.43 14.65 27.72
C GLU C 81 17.49 13.92 26.77
N GLU C 82 16.92 12.81 27.24
CA GLU C 82 15.99 12.01 26.46
C GLU C 82 14.76 12.81 26.06
N VAL C 83 14.27 13.63 26.97
CA VAL C 83 13.10 14.45 26.71
C VAL C 83 13.39 15.46 25.61
N PHE C 84 14.56 16.07 25.69
CA PHE C 84 14.97 17.09 24.73
C PHE C 84 15.24 16.56 23.32
N GLU C 85 15.74 15.32 23.22
CA GLU C 85 15.90 14.61 21.96
C GLU C 85 14.50 14.34 21.41
N LEU C 86 13.61 13.79 22.24
CA LEU C 86 12.23 13.51 21.82
C LEU C 86 11.46 14.73 21.30
N CYS C 87 11.73 15.90 21.88
CA CYS C 87 11.00 17.12 21.54
C CYS C 87 11.82 18.08 20.68
N LYS C 88 12.83 17.55 19.98
CA LYS C 88 13.82 18.42 19.36
C LYS C 88 13.23 19.33 18.27
N ASN C 89 12.11 18.91 17.68
CA ASN C 89 11.44 19.71 16.67
C ASN C 89 10.27 20.56 17.18
N GLU C 90 10.03 20.54 18.49
CA GLU C 90 8.90 21.24 19.11
C GLU C 90 9.08 22.74 19.35
N GLU C 91 8.03 23.50 19.05
CA GLU C 91 8.04 24.94 19.28
C GLU C 91 7.99 25.25 20.76
N GLU C 92 7.22 24.45 21.49
CA GLU C 92 7.05 24.66 22.92
C GLU C 92 6.61 23.37 23.58
N ILE C 93 7.20 23.06 24.73
CA ILE C 93 6.80 21.89 25.49
C ILE C 93 6.35 22.30 26.89
N PHE C 94 5.49 21.50 27.51
CA PHE C 94 4.98 21.77 28.85
C PHE C 94 5.38 20.76 29.92
N ILE C 95 6.23 21.22 30.83
CA ILE C 95 6.51 20.45 32.03
C ILE C 95 5.28 20.51 32.94
N PHE C 96 4.71 19.34 33.16
CA PHE C 96 3.39 19.21 33.72
C PHE C 96 3.53 18.75 35.16
N GLY C 97 4.78 18.59 35.59
CA GLY C 97 5.07 18.49 37.00
C GLY C 97 5.16 17.13 37.67
N GLY C 98 4.90 17.15 38.97
CA GLY C 98 5.66 16.38 39.94
C GLY C 98 6.75 17.37 40.35
N ALA C 99 6.81 17.69 41.63
CA ALA C 99 7.83 18.62 42.15
C ALA C 99 9.24 18.34 41.62
N GLN C 100 9.62 17.06 41.63
CA GLN C 100 10.96 16.65 41.25
C GLN C 100 11.21 16.86 39.76
N ILE C 101 10.12 16.83 39.00
CA ILE C 101 10.19 17.06 37.56
C ILE C 101 10.45 18.54 37.26
N TYR C 102 9.78 19.42 38.01
CA TYR C 102 10.06 20.85 37.92
C TYR C 102 11.53 21.15 38.21
N ASP C 103 12.07 20.56 39.27
CA ASP C 103 13.48 20.75 39.64
C ASP C 103 14.37 20.45 38.46
N LEU C 104 14.11 19.31 37.83
CA LEU C 104 14.87 18.86 36.66
C LEU C 104 14.95 19.88 35.52
N PHE C 105 13.85 20.56 35.21
CA PHE C 105 13.80 21.45 34.05
C PHE C 105 14.01 22.91 34.38
N LEU C 106 14.18 23.18 35.67
CA LEU C 106 14.46 24.52 36.16
C LEU C 106 15.61 25.20 35.42
N PRO C 107 16.69 24.47 35.13
CA PRO C 107 17.78 25.16 34.44
C PRO C 107 17.42 25.59 33.02
N TYR C 108 16.31 25.09 32.50
CA TYR C 108 15.98 25.30 31.10
C TYR C 108 14.70 26.11 30.90
N VAL C 109 14.01 26.39 32.00
CA VAL C 109 12.67 26.96 31.90
C VAL C 109 12.68 28.36 31.33
N ASP C 110 11.80 28.57 30.35
CA ASP C 110 11.70 29.84 29.67
C ASP C 110 10.38 30.59 29.93
N LYS C 111 9.38 29.89 30.47
CA LYS C 111 8.04 30.46 30.52
C LYS C 111 7.26 29.74 31.61
N LEU C 112 6.51 30.52 32.39
CA LEU C 112 5.76 29.98 33.51
C LEU C 112 4.27 30.21 33.34
N TYR C 113 3.51 29.13 33.34
CA TYR C 113 2.06 29.19 33.33
C TYR C 113 1.59 28.74 34.70
N ILE C 114 1.21 29.71 35.53
CA ILE C 114 0.96 29.46 36.94
C ILE C 114 -0.47 29.80 37.33
N THR C 115 -1.20 28.79 37.78
CA THR C 115 -2.51 29.02 38.36
C THR C 115 -2.36 29.16 39.86
N LYS C 116 -2.83 30.28 40.39
CA LYS C 116 -2.74 30.54 41.81
C LYS C 116 -4.12 30.44 42.45
N ILE C 117 -4.29 29.47 43.34
CA ILE C 117 -5.56 29.26 44.04
C ILE C 117 -5.57 29.94 45.40
N HIS C 118 -6.46 30.90 45.60
CA HIS C 118 -6.48 31.67 46.83
C HIS C 118 -7.08 30.91 48.02
N HIS C 119 -6.48 29.77 48.33
CA HIS C 119 -6.84 28.97 49.50
C HIS C 119 -5.61 28.28 50.06
N ALA C 120 -5.70 27.85 51.31
CA ALA C 120 -4.64 27.04 51.91
C ALA C 120 -5.15 25.63 52.16
N PHE C 121 -4.64 24.68 51.41
CA PHE C 121 -5.08 23.29 51.51
C PHE C 121 -4.10 22.51 52.38
N GLU C 122 -4.49 21.30 52.76
CA GLU C 122 -3.55 20.34 53.32
C GLU C 122 -2.80 19.66 52.18
N GLY C 123 -1.49 19.86 52.12
CA GLY C 123 -0.69 19.29 51.05
C GLY C 123 0.53 18.54 51.55
N ASP C 124 1.15 17.76 50.65
CA ASP C 124 2.37 17.04 50.98
C ASP C 124 3.47 17.15 49.90
N THR C 125 3.25 18.02 48.94
CA THR C 125 4.21 18.23 47.85
C THR C 125 4.06 19.66 47.32
N PHE C 126 5.16 20.31 46.98
CA PHE C 126 5.11 21.74 46.69
C PHE C 126 5.80 22.16 45.41
N PHE C 127 5.32 23.25 44.81
CA PHE C 127 6.01 23.87 43.70
C PHE C 127 7.23 24.62 44.24
N PRO C 128 8.43 24.23 43.79
CA PRO C 128 9.72 24.77 44.23
C PRO C 128 9.84 26.28 44.09
N GLU C 129 10.64 26.89 44.94
CA GLU C 129 10.81 28.35 44.92
C GLU C 129 11.55 28.81 43.68
N MET C 130 11.19 29.98 43.20
CA MET C 130 11.88 30.62 42.10
C MET C 130 12.00 32.11 42.38
N ASP C 131 13.04 32.74 41.85
CA ASP C 131 13.23 34.17 42.05
C ASP C 131 12.41 34.89 41.00
N MET C 132 11.26 35.39 41.43
CA MET C 132 10.29 35.99 40.52
C MET C 132 10.71 37.37 40.01
N THR C 133 11.81 37.89 40.56
CA THR C 133 12.40 39.13 40.08
C THR C 133 12.93 38.93 38.66
N ASN C 134 13.22 37.68 38.34
CA ASN C 134 13.69 37.30 37.02
C ASN C 134 12.56 37.27 35.99
N TRP C 135 11.33 37.32 36.49
CA TRP C 135 10.16 37.08 35.64
C TRP C 135 9.22 38.29 35.52
N LYS C 136 8.57 38.40 34.36
CA LYS C 136 7.66 39.52 34.11
C LYS C 136 6.31 38.95 33.69
N GLU C 137 5.24 39.43 34.32
CA GLU C 137 3.89 38.95 33.96
C GLU C 137 3.48 39.49 32.60
N VAL C 138 3.08 38.59 31.71
CA VAL C 138 2.62 38.99 30.38
C VAL C 138 1.12 38.76 30.18
N PHE C 139 0.53 37.94 31.03
CA PHE C 139 -0.92 37.67 30.98
C PHE C 139 -1.49 37.26 32.34
N VAL C 140 -2.72 37.67 32.60
CA VAL C 140 -3.43 37.30 33.82
C VAL C 140 -4.93 37.20 33.54
N GLU C 141 -5.59 36.23 34.19
CA GLU C 141 -7.05 36.11 34.08
C GLU C 141 -7.64 35.47 35.35
N LYS C 142 -8.71 36.07 35.87
CA LYS C 142 -9.41 35.51 37.02
C LYS C 142 -10.23 34.30 36.56
N GLY C 143 -10.02 33.17 37.23
CA GLY C 143 -10.68 31.92 36.87
C GLY C 143 -12.16 31.87 37.22
N LEU C 144 -12.85 30.87 36.69
CA LEU C 144 -14.28 30.73 36.91
C LEU C 144 -14.56 30.10 38.27
N THR C 145 -15.22 30.86 39.14
CA THR C 145 -15.61 30.35 40.44
C THR C 145 -17.12 30.15 40.47
N ASP C 146 -17.57 28.91 40.61
CA ASP C 146 -19.00 28.62 40.68
C ASP C 146 -19.24 27.36 41.50
N GLU C 147 -20.37 26.70 41.22
CA GLU C 147 -20.78 25.53 41.99
C GLU C 147 -19.77 24.38 41.96
N LYS C 148 -19.24 24.07 40.78
CA LYS C 148 -18.28 22.97 40.66
C LYS C 148 -16.83 23.44 40.67
N ASN C 149 -16.64 24.76 40.73
CA ASN C 149 -15.32 25.33 40.93
C ASN C 149 -15.34 26.26 42.15
N PRO C 150 -15.34 25.68 43.37
CA PRO C 150 -15.61 26.47 44.58
C PRO C 150 -14.66 27.63 44.83
N TYR C 151 -13.37 27.38 44.70
CA TYR C 151 -12.35 28.33 45.16
C TYR C 151 -12.12 29.49 44.19
N THR C 152 -11.48 30.54 44.69
CA THR C 152 -11.07 31.67 43.88
C THR C 152 -9.63 31.47 43.40
N TYR C 153 -9.41 31.57 42.09
CA TYR C 153 -8.08 31.35 41.51
C TYR C 153 -7.84 32.25 40.28
N TYR C 154 -6.57 32.44 39.94
CA TYR C 154 -6.19 33.29 38.81
C TYR C 154 -5.14 32.64 37.93
N TYR C 155 -5.34 32.72 36.61
CA TYR C 155 -4.32 32.30 35.66
C TYR C 155 -3.29 33.42 35.45
N HIS C 156 -2.01 33.10 35.68
CA HIS C 156 -0.90 34.02 35.45
C HIS C 156 0.10 33.45 34.44
N VAL C 157 0.63 34.31 33.57
CA VAL C 157 1.68 33.92 32.63
C VAL C 157 2.91 34.82 32.72
N TYR C 158 4.08 34.20 32.83
CA TYR C 158 5.33 34.95 32.97
C TYR C 158 6.38 34.58 31.92
N GLU C 159 7.10 35.61 31.47
CA GLU C 159 8.29 35.42 30.65
C GLU C 159 9.51 36.03 31.33
N LYS C 160 10.70 35.75 30.81
CA LYS C 160 11.92 36.27 31.42
C LYS C 160 11.93 37.79 31.43
N GLN C 161 12.33 38.39 32.55
CA GLN C 161 12.43 39.84 32.61
C GLN C 161 13.66 40.25 31.81
N GLN C 162 13.43 41.12 30.84
CA GLN C 162 14.52 41.62 30.02
C GLN C 162 15.17 42.81 30.70
N LEU C 163 16.49 42.74 30.86
CA LEU C 163 17.26 43.83 31.47
C LEU C 163 17.73 44.86 30.45
N VAL C 164 17.78 46.11 30.87
CA VAL C 164 18.25 47.21 30.03
C VAL C 164 19.72 47.43 30.31
N PRO C 165 20.54 47.32 29.26
CA PRO C 165 22.01 47.41 29.26
C PRO C 165 22.51 48.73 29.82
N ARG C 166 23.67 48.68 30.45
CA ARG C 166 24.26 49.88 31.03
C ARG C 166 24.86 50.80 29.97
N MET D 1 -10.20 9.48 -5.07
CA MET D 1 -8.76 9.60 -4.99
C MET D 1 -8.06 8.39 -5.61
N ILE D 2 -7.29 8.62 -6.68
CA ILE D 2 -6.53 7.53 -7.28
C ILE D 2 -5.24 7.28 -6.48
N VAL D 3 -5.08 6.06 -5.98
CA VAL D 3 -3.90 5.69 -5.21
C VAL D 3 -2.93 4.93 -6.11
N SER D 4 -1.79 5.54 -6.39
CA SER D 4 -0.87 5.01 -7.39
C SER D 4 0.48 4.60 -6.80
N PHE D 5 0.93 3.40 -7.15
CA PHE D 5 2.29 2.98 -6.81
C PHE D 5 3.23 3.52 -7.86
N MET D 6 4.33 4.14 -7.43
CA MET D 6 5.38 4.50 -8.37
C MET D 6 6.59 3.68 -7.99
N VAL D 7 7.03 2.82 -8.89
CA VAL D 7 8.08 1.88 -8.58
C VAL D 7 9.04 1.69 -9.75
N ALA D 8 10.31 1.53 -9.44
CA ALA D 8 11.27 1.04 -10.42
C ALA D 8 12.01 -0.13 -9.78
N MET D 9 12.08 -1.26 -10.49
CA MET D 9 12.67 -2.48 -9.97
C MET D 9 13.34 -3.29 -11.06
N ASP D 10 14.21 -4.20 -10.66
CA ASP D 10 14.90 -5.05 -11.61
C ASP D 10 14.12 -6.35 -11.86
N GLU D 11 14.70 -7.29 -12.58
CA GLU D 11 13.94 -8.45 -13.01
C GLU D 11 13.56 -9.37 -11.85
N ASN D 12 14.17 -9.15 -10.70
CA ASN D 12 13.85 -9.90 -9.47
C ASN D 12 13.15 -9.04 -8.43
N ARG D 13 12.67 -7.88 -8.85
CA ARG D 13 11.95 -6.96 -7.98
C ARG D 13 12.82 -6.18 -7.00
N VAL D 14 14.13 -6.18 -7.21
CA VAL D 14 15.01 -5.35 -6.40
C VAL D 14 14.62 -3.89 -6.55
N ILE D 15 14.38 -3.22 -5.43
CA ILE D 15 14.13 -1.79 -5.45
C ILE D 15 15.21 -1.00 -4.71
N GLY D 16 16.16 -1.71 -4.12
CA GLY D 16 17.24 -1.07 -3.39
C GLY D 16 18.38 -1.97 -2.96
N LYS D 17 19.48 -1.34 -2.58
CA LYS D 17 20.62 -2.02 -1.97
C LYS D 17 21.36 -1.03 -1.08
N ASP D 18 21.40 -1.32 0.22
CA ASP D 18 22.07 -0.42 1.16
C ASP D 18 21.45 0.96 1.00
N ASN D 19 20.13 0.99 0.86
CA ASN D 19 19.37 2.24 0.77
C ASN D 19 19.61 3.14 -0.45
N ASN D 20 20.16 2.58 -1.53
CA ASN D 20 20.29 3.34 -2.77
C ASN D 20 19.87 2.51 -3.95
N LEU D 21 19.78 3.13 -5.12
CA LEU D 21 19.41 2.40 -6.32
C LEU D 21 20.67 1.80 -6.90
N PRO D 22 20.66 0.47 -7.12
CA PRO D 22 21.79 -0.20 -7.76
C PRO D 22 22.07 0.32 -9.16
N TRP D 23 21.11 0.99 -9.78
CA TRP D 23 21.30 1.52 -11.13
C TRP D 23 21.24 3.04 -11.16
N ARG D 24 21.74 3.63 -12.24
CA ARG D 24 21.63 5.08 -12.46
C ARG D 24 20.94 5.45 -13.78
N LEU D 25 19.67 5.83 -13.70
CA LEU D 25 18.88 6.12 -14.90
C LEU D 25 18.26 7.52 -14.85
N PRO D 26 19.07 8.55 -15.15
CA PRO D 26 18.60 9.94 -15.08
C PRO D 26 17.29 10.09 -15.85
N SER D 27 17.23 9.50 -17.03
CA SER D 27 16.05 9.60 -17.88
C SER D 27 14.81 9.06 -17.17
N GLU D 28 14.97 7.93 -16.48
CA GLU D 28 13.89 7.33 -15.70
C GLU D 28 13.39 8.29 -14.62
N LEU D 29 14.32 9.00 -13.99
CA LEU D 29 13.97 9.98 -12.97
C LEU D 29 13.28 11.20 -13.57
N GLN D 30 13.68 11.55 -14.78
CA GLN D 30 13.02 12.62 -15.51
C GLN D 30 11.57 12.26 -15.80
N TYR D 31 11.36 10.99 -16.15
CA TYR D 31 10.02 10.43 -16.31
C TYR D 31 9.19 10.50 -15.03
N VAL D 32 9.79 10.12 -13.90
CA VAL D 32 9.15 10.25 -12.59
C VAL D 32 8.62 11.65 -12.35
N LYS D 33 9.46 12.64 -12.60
CA LYS D 33 9.13 14.04 -12.35
C LYS D 33 7.92 14.46 -13.18
N LYS D 34 7.97 14.18 -14.47
CA LYS D 34 6.88 14.50 -15.39
C LYS D 34 5.57 13.85 -14.97
N THR D 35 5.66 12.60 -14.54
CA THR D 35 4.49 11.77 -14.22
C THR D 35 3.83 12.24 -12.92
N THR D 36 4.66 12.67 -11.97
CA THR D 36 4.20 13.03 -10.62
C THR D 36 4.00 14.53 -10.44
N MET D 37 4.14 15.28 -11.53
CA MET D 37 4.01 16.73 -11.49
C MET D 37 2.67 17.11 -10.86
N GLY D 38 2.70 17.83 -9.74
CA GLY D 38 1.49 18.35 -9.14
C GLY D 38 0.73 17.39 -8.24
N HIS D 39 1.31 16.23 -7.94
CA HIS D 39 0.69 15.25 -7.05
C HIS D 39 1.62 14.91 -5.89
N PRO D 40 1.04 14.59 -4.72
CA PRO D 40 1.77 14.20 -3.52
C PRO D 40 2.61 12.95 -3.75
N LEU D 41 3.83 12.96 -3.24
CA LEU D 41 4.66 11.77 -3.17
C LEU D 41 4.62 11.22 -1.76
N ILE D 42 4.19 9.96 -1.61
CA ILE D 42 4.11 9.36 -0.30
C ILE D 42 5.30 8.40 -0.19
N MET D 43 6.15 8.65 0.80
CA MET D 43 7.34 7.83 1.01
C MET D 43 7.67 7.63 2.48
N GLY D 44 8.35 6.54 2.80
CA GLY D 44 8.75 6.25 4.17
C GLY D 44 9.96 7.09 4.54
N ARG D 45 10.22 7.25 5.83
CA ARG D 45 11.33 8.08 6.25
C ARG D 45 12.64 7.68 5.59
N LYS D 46 12.99 6.40 5.68
CA LYS D 46 14.26 5.89 5.14
C LYS D 46 14.39 6.21 3.65
N ASN D 47 13.30 6.05 2.92
CA ASN D 47 13.25 6.37 1.50
C ASN D 47 13.55 7.85 1.27
N TYR D 48 12.94 8.69 2.08
CA TYR D 48 13.18 10.12 1.98
C TYR D 48 14.63 10.49 2.26
N GLU D 49 15.20 9.88 3.29
CA GLU D 49 16.57 10.21 3.70
C GLU D 49 17.61 9.72 2.71
N ALA D 50 17.27 8.70 1.94
CA ALA D 50 18.12 8.23 0.86
C ALA D 50 18.16 9.24 -0.29
N ILE D 51 17.01 9.87 -0.57
CA ILE D 51 16.97 10.94 -1.55
C ILE D 51 17.62 12.21 -1.01
N GLY D 52 17.48 12.44 0.30
CA GLY D 52 18.24 13.48 0.96
C GLY D 52 17.57 14.84 1.00
N ARG D 53 16.63 15.07 0.09
CA ARG D 53 15.91 16.35 0.09
C ARG D 53 14.53 16.30 -0.55
N PRO D 54 13.68 17.29 -0.25
CA PRO D 54 12.34 17.27 -0.83
C PRO D 54 12.44 17.51 -2.31
N LEU D 55 11.72 16.77 -3.12
CA LEU D 55 11.61 17.06 -4.54
C LEU D 55 10.64 18.20 -4.73
N PRO D 56 11.08 19.28 -5.39
CA PRO D 56 10.28 20.50 -5.50
C PRO D 56 9.05 20.32 -6.38
N GLY D 57 8.05 21.18 -6.20
CA GLY D 57 6.84 21.20 -7.01
C GLY D 57 5.81 20.13 -6.67
N ARG D 58 6.05 19.42 -5.58
CA ARG D 58 5.17 18.34 -5.11
C ARG D 58 5.13 18.35 -3.60
N ARG D 59 3.97 18.02 -3.03
CA ARG D 59 3.91 17.70 -1.62
C ARG D 59 4.69 16.42 -1.36
N ASN D 60 5.72 16.55 -0.54
CA ASN D 60 6.48 15.41 -0.07
C ASN D 60 5.94 14.98 1.28
N ILE D 61 5.36 13.79 1.34
CA ILE D 61 4.78 13.31 2.60
C ILE D 61 5.54 12.11 3.10
N ILE D 62 6.06 12.24 4.31
CA ILE D 62 6.86 11.20 4.93
C ILE D 62 6.05 10.45 5.97
N VAL D 63 5.99 9.13 5.81
CA VAL D 63 5.26 8.28 6.74
C VAL D 63 6.17 7.71 7.81
N THR D 64 5.83 7.91 9.07
CA THR D 64 6.63 7.35 10.15
C THR D 64 5.84 7.32 11.45
N ARG D 65 6.08 6.26 12.21
CA ARG D 65 5.53 6.05 13.53
C ARG D 65 5.99 7.13 14.50
N ASN D 66 7.11 7.78 14.16
CA ASN D 66 7.79 8.70 15.08
C ASN D 66 7.05 10.03 15.24
N GLU D 67 6.44 10.25 16.40
CA GLU D 67 5.62 11.45 16.62
C GLU D 67 6.45 12.71 16.79
N GLY D 68 7.76 12.55 16.94
CA GLY D 68 8.63 13.71 17.03
C GLY D 68 9.27 14.08 15.70
N TYR D 69 9.04 13.26 14.69
CA TYR D 69 9.72 13.46 13.41
C TYR D 69 9.19 14.67 12.66
N HIS D 70 10.08 15.54 12.20
CA HIS D 70 9.70 16.67 11.37
C HIS D 70 10.83 17.06 10.43
N VAL D 71 10.47 17.45 9.21
CA VAL D 71 11.43 17.88 8.21
C VAL D 71 10.89 19.08 7.45
N GLU D 72 11.67 20.16 7.42
CA GLU D 72 11.29 21.38 6.72
C GLU D 72 10.91 21.12 5.27
N GLY D 73 9.82 21.74 4.82
CA GLY D 73 9.42 21.64 3.44
C GLY D 73 8.69 20.33 3.17
N CYS D 74 8.55 19.53 4.22
CA CYS D 74 7.80 18.29 4.11
C CYS D 74 6.66 18.23 5.13
N GLU D 75 5.68 17.37 4.88
CA GLU D 75 4.68 17.04 5.90
C GLU D 75 4.93 15.63 6.40
N VAL D 76 4.55 15.36 7.65
CA VAL D 76 4.71 14.03 8.22
C VAL D 76 3.36 13.39 8.53
N ALA D 77 3.24 12.09 8.24
CA ALA D 77 2.05 11.32 8.61
C ALA D 77 2.47 10.07 9.39
N HIS D 78 1.66 9.66 10.36
CA HIS D 78 2.02 8.57 11.25
C HIS D 78 1.21 7.31 10.99
N SER D 79 0.36 7.36 9.97
CA SER D 79 -0.50 6.25 9.63
C SER D 79 -1.08 6.42 8.24
N VAL D 80 -1.62 5.34 7.71
CA VAL D 80 -2.34 5.37 6.45
C VAL D 80 -3.47 6.38 6.55
N GLU D 81 -4.16 6.32 7.68
CA GLU D 81 -5.22 7.26 8.02
C GLU D 81 -4.78 8.72 7.88
N GLU D 82 -3.64 9.07 8.46
CA GLU D 82 -3.17 10.45 8.38
C GLU D 82 -2.83 10.86 6.95
N VAL D 83 -2.30 9.92 6.17
CA VAL D 83 -1.99 10.20 4.77
C VAL D 83 -3.28 10.51 4.01
N PHE D 84 -4.33 9.72 4.25
CA PHE D 84 -5.59 9.92 3.54
C PHE D 84 -6.28 11.22 3.95
N GLU D 85 -6.17 11.56 5.23
CA GLU D 85 -6.68 12.84 5.72
C GLU D 85 -5.96 14.02 5.08
N LEU D 86 -4.63 13.99 5.11
CA LEU D 86 -3.82 15.03 4.50
C LEU D 86 -4.11 15.24 3.02
N CYS D 87 -4.37 14.14 2.31
CA CYS D 87 -4.55 14.18 0.87
C CYS D 87 -6.02 14.08 0.43
N LYS D 88 -6.96 14.42 1.31
CA LYS D 88 -8.38 14.17 1.03
C LYS D 88 -8.92 14.90 -0.20
N ASN D 89 -8.25 15.97 -0.61
CA ASN D 89 -8.67 16.77 -1.75
C ASN D 89 -7.92 16.47 -3.05
N GLU D 90 -7.06 15.47 -3.02
CA GLU D 90 -6.16 15.16 -4.13
C GLU D 90 -6.77 14.21 -5.17
N GLU D 91 -6.64 14.55 -6.46
CA GLU D 91 -7.10 13.66 -7.52
C GLU D 91 -6.31 12.35 -7.49
N GLU D 92 -5.00 12.46 -7.36
CA GLU D 92 -4.12 11.30 -7.40
C GLU D 92 -2.84 11.51 -6.60
N ILE D 93 -2.44 10.47 -5.88
CA ILE D 93 -1.21 10.46 -5.09
C ILE D 93 -0.33 9.29 -5.51
N PHE D 94 0.98 9.44 -5.30
CA PHE D 94 1.95 8.43 -5.72
C PHE D 94 2.74 7.87 -4.55
N ILE D 95 2.52 6.59 -4.24
CA ILE D 95 3.30 5.88 -3.24
C ILE D 95 4.68 5.62 -3.80
N PHE D 96 5.67 6.27 -3.20
CA PHE D 96 7.01 6.32 -3.77
C PHE D 96 7.96 5.29 -3.15
N GLY D 97 7.45 4.50 -2.22
CA GLY D 97 8.17 3.33 -1.72
C GLY D 97 8.86 3.36 -0.38
N GLY D 98 9.79 2.43 -0.21
CA GLY D 98 9.89 1.66 1.02
C GLY D 98 8.97 0.47 0.80
N ALA D 99 9.52 -0.74 0.79
CA ALA D 99 8.72 -1.96 0.73
C ALA D 99 7.61 -1.98 1.79
N GLN D 100 7.93 -1.53 3.00
CA GLN D 100 6.94 -1.50 4.07
C GLN D 100 5.81 -0.55 3.73
N ILE D 101 6.15 0.51 3.02
CA ILE D 101 5.17 1.52 2.61
C ILE D 101 4.21 1.02 1.54
N TYR D 102 4.71 0.28 0.54
CA TYR D 102 3.85 -0.35 -0.43
C TYR D 102 2.86 -1.30 0.25
N ASP D 103 3.38 -2.12 1.16
CA ASP D 103 2.55 -3.05 1.92
C ASP D 103 1.38 -2.35 2.59
N LEU D 104 1.65 -1.20 3.20
CA LEU D 104 0.62 -0.46 3.91
C LEU D 104 -0.50 -0.01 2.96
N PHE D 105 -0.13 0.32 1.72
CA PHE D 105 -1.08 0.88 0.77
C PHE D 105 -1.66 -0.08 -0.24
N LEU D 106 -1.26 -1.34 -0.13
CA LEU D 106 -1.73 -2.37 -1.04
C LEU D 106 -3.26 -2.46 -1.07
N PRO D 107 -3.91 -2.35 0.10
CA PRO D 107 -5.37 -2.47 0.10
C PRO D 107 -6.09 -1.36 -0.65
N TYR D 108 -5.39 -0.27 -0.97
CA TYR D 108 -6.06 0.89 -1.54
C TYR D 108 -5.62 1.20 -2.96
N VAL D 109 -4.63 0.47 -3.45
CA VAL D 109 -3.96 0.91 -4.66
C VAL D 109 -4.88 0.68 -5.85
N ASP D 110 -4.95 1.69 -6.69
CA ASP D 110 -5.80 1.67 -7.85
C ASP D 110 -5.02 1.65 -9.16
N LYS D 111 -3.74 2.02 -9.10
CA LYS D 111 -2.98 2.23 -10.32
C LYS D 111 -1.51 1.96 -10.06
N LEU D 112 -0.86 1.27 -10.99
CA LEU D 112 0.54 0.94 -10.87
C LEU D 112 1.41 1.57 -11.97
N TYR D 113 2.39 2.39 -11.59
CA TYR D 113 3.38 2.86 -12.55
C TYR D 113 4.69 2.16 -12.27
N ILE D 114 5.02 1.17 -13.11
CA ILE D 114 6.16 0.32 -12.83
C ILE D 114 7.20 0.39 -13.94
N THR D 115 8.41 0.82 -13.59
CA THR D 115 9.52 0.75 -14.51
C THR D 115 10.26 -0.56 -14.29
N LYS D 116 10.35 -1.37 -15.34
CA LYS D 116 10.98 -2.68 -15.23
C LYS D 116 12.33 -2.68 -15.95
N ILE D 117 13.40 -2.90 -15.19
CA ILE D 117 14.76 -2.83 -15.70
C ILE D 117 15.27 -4.24 -15.99
N HIS D 118 15.75 -4.43 -17.22
CA HIS D 118 16.09 -5.75 -17.73
C HIS D 118 17.52 -6.15 -17.37
N HIS D 119 17.73 -6.41 -16.09
CA HIS D 119 19.05 -6.68 -15.54
C HIS D 119 18.88 -7.16 -14.11
N ALA D 120 19.83 -7.95 -13.62
CA ALA D 120 19.76 -8.46 -12.25
C ALA D 120 20.85 -7.83 -11.39
N PHE D 121 20.44 -6.96 -10.48
CA PHE D 121 21.39 -6.28 -9.61
C PHE D 121 21.48 -6.98 -8.27
N GLU D 122 22.41 -6.54 -7.44
CA GLU D 122 22.50 -6.97 -6.05
C GLU D 122 21.59 -6.06 -5.24
N GLY D 123 20.70 -6.65 -4.44
CA GLY D 123 19.81 -5.84 -3.64
C GLY D 123 19.47 -6.46 -2.30
N ASP D 124 18.88 -5.65 -1.42
CA ASP D 124 18.50 -6.12 -0.10
C ASP D 124 17.03 -5.87 0.24
N THR D 125 16.38 -5.03 -0.57
CA THR D 125 14.95 -4.76 -0.39
C THR D 125 14.20 -4.92 -1.71
N PHE D 126 12.93 -5.28 -1.65
CA PHE D 126 12.19 -5.76 -2.82
C PHE D 126 10.75 -5.23 -2.88
N PHE D 127 10.27 -5.04 -4.10
CA PHE D 127 8.89 -4.67 -4.33
C PHE D 127 8.02 -5.88 -4.05
N PRO D 128 7.03 -5.71 -3.15
CA PRO D 128 6.22 -6.86 -2.73
C PRO D 128 5.50 -7.52 -3.88
N GLU D 129 5.35 -8.84 -3.77
CA GLU D 129 4.66 -9.62 -4.78
C GLU D 129 3.23 -9.12 -4.96
N MET D 130 2.72 -9.19 -6.19
CA MET D 130 1.34 -8.80 -6.46
C MET D 130 0.73 -9.75 -7.49
N ASP D 131 -0.55 -10.04 -7.33
CA ASP D 131 -1.27 -10.87 -8.27
C ASP D 131 -1.64 -10.05 -9.51
N MET D 132 -0.83 -10.13 -10.55
CA MET D 132 -1.02 -9.28 -11.72
C MET D 132 -2.22 -9.66 -12.60
N THR D 133 -2.90 -10.74 -12.24
CA THR D 133 -4.10 -11.17 -12.96
C THR D 133 -5.28 -10.23 -12.69
N ASN D 134 -5.21 -9.53 -11.56
CA ASN D 134 -6.22 -8.54 -11.19
C ASN D 134 -6.07 -7.23 -11.97
N TRP D 135 -5.01 -7.15 -12.75
CA TRP D 135 -4.55 -5.88 -13.31
C TRP D 135 -4.49 -5.93 -14.84
N LYS D 136 -4.60 -4.76 -15.46
CA LYS D 136 -4.59 -4.63 -16.91
C LYS D 136 -3.64 -3.50 -17.32
N GLU D 137 -2.69 -3.83 -18.18
CA GLU D 137 -1.75 -2.83 -18.69
C GLU D 137 -2.50 -1.87 -19.60
N VAL D 138 -2.33 -0.57 -19.37
CA VAL D 138 -3.01 0.42 -20.20
C VAL D 138 -1.97 1.26 -20.94
N PHE D 139 -0.71 1.16 -20.53
CA PHE D 139 0.39 1.83 -21.21
C PHE D 139 1.74 1.16 -21.02
N VAL D 140 2.58 1.27 -22.04
CA VAL D 140 3.96 0.76 -22.01
C VAL D 140 4.84 1.60 -22.94
N GLU D 141 6.12 1.74 -22.60
CA GLU D 141 7.06 2.45 -23.46
C GLU D 141 8.50 2.08 -23.08
N LYS D 142 9.30 1.76 -24.09
CA LYS D 142 10.71 1.43 -23.86
C LYS D 142 11.46 2.72 -23.51
N GLY D 143 12.15 2.70 -22.38
CA GLY D 143 12.91 3.86 -21.94
C GLY D 143 14.15 4.10 -22.78
N LEU D 144 14.68 5.31 -22.67
CA LEU D 144 15.90 5.70 -23.37
C LEU D 144 17.16 5.01 -22.84
N THR D 145 17.81 4.25 -23.72
CA THR D 145 19.10 3.65 -23.40
C THR D 145 20.19 4.39 -24.16
N ASP D 146 21.08 5.04 -23.40
CA ASP D 146 22.21 5.74 -23.99
C ASP D 146 23.44 5.69 -23.08
N GLU D 147 24.41 6.56 -23.34
CA GLU D 147 25.62 6.64 -22.52
C GLU D 147 25.31 6.86 -21.04
N LYS D 148 24.28 7.66 -20.83
CA LYS D 148 23.84 8.11 -19.51
C LYS D 148 22.85 7.15 -18.92
N ASN D 149 22.36 6.27 -19.76
CA ASN D 149 21.35 5.33 -19.32
C ASN D 149 21.70 3.93 -19.78
N PRO D 150 22.65 3.29 -19.07
CA PRO D 150 23.26 2.12 -19.69
C PRO D 150 22.54 0.80 -19.42
N TYR D 151 21.22 0.79 -19.31
CA TYR D 151 20.47 -0.46 -19.22
C TYR D 151 19.21 -0.39 -20.08
N THR D 152 18.62 -1.54 -20.33
CA THR D 152 17.36 -1.63 -21.06
C THR D 152 16.21 -1.67 -20.06
N TYR D 153 15.26 -0.75 -20.19
CA TYR D 153 14.18 -0.69 -19.20
C TYR D 153 12.91 -0.22 -19.89
N TYR D 154 11.76 -0.55 -19.29
CA TYR D 154 10.47 -0.24 -19.89
C TYR D 154 9.58 0.43 -18.86
N TYR D 155 8.84 1.46 -19.28
CA TYR D 155 7.79 2.02 -18.44
C TYR D 155 6.50 1.22 -18.59
N HIS D 156 5.91 0.82 -17.47
CA HIS D 156 4.61 0.14 -17.47
C HIS D 156 3.63 0.82 -16.54
N VAL D 157 2.38 0.96 -16.99
CA VAL D 157 1.30 1.43 -16.13
C VAL D 157 0.15 0.44 -16.12
N TYR D 158 -0.35 0.11 -14.93
CA TYR D 158 -1.41 -0.87 -14.78
C TYR D 158 -2.62 -0.27 -14.06
N GLU D 159 -3.82 -0.69 -14.48
CA GLU D 159 -5.08 -0.35 -13.78
C GLU D 159 -5.82 -1.64 -13.44
N LYS D 160 -6.79 -1.58 -12.52
CA LYS D 160 -7.52 -2.79 -12.15
C LYS D 160 -8.20 -3.45 -13.34
N GLN D 161 -8.02 -4.76 -13.47
CA GLN D 161 -8.75 -5.53 -14.46
C GLN D 161 -10.24 -5.57 -14.11
N GLN D 162 -10.96 -4.52 -14.49
CA GLN D 162 -12.38 -4.41 -14.17
C GLN D 162 -13.09 -5.77 -14.21
N LEU D 163 -14.14 -5.90 -13.41
CA LEU D 163 -14.81 -7.19 -13.24
C LEU D 163 -16.13 -7.34 -13.99
N VAL D 164 -16.26 -8.47 -14.68
CA VAL D 164 -17.48 -8.86 -15.38
C VAL D 164 -18.20 -9.89 -14.53
N PRO D 165 -19.44 -9.57 -14.12
CA PRO D 165 -20.22 -10.39 -13.21
C PRO D 165 -20.44 -11.80 -13.71
N ARG D 166 -20.37 -12.74 -12.78
CA ARG D 166 -20.67 -14.14 -13.04
C ARG D 166 -22.17 -14.37 -13.17
N MET E 1 36.79 -22.94 -13.03
CA MET E 1 35.35 -23.14 -12.99
C MET E 1 34.92 -23.95 -11.76
N ILE E 2 33.96 -23.41 -11.02
CA ILE E 2 33.44 -24.10 -9.85
C ILE E 2 32.26 -24.99 -10.25
N VAL E 3 32.38 -26.27 -9.96
CA VAL E 3 31.33 -27.25 -10.25
C VAL E 3 30.50 -27.51 -9.01
N SER E 4 29.29 -26.94 -8.95
CA SER E 4 28.48 -27.05 -7.75
C SER E 4 27.29 -28.00 -7.88
N PHE E 5 27.07 -28.79 -6.83
CA PHE E 5 25.86 -29.57 -6.75
C PHE E 5 24.79 -28.75 -6.05
N MET E 6 23.60 -28.73 -6.63
CA MET E 6 22.45 -28.11 -5.99
C MET E 6 21.39 -29.17 -5.80
N VAL E 7 21.07 -29.43 -4.55
CA VAL E 7 20.17 -30.52 -4.21
C VAL E 7 19.29 -30.19 -3.01
N ALA E 8 18.08 -30.71 -3.02
CA ALA E 8 17.21 -30.61 -1.86
C ALA E 8 16.78 -32.03 -1.53
N MET E 9 17.02 -32.46 -0.31
CA MET E 9 16.80 -33.87 0.02
C MET E 9 16.36 -34.01 1.47
N ASP E 10 15.71 -35.13 1.75
CA ASP E 10 15.17 -35.38 3.07
C ASP E 10 16.15 -36.20 3.92
N GLU E 11 15.66 -36.73 5.04
CA GLU E 11 16.54 -37.42 5.99
C GLU E 11 17.21 -38.68 5.43
N ASN E 12 16.57 -39.30 4.46
CA ASN E 12 17.11 -40.51 3.84
C ASN E 12 17.61 -40.26 2.43
N ARG E 13 17.88 -39.00 2.12
CA ARG E 13 18.44 -38.62 0.83
C ARG E 13 17.44 -38.65 -0.32
N VAL E 14 16.14 -38.76 -0.02
CA VAL E 14 15.15 -38.76 -1.08
C VAL E 14 15.27 -37.43 -1.83
N ILE E 15 15.32 -37.50 -3.15
CA ILE E 15 15.39 -36.29 -3.97
C ILE E 15 14.31 -36.22 -5.02
N GLY E 16 13.45 -37.24 -5.04
CA GLY E 16 12.37 -37.29 -5.98
C GLY E 16 11.44 -38.44 -5.71
N LYS E 17 10.24 -38.38 -6.28
CA LYS E 17 9.30 -39.46 -6.17
C LYS E 17 8.40 -39.34 -7.39
N ASP E 18 8.36 -40.38 -8.21
CA ASP E 18 7.57 -40.35 -9.44
C ASP E 18 7.89 -39.10 -10.27
N ASN E 19 9.17 -38.73 -10.33
CA ASN E 19 9.69 -37.58 -11.08
C ASN E 19 9.36 -36.19 -10.55
N ASN E 20 8.65 -36.12 -9.43
CA ASN E 20 8.36 -34.82 -8.82
C ASN E 20 8.84 -34.68 -7.37
N LEU E 21 8.70 -33.48 -6.82
CA LEU E 21 9.10 -33.23 -5.43
C LEU E 21 7.99 -33.70 -4.49
N PRO E 22 8.36 -34.49 -3.48
CA PRO E 22 7.36 -34.94 -2.50
C PRO E 22 6.92 -33.82 -1.56
N TRP E 23 7.70 -32.74 -1.49
CA TRP E 23 7.36 -31.60 -0.65
C TRP E 23 7.02 -30.39 -1.50
N ARG E 24 6.42 -29.37 -0.89
CA ARG E 24 6.16 -28.12 -1.60
C ARG E 24 6.67 -26.97 -0.73
N LEU E 25 7.87 -26.51 -1.03
CA LEU E 25 8.54 -25.50 -0.22
C LEU E 25 8.95 -24.36 -1.12
N PRO E 26 8.01 -23.46 -1.42
CA PRO E 26 8.28 -22.28 -2.24
C PRO E 26 9.49 -21.51 -1.72
N SER E 27 9.68 -21.46 -0.41
CA SER E 27 10.83 -20.79 0.15
C SER E 27 12.14 -21.45 -0.31
N GLU E 28 12.14 -22.79 -0.36
CA GLU E 28 13.32 -23.54 -0.81
C GLU E 28 13.66 -23.22 -2.26
N LEU E 29 12.63 -23.13 -3.08
CA LEU E 29 12.81 -22.81 -4.50
C LEU E 29 13.26 -21.37 -4.69
N GLN E 30 12.79 -20.50 -3.79
CA GLN E 30 13.22 -19.11 -3.77
C GLN E 30 14.68 -18.98 -3.38
N TYR E 31 15.13 -19.86 -2.50
CA TYR E 31 16.54 -19.97 -2.14
C TYR E 31 17.41 -20.37 -3.33
N VAL E 32 16.96 -21.39 -4.06
CA VAL E 32 17.58 -21.83 -5.32
C VAL E 32 17.77 -20.69 -6.31
N LYS E 33 16.73 -19.87 -6.49
CA LYS E 33 16.75 -18.79 -7.44
C LYS E 33 17.82 -17.76 -7.11
N LYS E 34 17.86 -17.34 -5.85
CA LYS E 34 18.85 -16.37 -5.39
C LYS E 34 20.25 -16.95 -5.48
N THR E 35 20.41 -18.18 -5.01
CA THR E 35 21.73 -18.82 -4.97
C THR E 35 22.35 -19.01 -6.36
N THR E 36 21.50 -19.36 -7.34
CA THR E 36 21.96 -19.68 -8.69
C THR E 36 21.87 -18.53 -9.69
N MET E 37 21.47 -17.36 -9.20
CA MET E 37 21.36 -16.18 -10.03
C MET E 37 22.65 -15.98 -10.83
N GLY E 38 22.51 -15.85 -12.15
CA GLY E 38 23.64 -15.56 -13.01
C GLY E 38 24.60 -16.71 -13.27
N HIS E 39 24.17 -17.93 -12.93
CA HIS E 39 25.01 -19.10 -13.19
C HIS E 39 24.19 -20.18 -13.90
N PRO E 40 24.85 -20.94 -14.78
CA PRO E 40 24.16 -21.98 -15.56
C PRO E 40 23.55 -23.02 -14.64
N LEU E 41 22.37 -23.50 -15.01
CA LEU E 41 21.74 -24.65 -14.38
C LEU E 41 21.87 -25.87 -15.28
N ILE E 42 22.53 -26.91 -14.78
CA ILE E 42 22.75 -28.15 -15.51
C ILE E 42 21.83 -29.24 -14.96
N MET E 43 20.97 -29.78 -15.81
CA MET E 43 20.00 -30.77 -15.37
C MET E 43 19.72 -31.85 -16.42
N GLY E 44 19.28 -33.00 -15.94
CA GLY E 44 18.85 -34.08 -16.80
C GLY E 44 17.53 -33.79 -17.49
N ARG E 45 17.25 -34.54 -18.54
CA ARG E 45 16.03 -34.33 -19.33
C ARG E 45 14.77 -34.51 -18.48
N LYS E 46 14.71 -35.63 -17.76
CA LYS E 46 13.56 -35.93 -16.90
C LYS E 46 13.33 -34.80 -15.90
N ASN E 47 14.43 -34.30 -15.36
CA ASN E 47 14.40 -33.20 -14.40
C ASN E 47 13.81 -31.95 -15.01
N TYR E 48 14.20 -31.65 -16.24
CA TYR E 48 13.68 -30.51 -16.96
C TYR E 48 12.18 -30.64 -17.24
N GLU E 49 11.77 -31.81 -17.72
CA GLU E 49 10.37 -32.03 -18.06
C GLU E 49 9.47 -31.92 -16.83
N ALA E 50 10.02 -32.17 -15.64
CA ALA E 50 9.23 -32.04 -14.41
C ALA E 50 8.95 -30.57 -14.10
N ILE E 51 9.97 -29.73 -14.26
CA ILE E 51 9.81 -28.29 -14.11
C ILE E 51 8.97 -27.72 -15.25
N GLY E 52 9.21 -28.23 -16.45
CA GLY E 52 8.41 -27.96 -17.62
C GLY E 52 8.69 -26.67 -18.36
N ARG E 53 9.68 -25.91 -17.90
CA ARG E 53 9.91 -24.58 -18.43
C ARG E 53 11.30 -24.10 -18.01
N PRO E 54 12.00 -23.39 -18.92
CA PRO E 54 13.30 -22.88 -18.47
C PRO E 54 13.11 -21.86 -17.36
N LEU E 55 14.06 -21.83 -16.43
CA LEU E 55 14.15 -20.78 -15.43
C LEU E 55 14.92 -19.57 -15.96
N PRO E 56 14.26 -18.40 -16.01
CA PRO E 56 14.84 -17.24 -16.69
C PRO E 56 16.04 -16.67 -15.96
N GLY E 57 16.81 -15.84 -16.68
CA GLY E 57 18.00 -15.21 -16.15
C GLY E 57 19.16 -16.14 -15.89
N ARG E 58 19.05 -17.39 -16.37
CA ARG E 58 20.13 -18.35 -16.25
C ARG E 58 20.19 -19.11 -17.56
N ARG E 59 21.38 -19.58 -17.92
CA ARG E 59 21.46 -20.56 -18.99
C ARG E 59 20.95 -21.89 -18.48
N ASN E 60 19.93 -22.42 -19.14
CA ASN E 60 19.44 -23.74 -18.84
C ASN E 60 20.01 -24.75 -19.82
N ILE E 61 20.91 -25.60 -19.33
CA ILE E 61 21.55 -26.59 -20.18
C ILE E 61 21.05 -28.00 -19.87
N ILE E 62 20.46 -28.65 -20.87
CA ILE E 62 19.97 -30.01 -20.68
C ILE E 62 21.00 -31.01 -21.15
N VAL E 63 21.23 -32.03 -20.33
CA VAL E 63 22.18 -33.08 -20.66
C VAL E 63 21.41 -34.33 -21.06
N THR E 64 21.67 -34.81 -22.26
CA THR E 64 20.99 -36.00 -22.73
C THR E 64 21.85 -36.68 -23.78
N ARG E 65 21.84 -38.01 -23.73
CA ARG E 65 22.59 -38.80 -24.70
C ARG E 65 21.90 -38.64 -26.04
N ASN E 66 20.80 -37.90 -26.03
CA ASN E 66 20.01 -37.68 -27.24
C ASN E 66 20.57 -36.58 -28.13
N GLU E 67 21.31 -36.98 -29.17
CA GLU E 67 21.97 -36.02 -30.03
C GLU E 67 20.97 -35.13 -30.76
N GLY E 68 19.79 -35.67 -30.98
CA GLY E 68 18.70 -34.95 -31.63
C GLY E 68 17.80 -34.16 -30.70
N TYR E 69 18.06 -34.22 -29.41
CA TYR E 69 17.21 -33.54 -28.44
C TYR E 69 17.36 -32.03 -28.51
N HIS E 70 16.23 -31.33 -28.62
CA HIS E 70 16.23 -29.87 -28.59
C HIS E 70 14.98 -29.36 -27.87
N VAL E 71 15.12 -28.22 -27.21
CA VAL E 71 13.99 -27.46 -26.68
C VAL E 71 14.31 -25.97 -26.63
N GLU E 72 13.34 -25.14 -27.02
CA GLU E 72 13.54 -23.70 -27.05
C GLU E 72 13.78 -23.10 -25.67
N GLY E 73 14.68 -22.12 -25.63
CA GLY E 73 15.00 -21.44 -24.38
C GLY E 73 16.09 -22.18 -23.65
N CYS E 74 16.41 -23.38 -24.12
CA CYS E 74 17.45 -24.18 -23.52
C CYS E 74 18.54 -24.63 -24.50
N GLU E 75 19.74 -24.86 -23.98
CA GLU E 75 20.82 -25.48 -24.75
C GLU E 75 20.92 -26.96 -24.34
N VAL E 76 21.48 -27.79 -25.21
CA VAL E 76 21.55 -29.22 -24.95
C VAL E 76 22.98 -29.75 -25.04
N ALA E 77 23.38 -30.57 -24.06
CA ALA E 77 24.66 -31.27 -24.11
C ALA E 77 24.45 -32.76 -23.91
N HIS E 78 25.47 -33.56 -24.25
CA HIS E 78 25.33 -35.01 -24.24
C HIS E 78 26.46 -35.71 -23.51
N SER E 79 27.38 -34.90 -22.99
CA SER E 79 28.48 -35.44 -22.19
C SER E 79 28.96 -34.39 -21.21
N VAL E 80 29.70 -34.85 -20.21
CA VAL E 80 30.37 -33.97 -19.28
C VAL E 80 31.25 -33.00 -20.04
N GLU E 81 32.02 -33.53 -20.98
CA GLU E 81 32.93 -32.75 -21.80
C GLU E 81 32.22 -31.64 -22.58
N GLU E 82 31.06 -31.97 -23.12
CA GLU E 82 30.23 -30.99 -23.83
C GLU E 82 29.78 -29.88 -22.89
N VAL E 83 29.36 -30.25 -21.69
CA VAL E 83 28.96 -29.28 -20.69
C VAL E 83 30.11 -28.31 -20.36
N PHE E 84 31.29 -28.87 -20.14
CA PHE E 84 32.48 -28.07 -19.81
C PHE E 84 32.94 -27.14 -20.93
N GLU E 85 32.72 -27.56 -22.17
CA GLU E 85 33.03 -26.69 -23.29
C GLU E 85 32.11 -25.48 -23.35
N LEU E 86 30.80 -25.76 -23.34
CA LEU E 86 29.80 -24.70 -23.31
C LEU E 86 29.96 -23.70 -22.16
N CYS E 87 30.41 -24.18 -21.00
CA CYS E 87 30.54 -23.32 -19.82
C CYS E 87 32.00 -22.94 -19.57
N LYS E 88 32.81 -23.02 -20.61
CA LYS E 88 34.26 -22.84 -20.48
C LYS E 88 34.63 -21.47 -19.92
N ASN E 89 33.75 -20.49 -20.08
CA ASN E 89 34.02 -19.13 -19.59
C ASN E 89 33.23 -18.76 -18.32
N GLU E 90 32.61 -19.76 -17.71
CA GLU E 90 31.75 -19.57 -16.55
C GLU E 90 32.51 -19.69 -15.22
N GLU E 91 32.21 -18.81 -14.28
CA GLU E 91 32.85 -18.89 -12.97
C GLU E 91 32.31 -20.02 -12.09
N GLU E 92 31.00 -20.24 -12.15
CA GLU E 92 30.38 -21.32 -11.39
C GLU E 92 29.16 -21.92 -12.11
N ILE E 93 29.01 -23.23 -12.04
CA ILE E 93 27.83 -23.88 -12.59
C ILE E 93 27.18 -24.83 -11.59
N PHE E 94 25.88 -25.01 -11.74
CA PHE E 94 25.11 -25.80 -10.79
C PHE E 94 24.50 -27.04 -11.43
N ILE E 95 24.93 -28.21 -10.99
CA ILE E 95 24.35 -29.47 -11.41
C ILE E 95 23.05 -29.56 -10.64
N PHE E 96 21.94 -29.55 -11.38
CA PHE E 96 20.61 -29.37 -10.79
C PHE E 96 19.91 -30.70 -10.61
N GLY E 97 20.60 -31.77 -10.96
CA GLY E 97 20.18 -33.09 -10.56
C GLY E 97 19.42 -33.95 -11.54
N GLY E 98 18.75 -34.94 -10.99
CA GLY E 98 18.70 -36.25 -11.59
C GLY E 98 19.84 -36.97 -10.89
N ALA E 99 19.57 -38.12 -10.28
CA ALA E 99 20.61 -38.87 -9.59
C ALA E 99 21.77 -39.19 -10.52
N GLN E 100 21.45 -39.53 -11.76
CA GLN E 100 22.45 -39.88 -12.77
C GLN E 100 23.34 -38.70 -13.19
N ILE E 101 22.75 -37.52 -13.28
CA ILE E 101 23.51 -36.31 -13.64
C ILE E 101 24.50 -35.92 -12.55
N TYR E 102 24.10 -36.06 -11.28
CA TYR E 102 25.06 -35.86 -10.21
C TYR E 102 26.20 -36.84 -10.36
N ASP E 103 25.86 -38.11 -10.61
CA ASP E 103 26.87 -39.14 -10.74
C ASP E 103 27.90 -38.77 -11.82
N LEU E 104 27.44 -38.24 -12.95
CA LEU E 104 28.35 -37.87 -14.02
C LEU E 104 29.36 -36.81 -13.59
N PHE E 105 28.95 -35.90 -12.69
CA PHE E 105 29.80 -34.77 -12.35
C PHE E 105 30.53 -34.92 -11.02
N LEU E 106 30.30 -36.05 -10.35
CA LEU E 106 30.93 -36.33 -9.07
C LEU E 106 32.46 -36.19 -9.10
N PRO E 107 33.11 -36.67 -10.18
CA PRO E 107 34.57 -36.58 -10.24
C PRO E 107 35.04 -35.14 -10.32
N TYR E 108 34.11 -34.22 -10.60
CA TYR E 108 34.45 -32.84 -10.87
C TYR E 108 33.94 -31.88 -9.79
N VAL E 109 33.14 -32.38 -8.86
CA VAL E 109 32.42 -31.46 -7.98
C VAL E 109 33.34 -30.74 -6.98
N ASP E 110 33.10 -29.45 -6.82
CA ASP E 110 33.92 -28.60 -5.97
C ASP E 110 33.14 -27.99 -4.80
N LYS E 111 31.82 -27.97 -4.90
CA LYS E 111 31.05 -27.29 -3.89
C LYS E 111 29.66 -27.91 -3.72
N LEU E 112 29.16 -27.93 -2.50
CA LEU E 112 27.88 -28.55 -2.22
C LEU E 112 26.85 -27.60 -1.60
N TYR E 113 25.74 -27.38 -2.29
CA TYR E 113 24.63 -26.63 -1.73
C TYR E 113 23.50 -27.59 -1.42
N ILE E 114 23.37 -27.96 -0.15
CA ILE E 114 22.46 -29.03 0.21
C ILE E 114 21.43 -28.53 1.20
N THR E 115 20.17 -28.61 0.78
CA THR E 115 19.05 -28.33 1.66
C THR E 115 18.59 -29.65 2.26
N LYS E 116 18.61 -29.71 3.58
CA LYS E 116 18.25 -30.91 4.34
C LYS E 116 16.88 -30.78 4.99
N ILE E 117 15.94 -31.60 4.54
CA ILE E 117 14.57 -31.55 5.06
C ILE E 117 14.37 -32.56 6.20
N HIS E 118 13.90 -32.07 7.34
CA HIS E 118 13.81 -32.91 8.53
C HIS E 118 12.50 -33.70 8.54
N HIS E 119 12.36 -34.60 7.57
CA HIS E 119 11.17 -35.42 7.50
C HIS E 119 11.52 -36.60 6.61
N ALA E 120 10.80 -37.71 6.78
CA ALA E 120 11.02 -38.87 5.93
C ALA E 120 9.86 -39.05 4.97
N PHE E 121 10.09 -38.75 3.70
CA PHE E 121 9.06 -38.85 2.67
C PHE E 121 9.13 -40.18 1.93
N GLU E 122 8.13 -40.44 1.11
CA GLU E 122 8.18 -41.55 0.18
C GLU E 122 8.84 -41.12 -1.12
N GLY E 123 9.94 -41.78 -1.47
CA GLY E 123 10.71 -41.40 -2.63
C GLY E 123 11.13 -42.62 -3.44
N ASP E 124 11.60 -42.36 -4.65
CA ASP E 124 12.09 -43.43 -5.51
C ASP E 124 13.44 -43.06 -6.14
N THR E 125 13.98 -41.91 -5.74
CA THR E 125 15.31 -41.51 -6.19
C THR E 125 16.05 -40.78 -5.08
N PHE E 126 17.37 -40.95 -5.08
CA PHE E 126 18.20 -40.55 -3.95
C PHE E 126 19.48 -39.83 -4.36
N PHE E 127 19.90 -38.91 -3.51
CA PHE E 127 21.21 -38.31 -3.64
C PHE E 127 22.27 -39.34 -3.27
N PRO E 128 23.21 -39.60 -4.19
CA PRO E 128 24.28 -40.58 -3.95
C PRO E 128 25.07 -40.29 -2.67
N GLU E 129 25.60 -41.32 -2.03
CA GLU E 129 26.47 -41.14 -0.87
C GLU E 129 27.72 -40.32 -1.20
N MET E 130 28.20 -39.58 -0.22
CA MET E 130 29.44 -38.82 -0.33
C MET E 130 30.13 -38.80 1.02
N ASP E 131 31.41 -39.15 1.04
CA ASP E 131 32.26 -38.98 2.21
C ASP E 131 32.37 -37.49 2.54
N MET E 132 31.68 -37.06 3.59
CA MET E 132 31.70 -35.65 3.97
C MET E 132 32.96 -35.23 4.73
N THR E 133 33.83 -36.19 5.05
CA THR E 133 35.11 -35.88 5.69
C THR E 133 36.08 -35.12 4.80
N ASN E 134 35.79 -35.10 3.50
CA ASN E 134 36.56 -34.33 2.53
C ASN E 134 36.01 -32.92 2.38
N TRP E 135 34.95 -32.62 3.10
CA TRP E 135 34.23 -31.37 2.92
C TRP E 135 34.14 -30.53 4.19
N LYS E 136 33.89 -29.23 4.01
CA LYS E 136 33.85 -28.29 5.12
C LYS E 136 32.71 -27.30 4.95
N GLU E 137 31.90 -27.15 5.99
CA GLU E 137 30.75 -26.27 5.94
C GLU E 137 31.21 -24.82 6.03
N VAL E 138 30.75 -23.98 5.12
CA VAL E 138 31.11 -22.57 5.16
C VAL E 138 29.91 -21.70 5.54
N PHE E 139 28.72 -22.28 5.46
CA PHE E 139 27.52 -21.54 5.79
C PHE E 139 26.35 -22.45 6.12
N VAL E 140 25.49 -22.01 7.04
CA VAL E 140 24.27 -22.74 7.39
C VAL E 140 23.17 -21.77 7.75
N GLU E 141 21.93 -22.14 7.42
CA GLU E 141 20.78 -21.31 7.75
C GLU E 141 19.49 -22.12 7.87
N LYS E 142 18.75 -21.93 8.94
CA LYS E 142 17.46 -22.58 9.08
C LYS E 142 16.48 -21.98 8.09
N GLY E 143 15.80 -22.87 7.36
CA GLY E 143 14.84 -22.42 6.38
C GLY E 143 13.56 -21.92 7.03
N LEU E 144 12.78 -21.19 6.24
CA LEU E 144 11.48 -20.67 6.67
C LEU E 144 10.45 -21.79 6.78
N THR E 145 10.03 -22.10 8.00
CA THR E 145 8.92 -23.04 8.20
C THR E 145 7.67 -22.22 8.51
N ASP E 146 6.61 -22.43 7.73
CA ASP E 146 5.36 -21.71 7.95
C ASP E 146 4.18 -22.36 7.25
N GLU E 147 3.10 -21.60 7.06
CA GLU E 147 1.89 -22.15 6.46
C GLU E 147 2.17 -22.73 5.08
N LYS E 148 2.92 -22.01 4.27
CA LYS E 148 3.23 -22.42 2.91
C LYS E 148 4.41 -23.38 2.83
N ASN E 149 5.19 -23.45 3.89
CA ASN E 149 6.34 -24.35 3.96
C ASN E 149 6.36 -25.19 5.23
N PRO E 150 5.59 -26.29 5.24
CA PRO E 150 5.25 -26.97 6.49
C PRO E 150 6.46 -27.60 7.16
N TYR E 151 7.43 -28.07 6.38
CA TYR E 151 8.52 -28.86 6.93
C TYR E 151 9.61 -28.00 7.55
N THR E 152 10.43 -28.63 8.39
CA THR E 152 11.59 -27.99 8.97
C THR E 152 12.78 -28.32 8.09
N TYR E 153 13.49 -27.31 7.60
CA TYR E 153 14.64 -27.57 6.74
C TYR E 153 15.76 -26.55 6.93
N TYR E 154 16.96 -26.93 6.52
CA TYR E 154 18.14 -26.07 6.69
C TYR E 154 18.94 -26.05 5.39
N TYR E 155 19.41 -24.87 5.01
CA TYR E 155 20.34 -24.71 3.89
C TYR E 155 21.79 -24.91 4.38
N HIS E 156 22.52 -25.79 3.72
CA HIS E 156 23.94 -26.02 4.04
C HIS E 156 24.80 -25.82 2.79
N VAL E 157 25.98 -25.26 2.97
CA VAL E 157 26.95 -25.11 1.89
C VAL E 157 28.34 -25.62 2.26
N TYR E 158 28.93 -26.44 1.39
CA TYR E 158 30.23 -27.04 1.69
C TYR E 158 31.26 -26.79 0.59
N GLU E 159 32.52 -26.67 1.02
CA GLU E 159 33.65 -26.54 0.12
C GLU E 159 34.63 -27.63 0.49
N LYS E 160 35.62 -27.87 -0.35
CA LYS E 160 36.61 -28.90 -0.04
C LYS E 160 37.42 -28.53 1.19
N GLN E 161 37.62 -29.52 2.06
CA GLN E 161 38.50 -29.36 3.19
C GLN E 161 39.86 -29.13 2.58
N GLN E 162 40.55 -28.08 3.00
CA GLN E 162 41.91 -27.82 2.52
C GLN E 162 42.89 -28.65 3.35
N LEU E 163 43.69 -29.48 2.69
CA LEU E 163 44.59 -30.36 3.42
C LEU E 163 45.93 -29.75 3.81
N VAL E 164 46.33 -30.07 5.04
CA VAL E 164 47.64 -29.75 5.57
C VAL E 164 48.57 -30.91 5.27
N PRO E 165 49.74 -30.62 4.68
CA PRO E 165 50.71 -31.64 4.31
C PRO E 165 51.26 -32.40 5.51
N ARG E 166 51.61 -33.65 5.21
CA ARG E 166 52.16 -34.60 6.17
C ARG E 166 53.58 -34.28 6.58
N MET F 1 -2.30 -18.25 2.75
CA MET F 1 -3.24 -19.01 3.55
C MET F 1 -3.56 -18.27 4.84
N ILE F 2 -4.85 -18.02 5.06
CA ILE F 2 -5.31 -17.36 6.28
C ILE F 2 -5.53 -18.36 7.42
N VAL F 3 -4.86 -18.11 8.54
CA VAL F 3 -5.02 -18.95 9.72
C VAL F 3 -5.91 -18.21 10.71
N SER F 4 -7.14 -18.70 10.86
CA SER F 4 -8.14 -17.98 11.65
C SER F 4 -8.50 -18.72 12.93
N PHE F 5 -8.48 -18.01 14.06
CA PHE F 5 -9.07 -18.57 15.28
C PHE F 5 -10.56 -18.35 15.25
N MET F 6 -11.34 -19.35 15.64
CA MET F 6 -12.76 -19.14 15.85
C MET F 6 -13.09 -19.51 17.27
N VAL F 7 -13.58 -18.56 18.05
CA VAL F 7 -13.79 -18.79 19.47
C VAL F 7 -14.99 -18.03 20.01
N ALA F 8 -15.65 -18.62 21.01
CA ALA F 8 -16.69 -17.95 21.77
C ALA F 8 -16.31 -17.99 23.26
N MET F 9 -16.24 -16.83 23.89
CA MET F 9 -15.87 -16.75 25.29
C MET F 9 -16.71 -15.74 26.05
N ASP F 10 -16.71 -15.86 27.37
CA ASP F 10 -17.45 -14.96 28.24
C ASP F 10 -16.62 -13.77 28.71
N GLU F 11 -17.15 -12.99 29.65
CA GLU F 11 -16.50 -11.74 30.01
C GLU F 11 -15.19 -12.00 30.75
N ASN F 12 -15.01 -13.23 31.21
CA ASN F 12 -13.76 -13.65 31.85
C ASN F 12 -12.97 -14.65 31.00
N ARG F 13 -13.30 -14.72 29.72
CA ARG F 13 -12.61 -15.62 28.79
C ARG F 13 -12.93 -17.11 28.95
N VAL F 14 -13.99 -17.43 29.69
CA VAL F 14 -14.46 -18.80 29.73
C VAL F 14 -14.83 -19.29 28.33
N ILE F 15 -14.33 -20.46 27.95
CA ILE F 15 -14.68 -21.07 26.68
C ILE F 15 -15.21 -22.49 26.86
N GLY F 16 -15.24 -22.96 28.10
CA GLY F 16 -15.70 -24.30 28.37
C GLY F 16 -15.82 -24.61 29.85
N LYS F 17 -16.65 -25.59 30.16
CA LYS F 17 -16.84 -26.08 31.52
C LYS F 17 -17.21 -27.56 31.46
N ASP F 18 -16.37 -28.41 32.01
CA ASP F 18 -16.60 -29.85 31.96
C ASP F 18 -16.69 -30.32 30.52
N ASN F 19 -15.83 -29.75 29.68
CA ASN F 19 -15.70 -30.04 28.25
C ASN F 19 -16.87 -29.63 27.36
N ASN F 20 -17.84 -28.95 27.96
CA ASN F 20 -18.95 -28.40 27.19
C ASN F 20 -19.09 -26.90 27.44
N LEU F 21 -20.01 -26.26 26.71
CA LEU F 21 -20.21 -24.82 26.82
C LEU F 21 -21.15 -24.50 27.98
N PRO F 22 -20.78 -23.50 28.79
CA PRO F 22 -21.62 -23.05 29.89
C PRO F 22 -22.89 -22.36 29.40
N TRP F 23 -22.94 -22.03 28.12
CA TRP F 23 -24.09 -21.34 27.56
C TRP F 23 -24.71 -22.17 26.44
N ARG F 24 -25.99 -21.97 26.19
CA ARG F 24 -26.64 -22.57 25.03
C ARG F 24 -27.11 -21.49 24.07
N LEU F 25 -26.34 -21.29 23.00
CA LEU F 25 -26.64 -20.23 22.05
C LEU F 25 -26.75 -20.74 20.62
N PRO F 26 -27.88 -21.39 20.29
CA PRO F 26 -28.09 -21.96 18.95
C PRO F 26 -27.78 -20.96 17.84
N SER F 27 -28.13 -19.70 18.01
CA SER F 27 -27.84 -18.70 16.99
C SER F 27 -26.35 -18.49 16.77
N GLU F 28 -25.58 -18.51 17.85
CA GLU F 28 -24.12 -18.40 17.78
C GLU F 28 -23.53 -19.50 16.92
N LEU F 29 -24.00 -20.73 17.15
CA LEU F 29 -23.48 -21.88 16.43
C LEU F 29 -23.88 -21.82 14.96
N GLN F 30 -25.02 -21.21 14.69
CA GLN F 30 -25.44 -20.97 13.32
C GLN F 30 -24.51 -20.00 12.63
N TYR F 31 -23.96 -19.06 13.40
CA TYR F 31 -22.99 -18.11 12.87
C TYR F 31 -21.67 -18.83 12.55
N VAL F 32 -21.28 -19.77 13.41
CA VAL F 32 -20.09 -20.59 13.16
C VAL F 32 -20.21 -21.34 11.83
N LYS F 33 -21.37 -21.96 11.61
CA LYS F 33 -21.66 -22.74 10.42
C LYS F 33 -21.54 -21.88 9.17
N LYS F 34 -22.21 -20.73 9.22
CA LYS F 34 -22.17 -19.77 8.11
C LYS F 34 -20.74 -19.40 7.80
N THR F 35 -20.04 -19.01 8.85
CA THR F 35 -18.71 -18.48 8.75
C THR F 35 -17.74 -19.54 8.23
N THR F 36 -17.89 -20.78 8.69
CA THR F 36 -16.92 -21.84 8.41
C THR F 36 -17.27 -22.72 7.21
N MET F 37 -18.40 -22.46 6.57
CA MET F 37 -18.79 -23.27 5.41
C MET F 37 -17.68 -23.34 4.35
N GLY F 38 -17.32 -24.56 3.98
CA GLY F 38 -16.36 -24.79 2.92
C GLY F 38 -14.92 -24.63 3.37
N HIS F 39 -14.70 -24.54 4.68
CA HIS F 39 -13.32 -24.48 5.16
C HIS F 39 -13.04 -25.52 6.23
N PRO F 40 -11.79 -25.99 6.30
CA PRO F 40 -11.32 -26.95 7.31
C PRO F 40 -11.57 -26.45 8.73
N LEU F 41 -11.94 -27.38 9.59
CA LEU F 41 -12.14 -27.03 10.97
C LEU F 41 -11.12 -27.80 11.84
N ILE F 42 -10.25 -27.05 12.51
CA ILE F 42 -9.16 -27.63 13.30
C ILE F 42 -9.41 -27.64 14.80
N MET F 43 -9.42 -28.84 15.38
CA MET F 43 -9.68 -28.92 16.82
C MET F 43 -8.91 -30.08 17.50
N GLY F 44 -8.61 -29.91 18.79
CA GLY F 44 -8.01 -30.96 19.58
C GLY F 44 -8.95 -32.14 19.80
N ARG F 45 -8.37 -33.30 20.09
CA ARG F 45 -9.12 -34.54 20.28
C ARG F 45 -10.19 -34.37 21.34
N LYS F 46 -9.81 -33.72 22.44
CA LYS F 46 -10.73 -33.48 23.55
C LYS F 46 -11.91 -32.64 23.10
N ASN F 47 -11.62 -31.59 22.34
CA ASN F 47 -12.66 -30.69 21.86
C ASN F 47 -13.64 -31.37 20.90
N TYR F 48 -13.11 -32.13 19.96
CA TYR F 48 -13.94 -32.87 19.03
C TYR F 48 -14.84 -33.88 19.74
N GLU F 49 -14.24 -34.68 20.64
CA GLU F 49 -14.98 -35.71 21.34
C GLU F 49 -16.08 -35.14 22.22
N ALA F 50 -15.91 -33.89 22.64
CA ALA F 50 -16.92 -33.21 23.45
C ALA F 50 -18.12 -32.84 22.57
N ILE F 51 -17.82 -32.50 21.32
CA ILE F 51 -18.86 -32.20 20.33
C ILE F 51 -19.59 -33.47 19.87
N GLY F 52 -18.85 -34.56 19.69
CA GLY F 52 -19.46 -35.85 19.46
C GLY F 52 -19.44 -36.37 18.04
N ARG F 53 -19.38 -35.48 17.04
CA ARG F 53 -19.39 -35.94 15.65
C ARG F 53 -18.82 -34.92 14.68
N PRO F 54 -18.57 -35.32 13.44
CA PRO F 54 -18.03 -34.38 12.46
C PRO F 54 -19.12 -33.39 12.16
N LEU F 55 -18.72 -32.17 11.85
CA LEU F 55 -19.61 -31.14 11.36
C LEU F 55 -19.73 -31.28 9.85
N PRO F 56 -20.93 -31.62 9.36
CA PRO F 56 -21.03 -31.88 7.91
C PRO F 56 -20.67 -30.66 7.05
N GLY F 57 -20.27 -30.91 5.80
CA GLY F 57 -19.91 -29.84 4.87
C GLY F 57 -18.54 -29.23 5.09
N ARG F 58 -17.69 -29.86 5.89
CA ARG F 58 -16.36 -29.33 6.15
C ARG F 58 -15.34 -30.42 6.46
N ARG F 59 -14.08 -30.18 6.09
CA ARG F 59 -13.01 -31.06 6.53
C ARG F 59 -12.84 -30.89 8.03
N ASN F 60 -13.03 -31.97 8.75
CA ASN F 60 -12.83 -31.97 10.18
C ASN F 60 -11.46 -32.53 10.50
N ILE F 61 -10.55 -31.69 10.98
CA ILE F 61 -9.19 -32.12 11.27
C ILE F 61 -8.86 -32.06 12.75
N ILE F 62 -8.59 -33.23 13.32
CA ILE F 62 -8.34 -33.39 14.74
C ILE F 62 -6.83 -33.46 15.01
N VAL F 63 -6.37 -32.60 15.91
CA VAL F 63 -4.97 -32.52 16.24
C VAL F 63 -4.67 -33.29 17.52
N THR F 64 -3.79 -34.27 17.40
CA THR F 64 -3.41 -35.08 18.55
C THR F 64 -2.01 -35.67 18.39
N ARG F 65 -1.35 -35.80 19.53
CA ARG F 65 -0.04 -36.41 19.64
C ARG F 65 -0.08 -37.89 19.30
N ASN F 66 -1.24 -38.51 19.51
CA ASN F 66 -1.40 -39.94 19.25
C ASN F 66 -1.24 -40.23 17.76
N GLU F 67 -0.13 -40.86 17.38
CA GLU F 67 0.21 -41.10 15.97
C GLU F 67 -0.70 -42.14 15.32
N GLY F 68 -1.32 -42.98 16.15
CA GLY F 68 -2.21 -44.02 15.68
C GLY F 68 -3.68 -43.66 15.78
N TYR F 69 -3.98 -42.38 15.99
CA TYR F 69 -5.36 -41.94 16.13
C TYR F 69 -6.12 -41.87 14.82
N HIS F 70 -7.34 -42.40 14.82
CA HIS F 70 -8.17 -42.44 13.64
C HIS F 70 -9.67 -42.33 13.95
N VAL F 71 -10.40 -41.56 13.14
CA VAL F 71 -11.84 -41.38 13.32
C VAL F 71 -12.56 -41.26 11.97
N GLU F 72 -13.52 -42.15 11.73
CA GLU F 72 -14.33 -42.08 10.51
C GLU F 72 -14.89 -40.67 10.32
N GLY F 73 -14.84 -40.17 9.08
CA GLY F 73 -15.40 -38.87 8.77
C GLY F 73 -14.50 -37.70 9.12
N CYS F 74 -13.37 -37.98 9.76
CA CYS F 74 -12.43 -36.93 10.14
C CYS F 74 -11.02 -37.19 9.61
N GLU F 75 -10.27 -36.12 9.37
CA GLU F 75 -8.84 -36.25 9.10
C GLU F 75 -8.09 -35.98 10.42
N VAL F 76 -6.93 -36.63 10.58
CA VAL F 76 -6.15 -36.47 11.79
C VAL F 76 -4.74 -35.92 11.55
N ALA F 77 -4.37 -34.88 12.27
CA ALA F 77 -3.00 -34.37 12.21
C ALA F 77 -2.33 -34.54 13.57
N HIS F 78 -1.01 -34.52 13.59
CA HIS F 78 -0.28 -34.85 14.81
C HIS F 78 0.68 -33.74 15.22
N SER F 79 0.58 -32.61 14.54
CA SER F 79 1.45 -31.47 14.78
C SER F 79 1.03 -30.31 13.90
N VAL F 80 1.52 -29.12 14.22
CA VAL F 80 1.20 -27.95 13.42
C VAL F 80 1.68 -28.25 12.01
N GLU F 81 2.91 -28.74 11.93
CA GLU F 81 3.51 -29.16 10.66
C GLU F 81 2.51 -29.97 9.83
N GLU F 82 2.00 -31.06 10.39
CA GLU F 82 1.07 -31.94 9.68
C GLU F 82 -0.23 -31.27 9.30
N VAL F 83 -0.68 -30.32 10.13
CA VAL F 83 -1.86 -29.55 9.79
C VAL F 83 -1.64 -28.73 8.53
N PHE F 84 -0.52 -28.02 8.46
CA PHE F 84 -0.20 -27.23 7.27
C PHE F 84 -0.01 -28.05 5.99
N GLU F 85 0.55 -29.26 6.13
CA GLU F 85 0.61 -30.18 5.00
C GLU F 85 -0.78 -30.53 4.49
N LEU F 86 -1.65 -31.00 5.39
CA LEU F 86 -3.00 -31.35 4.99
C LEU F 86 -3.78 -30.16 4.42
N CYS F 87 -3.48 -28.97 4.92
CA CYS F 87 -4.22 -27.78 4.47
C CYS F 87 -3.47 -26.96 3.42
N LYS F 88 -2.48 -27.59 2.80
CA LYS F 88 -1.69 -26.98 1.73
C LYS F 88 -2.45 -26.00 0.85
N ASN F 89 -3.59 -26.46 0.35
CA ASN F 89 -4.35 -25.75 -0.69
C ASN F 89 -5.52 -24.91 -0.20
N GLU F 90 -5.74 -24.91 1.11
CA GLU F 90 -6.88 -24.22 1.68
C GLU F 90 -6.62 -22.72 1.65
N GLU F 91 -7.68 -21.96 1.41
CA GLU F 91 -7.59 -20.51 1.40
C GLU F 91 -7.74 -19.96 2.81
N GLU F 92 -8.38 -20.73 3.69
CA GLU F 92 -8.57 -20.29 5.07
C GLU F 92 -8.91 -21.49 5.96
N ILE F 93 -8.27 -21.57 7.13
CA ILE F 93 -8.56 -22.64 8.08
C ILE F 93 -8.95 -22.12 9.46
N PHE F 94 -9.77 -22.89 10.17
CA PHE F 94 -10.29 -22.46 11.45
C PHE F 94 -9.79 -23.32 12.59
N ILE F 95 -9.07 -22.69 13.51
CA ILE F 95 -8.68 -23.34 14.74
C ILE F 95 -9.90 -23.22 15.64
N PHE F 96 -10.48 -24.37 15.97
CA PHE F 96 -11.79 -24.42 16.56
C PHE F 96 -11.64 -24.59 18.07
N GLY F 97 -10.39 -24.67 18.51
CA GLY F 97 -10.07 -24.60 19.92
C GLY F 97 -9.72 -25.86 20.69
N GLY F 98 -9.85 -25.75 22.00
CA GLY F 98 -8.89 -26.28 22.95
C GLY F 98 -7.90 -25.14 23.19
N ALA F 99 -7.76 -24.73 24.44
CA ALA F 99 -6.78 -23.70 24.78
C ALA F 99 -5.38 -24.04 24.25
N GLN F 100 -4.97 -25.30 24.45
CA GLN F 100 -3.67 -25.82 24.01
C GLN F 100 -3.53 -25.73 22.49
N ILE F 101 -4.65 -25.91 21.80
CA ILE F 101 -4.62 -25.83 20.35
C ILE F 101 -4.35 -24.40 19.89
N TYR F 102 -5.03 -23.42 20.50
CA TYR F 102 -4.74 -22.02 20.19
C TYR F 102 -3.26 -21.65 20.36
N ASP F 103 -2.65 -22.12 21.44
CA ASP F 103 -1.24 -21.87 21.71
C ASP F 103 -0.34 -22.43 20.62
N LEU F 104 -0.67 -23.62 20.13
CA LEU F 104 0.09 -24.26 19.06
C LEU F 104 0.08 -23.40 17.81
N PHE F 105 -1.05 -22.77 17.51
CA PHE F 105 -1.19 -22.05 16.24
C PHE F 105 -1.02 -20.55 16.42
N LEU F 106 -0.85 -20.11 17.67
CA LEU F 106 -0.60 -18.70 17.95
C LEU F 106 0.48 -18.06 17.06
N PRO F 107 1.61 -18.74 16.83
CA PRO F 107 2.64 -18.08 16.02
C PRO F 107 2.21 -17.80 14.57
N TYR F 108 1.10 -18.39 14.12
CA TYR F 108 0.75 -18.36 12.70
C TYR F 108 -0.56 -17.66 12.43
N VAL F 109 -1.25 -17.26 13.49
CA VAL F 109 -2.62 -16.79 13.38
C VAL F 109 -2.67 -15.46 12.63
N ASP F 110 -3.64 -15.32 11.73
CA ASP F 110 -3.77 -14.12 10.93
C ASP F 110 -5.10 -13.40 11.15
N LYS F 111 -6.07 -14.11 11.73
CA LYS F 111 -7.43 -13.59 11.84
C LYS F 111 -8.12 -14.12 13.09
N LEU F 112 -8.89 -13.26 13.76
CA LEU F 112 -9.61 -13.69 14.94
C LEU F 112 -11.11 -13.45 14.83
N TYR F 113 -11.88 -14.54 14.94
CA TYR F 113 -13.34 -14.44 14.96
C TYR F 113 -13.73 -14.77 16.39
N ILE F 114 -14.01 -13.73 17.16
CA ILE F 114 -14.26 -13.89 18.59
C ILE F 114 -15.68 -13.47 18.96
N THR F 115 -16.45 -14.41 19.49
CA THR F 115 -17.75 -14.09 20.04
C THR F 115 -17.61 -13.77 21.53
N LYS F 116 -18.01 -12.57 21.90
CA LYS F 116 -17.92 -12.12 23.28
C LYS F 116 -19.29 -12.08 23.95
N ILE F 117 -19.46 -12.97 24.93
CA ILE F 117 -20.71 -13.08 25.66
C ILE F 117 -20.68 -12.19 26.90
N HIS F 118 -21.61 -11.25 26.99
CA HIS F 118 -21.61 -10.30 28.11
C HIS F 118 -22.18 -10.90 29.38
N HIS F 119 -21.55 -11.95 29.88
CA HIS F 119 -22.02 -12.58 31.09
C HIS F 119 -20.83 -13.31 31.72
N ALA F 120 -20.92 -13.56 33.02
CA ALA F 120 -19.89 -14.31 33.72
C ALA F 120 -20.39 -15.70 34.09
N PHE F 121 -19.80 -16.72 33.48
CA PHE F 121 -20.20 -18.08 33.82
C PHE F 121 -19.16 -18.70 34.72
N GLU F 122 -19.54 -19.85 35.27
CA GLU F 122 -18.61 -20.69 35.98
C GLU F 122 -17.82 -21.56 34.96
N GLY F 123 -16.49 -21.51 34.97
CA GLY F 123 -15.70 -22.21 33.96
C GLY F 123 -14.41 -22.88 34.42
N ASP F 124 -13.89 -23.80 33.62
CA ASP F 124 -12.63 -24.47 33.94
C ASP F 124 -11.61 -24.47 32.79
N THR F 125 -11.97 -23.82 31.69
CA THR F 125 -11.05 -23.68 30.55
C THR F 125 -11.14 -22.26 30.00
N PHE F 126 -10.02 -21.73 29.52
CA PHE F 126 -9.98 -20.33 29.13
C PHE F 126 -9.30 -20.08 27.79
N PHE F 127 -9.70 -18.99 27.14
CA PHE F 127 -9.04 -18.54 25.92
C PHE F 127 -7.78 -17.79 26.35
N PRO F 128 -6.61 -18.30 25.93
CA PRO F 128 -5.32 -17.67 26.27
C PRO F 128 -5.31 -16.17 25.97
N GLU F 129 -4.71 -15.39 26.85
CA GLU F 129 -4.54 -13.95 26.64
C GLU F 129 -3.78 -13.62 25.37
N MET F 130 -4.15 -12.51 24.74
CA MET F 130 -3.49 -12.06 23.53
C MET F 130 -3.25 -10.56 23.61
N ASP F 131 -2.07 -10.12 23.20
CA ASP F 131 -1.80 -8.69 23.12
C ASP F 131 -2.60 -8.13 21.96
N MET F 132 -3.72 -7.48 22.29
CA MET F 132 -4.65 -6.98 21.28
C MET F 132 -4.21 -5.65 20.69
N THR F 133 -3.11 -5.10 21.20
CA THR F 133 -2.58 -3.86 20.63
C THR F 133 -2.06 -4.15 19.23
N ASN F 134 -1.74 -5.42 19.01
CA ASN F 134 -1.32 -5.94 17.71
C ASN F 134 -2.46 -6.23 16.72
N TRP F 135 -3.71 -6.12 17.18
CA TRP F 135 -4.84 -6.53 16.35
C TRP F 135 -5.77 -5.39 15.98
N LYS F 136 -6.52 -5.58 14.90
CA LYS F 136 -7.37 -4.52 14.37
C LYS F 136 -8.74 -5.07 13.98
N GLU F 137 -9.78 -4.56 14.62
CA GLU F 137 -11.15 -4.97 14.31
C GLU F 137 -11.55 -4.55 12.91
N VAL F 138 -12.10 -5.50 12.14
CA VAL F 138 -12.57 -5.20 10.80
C VAL F 138 -14.08 -5.39 10.63
N PHE F 139 -14.71 -6.02 11.61
CA PHE F 139 -16.15 -6.23 11.56
C PHE F 139 -16.70 -6.47 12.97
N VAL F 140 -17.92 -6.01 13.22
CA VAL F 140 -18.62 -6.31 14.47
C VAL F 140 -20.12 -6.40 14.20
N GLU F 141 -20.82 -7.24 14.96
CA GLU F 141 -22.28 -7.33 14.86
C GLU F 141 -22.87 -7.91 16.13
N LYS F 142 -23.91 -7.25 16.64
CA LYS F 142 -24.61 -7.74 17.82
C LYS F 142 -25.41 -9.00 17.49
N GLY F 143 -25.22 -10.03 18.30
CA GLY F 143 -25.89 -11.30 18.12
C GLY F 143 -27.37 -11.24 18.41
N LEU F 144 -28.10 -12.25 17.93
CA LEU F 144 -29.53 -12.34 18.18
C LEU F 144 -29.79 -12.79 19.60
N THR F 145 -30.41 -11.94 20.40
CA THR F 145 -30.81 -12.30 21.76
C THR F 145 -32.32 -12.48 21.82
N ASP F 146 -32.74 -13.67 22.26
CA ASP F 146 -34.17 -13.99 22.31
C ASP F 146 -34.47 -15.17 23.22
N GLU F 147 -35.63 -15.78 23.04
CA GLU F 147 -36.08 -16.82 23.96
C GLU F 147 -35.13 -18.01 23.96
N LYS F 148 -34.60 -18.33 22.78
CA LYS F 148 -33.65 -19.44 22.65
C LYS F 148 -32.21 -19.03 22.91
N ASN F 149 -31.95 -17.73 22.90
CA ASN F 149 -30.60 -17.22 23.11
C ASN F 149 -30.58 -16.14 24.18
N PRO F 150 -30.61 -16.56 25.45
CA PRO F 150 -30.94 -15.67 26.57
C PRO F 150 -29.77 -14.91 27.18
N TYR F 151 -28.74 -14.64 26.37
CA TYR F 151 -27.66 -13.76 26.79
C TYR F 151 -27.35 -12.72 25.73
N THR F 152 -26.68 -11.66 26.16
CA THR F 152 -26.19 -10.64 25.24
C THR F 152 -24.77 -11.00 24.83
N TYR F 153 -24.49 -10.89 23.53
CA TYR F 153 -23.19 -11.29 23.00
C TYR F 153 -22.94 -10.60 21.66
N TYR F 154 -21.67 -10.39 21.32
CA TYR F 154 -21.35 -9.71 20.06
C TYR F 154 -20.31 -10.52 19.29
N TYR F 155 -20.45 -10.54 17.97
CA TYR F 155 -19.40 -11.09 17.13
C TYR F 155 -18.34 -10.03 16.80
N HIS F 156 -17.07 -10.40 16.97
CA HIS F 156 -15.95 -9.59 16.52
C HIS F 156 -15.00 -10.39 15.64
N VAL F 157 -14.53 -9.74 14.58
CA VAL F 157 -13.48 -10.29 13.74
C VAL F 157 -12.33 -9.30 13.69
N TYR F 158 -11.12 -9.79 13.97
CA TYR F 158 -9.91 -8.97 14.00
C TYR F 158 -8.88 -9.47 12.99
N GLU F 159 -8.19 -8.53 12.36
CA GLU F 159 -7.02 -8.87 11.54
C GLU F 159 -5.75 -8.26 12.13
N LYS F 160 -4.59 -8.72 11.67
CA LYS F 160 -3.34 -8.13 12.14
C LYS F 160 -3.22 -6.67 11.77
N GLN F 161 -2.80 -5.87 12.75
CA GLN F 161 -2.58 -4.45 12.54
C GLN F 161 -1.29 -4.27 11.78
N GLN F 162 -1.31 -3.38 10.81
CA GLN F 162 -0.14 -3.17 9.98
C GLN F 162 0.91 -2.39 10.75
N LEU F 163 2.17 -2.72 10.50
CA LEU F 163 3.27 -1.98 11.07
C LEU F 163 3.66 -0.73 10.29
N VAL F 164 3.75 0.37 11.01
CA VAL F 164 4.23 1.63 10.47
C VAL F 164 5.72 1.74 10.82
N PRO F 165 6.57 1.90 9.80
CA PRO F 165 8.03 1.89 10.01
C PRO F 165 8.51 3.06 10.85
N ARG F 166 9.55 2.81 11.65
CA ARG F 166 10.25 3.88 12.35
C ARG F 166 11.15 4.65 11.39
N MET G 1 19.94 -0.07 -48.42
CA MET G 1 18.49 -0.09 -48.44
C MET G 1 17.96 -0.97 -47.33
N ILE G 2 17.15 -0.39 -46.45
CA ILE G 2 16.52 -1.14 -45.37
C ILE G 2 15.24 -1.84 -45.83
N VAL G 3 15.20 -3.16 -45.69
CA VAL G 3 14.05 -3.94 -46.13
C VAL G 3 13.18 -4.26 -44.90
N SER G 4 12.01 -3.63 -44.85
CA SER G 4 11.16 -3.70 -43.67
C SER G 4 9.84 -4.44 -43.91
N PHE G 5 9.54 -5.39 -43.04
CA PHE G 5 8.22 -6.04 -43.01
C PHE G 5 7.20 -5.22 -42.24
N MET G 6 6.06 -4.95 -42.86
CA MET G 6 4.95 -4.35 -42.12
C MET G 6 3.82 -5.36 -42.09
N VAL G 7 3.40 -5.76 -40.89
CA VAL G 7 2.41 -6.82 -40.74
C VAL G 7 1.52 -6.64 -39.52
N ALA G 8 0.31 -7.16 -39.61
CA ALA G 8 -0.57 -7.29 -38.46
C ALA G 8 -1.05 -8.73 -38.40
N MET G 9 -0.79 -9.38 -37.27
CA MET G 9 -1.15 -10.79 -37.11
C MET G 9 -1.76 -11.04 -35.74
N ASP G 10 -2.46 -12.15 -35.62
CA ASP G 10 -3.09 -12.52 -34.36
C ASP G 10 -2.21 -13.46 -33.54
N GLU G 11 -2.78 -14.05 -32.49
CA GLU G 11 -1.98 -14.89 -31.60
C GLU G 11 -1.43 -16.12 -32.30
N ASN G 12 -2.05 -16.49 -33.43
CA ASN G 12 -1.57 -17.61 -34.22
C ASN G 12 -0.90 -17.18 -35.52
N ARG G 13 -0.53 -15.90 -35.60
CA ARG G 13 0.13 -15.38 -36.79
C ARG G 13 -0.79 -15.39 -38.01
N VAL G 14 -2.09 -15.44 -37.77
CA VAL G 14 -3.05 -15.29 -38.85
C VAL G 14 -2.92 -13.87 -39.35
N ILE G 15 -2.84 -13.68 -40.66
CA ILE G 15 -2.76 -12.33 -41.20
C ILE G 15 -3.87 -12.05 -42.18
N GLY G 16 -4.70 -13.05 -42.45
CA GLY G 16 -5.78 -12.87 -43.40
C GLY G 16 -6.78 -14.00 -43.35
N LYS G 17 -7.98 -13.71 -43.83
CA LYS G 17 -9.01 -14.70 -44.02
C LYS G 17 -9.80 -14.31 -45.26
N ASP G 18 -9.81 -15.21 -46.24
CA ASP G 18 -10.49 -14.96 -47.50
C ASP G 18 -10.09 -13.61 -48.08
N ASN G 19 -8.78 -13.37 -48.15
CA ASN G 19 -8.20 -12.14 -48.70
C ASN G 19 -8.57 -10.87 -47.94
N ASN G 20 -9.17 -11.03 -46.77
CA ASN G 20 -9.54 -9.89 -45.95
C ASN G 20 -9.03 -10.03 -44.52
N LEU G 21 -8.92 -8.90 -43.82
CA LEU G 21 -8.55 -8.94 -42.42
C LEU G 21 -9.76 -9.42 -41.64
N PRO G 22 -9.53 -10.35 -40.69
CA PRO G 22 -10.61 -10.83 -39.82
C PRO G 22 -11.00 -9.81 -38.76
N TRP G 23 -10.19 -8.78 -38.60
CA TRP G 23 -10.45 -7.70 -37.65
C TRP G 23 -10.66 -6.38 -38.39
N ARG G 24 -11.37 -5.45 -37.75
CA ARG G 24 -11.44 -4.09 -38.27
C ARG G 24 -10.86 -3.07 -37.29
N LEU G 25 -9.63 -2.62 -37.55
CA LEU G 25 -8.94 -1.70 -36.65
C LEU G 25 -8.47 -0.46 -37.38
N PRO G 26 -9.38 0.51 -37.57
CA PRO G 26 -9.07 1.75 -38.29
C PRO G 26 -7.80 2.41 -37.77
N SER G 27 -7.61 2.39 -36.44
CA SER G 27 -6.44 2.99 -35.82
C SER G 27 -5.14 2.32 -36.25
N GLU G 28 -5.15 1.00 -36.33
CA GLU G 28 -3.99 0.24 -36.80
C GLU G 28 -3.55 0.67 -38.19
N LEU G 29 -4.52 0.90 -39.05
CA LEU G 29 -4.26 1.33 -40.42
C LEU G 29 -3.74 2.77 -40.45
N GLN G 30 -4.16 3.54 -39.45
CA GLN G 30 -3.64 4.89 -39.25
C GLN G 30 -2.16 4.88 -38.89
N TYR G 31 -1.76 3.86 -38.14
CA TYR G 31 -0.38 3.63 -37.75
C TYR G 31 0.42 3.29 -38.99
N VAL G 32 -0.18 2.45 -39.83
CA VAL G 32 0.42 2.05 -41.08
C VAL G 32 0.69 3.25 -41.98
N LYS G 33 -0.29 4.12 -42.14
CA LYS G 33 -0.11 5.28 -43.02
C LYS G 33 1.04 6.16 -42.50
N LYS G 34 1.06 6.43 -41.20
CA LYS G 34 2.12 7.23 -40.60
C LYS G 34 3.52 6.65 -40.80
N THR G 35 3.67 5.37 -40.48
CA THR G 35 4.99 4.75 -40.48
C THR G 35 5.57 4.63 -41.89
N THR G 36 4.74 4.31 -42.87
CA THR G 36 5.25 4.04 -44.21
C THR G 36 5.31 5.25 -45.13
N MET G 37 5.07 6.44 -44.60
CA MET G 37 5.10 7.67 -45.39
C MET G 37 6.48 7.97 -46.02
N GLY G 38 6.53 8.16 -47.34
CA GLY G 38 7.76 8.54 -48.03
C GLY G 38 8.80 7.47 -48.33
N HIS G 39 8.36 6.22 -48.18
CA HIS G 39 9.13 5.04 -48.52
C HIS G 39 8.24 4.20 -49.42
N PRO G 40 8.81 3.21 -50.12
CA PRO G 40 7.97 2.46 -51.05
C PRO G 40 7.13 1.41 -50.34
N LEU G 41 6.05 0.97 -51.00
CA LEU G 41 5.17 -0.05 -50.44
C LEU G 41 5.02 -1.21 -51.42
N ILE G 42 5.60 -2.35 -51.07
CA ILE G 42 5.57 -3.53 -51.94
C ILE G 42 4.57 -4.56 -51.47
N MET G 43 3.60 -4.87 -52.33
CA MET G 43 2.59 -5.87 -52.02
C MET G 43 2.23 -6.77 -53.20
N GLY G 44 1.80 -7.98 -52.88
CA GLY G 44 1.33 -8.91 -53.89
C GLY G 44 0.03 -8.41 -54.51
N ARG G 45 -0.33 -8.98 -55.65
CA ARG G 45 -1.54 -8.60 -56.37
C ARG G 45 -2.80 -8.80 -55.56
N LYS G 46 -2.94 -9.98 -55.00
CA LYS G 46 -4.09 -10.32 -54.16
C LYS G 46 -4.30 -9.28 -53.08
N ASN G 47 -3.21 -8.97 -52.39
CA ASN G 47 -3.21 -8.00 -51.31
C ASN G 47 -3.67 -6.63 -51.78
N TYR G 48 -3.20 -6.21 -52.95
CA TYR G 48 -3.53 -4.89 -53.46
C TYR G 48 -5.02 -4.89 -53.80
N GLU G 49 -5.49 -5.98 -54.42
CA GLU G 49 -6.88 -6.11 -54.86
C GLU G 49 -7.90 -6.14 -53.73
N ALA G 50 -7.47 -6.53 -52.53
CA ALA G 50 -8.35 -6.50 -51.38
C ALA G 50 -8.53 -5.09 -50.82
N ILE G 51 -7.59 -4.21 -51.14
CA ILE G 51 -7.64 -2.82 -50.70
C ILE G 51 -8.43 -1.94 -51.68
N GLY G 52 -8.36 -2.28 -52.95
CA GLY G 52 -9.10 -1.55 -53.97
C GLY G 52 -8.31 -0.47 -54.67
N ARG G 53 -8.02 0.61 -53.95
CA ARG G 53 -7.27 1.73 -54.51
C ARG G 53 -5.84 1.77 -53.97
N PRO G 54 -4.98 2.53 -54.64
CA PRO G 54 -3.59 2.68 -54.21
C PRO G 54 -3.46 3.66 -53.06
N LEU G 55 -2.78 3.25 -51.99
CA LEU G 55 -2.59 4.12 -50.84
C LEU G 55 -1.77 5.31 -51.36
N PRO G 56 -2.38 6.51 -51.38
CA PRO G 56 -1.74 7.69 -51.95
C PRO G 56 -0.59 8.18 -51.11
N GLY G 57 0.31 9.01 -51.65
CA GLY G 57 1.39 9.49 -50.81
C GLY G 57 2.35 8.34 -50.66
N ARG G 58 2.30 7.36 -51.56
CA ARG G 58 3.23 6.25 -51.46
C ARG G 58 3.54 5.61 -52.80
N ARG G 59 4.78 5.15 -52.98
CA ARG G 59 5.07 4.34 -54.15
C ARG G 59 4.36 3.00 -53.94
N ASN G 60 3.31 2.73 -54.68
CA ASN G 60 2.71 1.42 -54.62
C ASN G 60 3.35 0.50 -55.66
N ILE G 61 3.99 -0.56 -55.18
CA ILE G 61 4.60 -1.52 -56.09
C ILE G 61 3.94 -2.88 -55.97
N ILE G 62 3.35 -3.34 -57.07
CA ILE G 62 2.66 -4.62 -57.07
C ILE G 62 3.57 -5.70 -57.64
N VAL G 63 3.57 -6.84 -56.97
CA VAL G 63 4.43 -7.94 -57.34
C VAL G 63 3.59 -9.09 -57.87
N THR G 64 3.82 -9.45 -59.12
CA THR G 64 3.06 -10.51 -59.74
C THR G 64 3.86 -11.12 -60.90
N ARG G 65 3.66 -12.41 -61.12
CA ARG G 65 4.31 -13.13 -62.21
C ARG G 65 3.81 -12.64 -63.55
N ASN G 66 2.66 -11.97 -63.53
CA ASN G 66 1.95 -11.61 -64.76
C ASN G 66 2.58 -10.45 -65.53
N GLU G 67 3.33 -10.76 -66.58
CA GLU G 67 4.06 -9.75 -67.34
C GLU G 67 3.11 -8.77 -68.00
N GLY G 68 1.85 -9.16 -68.13
CA GLY G 68 0.83 -8.31 -68.72
C GLY G 68 -0.06 -7.58 -67.73
N TYR G 69 0.29 -7.66 -66.46
CA TYR G 69 -0.49 -7.01 -65.41
C TYR G 69 -0.13 -5.54 -65.25
N HIS G 70 -1.14 -4.67 -65.30
CA HIS G 70 -0.91 -3.23 -65.18
C HIS G 70 -2.03 -2.57 -64.38
N VAL G 71 -1.67 -1.57 -63.58
CA VAL G 71 -2.66 -0.88 -62.75
C VAL G 71 -2.35 0.61 -62.66
N GLU G 72 -3.31 1.44 -63.01
CA GLU G 72 -3.13 2.89 -62.97
C GLU G 72 -2.69 3.36 -61.59
N GLY G 73 -1.62 4.14 -61.54
CA GLY G 73 -1.14 4.72 -60.31
C GLY G 73 -0.26 3.76 -59.52
N CYS G 74 -0.02 2.58 -60.10
CA CYS G 74 0.85 1.60 -59.45
C CYS G 74 1.93 1.09 -60.40
N GLU G 75 3.06 0.71 -59.83
CA GLU G 75 4.12 0.09 -60.61
C GLU G 75 4.06 -1.42 -60.39
N VAL G 76 4.46 -2.20 -61.39
CA VAL G 76 4.36 -3.65 -61.30
C VAL G 76 5.72 -4.32 -61.45
N ALA G 77 6.15 -5.05 -60.43
CA ALA G 77 7.39 -5.81 -60.52
C ALA G 77 7.06 -7.31 -60.56
N HIS G 78 7.96 -8.10 -61.15
CA HIS G 78 7.67 -9.50 -61.42
C HIS G 78 8.62 -10.46 -60.70
N SER G 79 9.52 -9.90 -59.90
CA SER G 79 10.55 -10.69 -59.27
C SER G 79 11.13 -9.90 -58.12
N VAL G 80 11.80 -10.60 -57.19
CA VAL G 80 12.52 -9.93 -56.13
C VAL G 80 13.55 -9.00 -56.78
N GLU G 81 14.23 -9.52 -57.79
CA GLU G 81 15.26 -8.78 -58.52
C GLU G 81 14.69 -7.46 -59.05
N GLU G 82 13.49 -7.53 -59.62
CA GLU G 82 12.85 -6.36 -60.20
C GLU G 82 12.45 -5.31 -59.16
N VAL G 83 11.99 -5.77 -58.00
CA VAL G 83 11.71 -4.87 -56.88
C VAL G 83 12.95 -4.11 -56.41
N PHE G 84 14.11 -4.79 -56.38
CA PHE G 84 15.35 -4.16 -55.94
C PHE G 84 15.92 -3.11 -56.91
N GLU G 85 15.81 -3.36 -58.21
CA GLU G 85 16.13 -2.36 -59.23
C GLU G 85 15.27 -1.11 -59.15
N LEU G 86 13.96 -1.32 -59.14
CA LEU G 86 13.00 -0.24 -58.95
C LEU G 86 13.33 0.59 -57.71
N CYS G 87 13.74 -0.07 -56.63
CA CYS G 87 14.03 0.64 -55.38
C CYS G 87 15.52 0.84 -55.09
N LYS G 88 16.37 0.75 -56.11
CA LYS G 88 17.82 0.81 -55.91
C LYS G 88 18.28 2.07 -55.16
N ASN G 89 17.52 3.15 -55.28
CA ASN G 89 17.87 4.42 -54.66
C ASN G 89 17.07 4.71 -53.40
N GLU G 90 16.39 3.70 -52.88
CA GLU G 90 15.49 3.91 -51.75
C GLU G 90 16.15 3.72 -50.39
N GLU G 91 15.66 4.50 -49.43
CA GLU G 91 16.13 4.50 -48.06
C GLU G 91 15.61 3.27 -47.32
N GLU G 92 14.31 3.01 -47.46
CA GLU G 92 13.65 1.93 -46.74
C GLU G 92 12.42 1.54 -47.53
N ILE G 93 12.19 0.24 -47.67
CA ILE G 93 10.97 -0.23 -48.31
C ILE G 93 10.16 -1.09 -47.35
N PHE G 94 8.86 -1.08 -47.52
CA PHE G 94 7.97 -1.86 -46.67
C PHE G 94 7.34 -3.02 -47.43
N ILE G 95 7.70 -4.24 -47.04
CA ILE G 95 7.09 -5.44 -47.60
C ILE G 95 5.74 -5.54 -46.93
N PHE G 96 4.70 -5.42 -47.72
CA PHE G 96 3.39 -5.19 -47.15
C PHE G 96 2.51 -6.45 -47.17
N GLY G 97 3.05 -7.55 -47.67
CA GLY G 97 2.37 -8.84 -47.48
C GLY G 97 1.72 -9.60 -48.61
N GLY G 98 0.93 -10.59 -48.19
CA GLY G 98 0.79 -11.85 -48.87
C GLY G 98 1.88 -12.69 -48.22
N ALA G 99 1.48 -13.83 -47.66
CA ALA G 99 2.42 -14.80 -47.09
C ALA G 99 3.59 -15.06 -48.04
N GLN G 100 3.27 -15.26 -49.30
CA GLN G 100 4.24 -15.66 -50.30
C GLN G 100 5.22 -14.53 -50.58
N ILE G 101 4.75 -13.29 -50.46
CA ILE G 101 5.61 -12.14 -50.64
C ILE G 101 6.59 -11.99 -49.47
N TYR G 102 6.12 -12.23 -48.26
CA TYR G 102 7.02 -12.26 -47.12
C TYR G 102 8.10 -13.30 -47.31
N ASP G 103 7.71 -14.51 -47.70
CA ASP G 103 8.66 -15.59 -47.94
C ASP G 103 9.72 -15.17 -48.95
N LEU G 104 9.30 -14.57 -50.05
CA LEU G 104 10.24 -14.15 -51.08
C LEU G 104 11.29 -13.17 -50.55
N PHE G 105 10.90 -12.30 -49.63
CA PHE G 105 11.80 -11.25 -49.16
C PHE G 105 12.50 -11.58 -47.84
N LEU G 106 12.19 -12.75 -47.30
CA LEU G 106 12.75 -13.22 -46.04
C LEU G 106 14.29 -13.16 -45.99
N PRO G 107 14.94 -13.57 -47.10
CA PRO G 107 16.40 -13.59 -47.07
C PRO G 107 17.02 -12.19 -46.96
N TYR G 108 16.22 -11.14 -47.12
CA TYR G 108 16.75 -9.78 -47.17
C TYR G 108 16.29 -8.86 -46.05
N VAL G 109 15.35 -9.34 -45.22
CA VAL G 109 14.71 -8.47 -44.25
C VAL G 109 15.67 -8.00 -43.15
N ASP G 110 15.62 -6.71 -42.87
CA ASP G 110 16.53 -6.08 -41.90
C ASP G 110 15.75 -5.57 -40.69
N LYS G 111 14.44 -5.39 -40.86
CA LYS G 111 13.66 -4.70 -39.84
C LYS G 111 12.21 -5.20 -39.89
N LEU G 112 11.63 -5.39 -38.71
CA LEU G 112 10.27 -5.90 -38.61
C LEU G 112 9.34 -4.93 -37.89
N TYR G 113 8.27 -4.52 -38.57
CA TYR G 113 7.22 -3.73 -37.94
C TYR G 113 5.98 -4.61 -37.77
N ILE G 114 5.83 -5.16 -36.56
CA ILE G 114 4.77 -6.12 -36.29
C ILE G 114 3.72 -5.59 -35.32
N THR G 115 2.47 -5.50 -35.77
CA THR G 115 1.34 -5.26 -34.88
C THR G 115 0.80 -6.60 -34.37
N LYS G 116 0.79 -6.81 -33.06
CA LYS G 116 0.31 -8.08 -32.50
C LYS G 116 -1.08 -7.96 -31.87
N ILE G 117 -2.07 -8.62 -32.47
CA ILE G 117 -3.43 -8.57 -31.95
C ILE G 117 -3.72 -9.74 -31.00
N HIS G 118 -4.16 -9.42 -29.78
CA HIS G 118 -4.37 -10.42 -28.72
C HIS G 118 -5.71 -11.15 -28.82
N HIS G 119 -5.90 -11.89 -29.90
CA HIS G 119 -7.13 -12.65 -30.13
C HIS G 119 -6.84 -13.75 -31.12
N ALA G 120 -7.73 -14.74 -31.21
CA ALA G 120 -7.61 -15.77 -32.23
C ALA G 120 -8.75 -15.67 -33.22
N PHE G 121 -8.43 -15.43 -34.48
CA PHE G 121 -9.46 -15.32 -35.50
C PHE G 121 -9.46 -16.57 -36.38
N GLU G 122 -10.47 -16.69 -37.23
CA GLU G 122 -10.46 -17.69 -38.28
C GLU G 122 -9.57 -17.19 -39.42
N GLY G 123 -8.51 -17.94 -39.70
CA GLY G 123 -7.57 -17.53 -40.72
C GLY G 123 -7.28 -18.66 -41.71
N ASP G 124 -6.81 -18.28 -42.90
CA ASP G 124 -6.44 -19.24 -43.91
C ASP G 124 -5.08 -18.91 -44.51
N THR G 125 -4.41 -17.93 -43.89
CA THR G 125 -3.09 -17.53 -44.33
C THR G 125 -2.37 -16.92 -43.14
N PHE G 126 -1.06 -17.11 -43.10
CA PHE G 126 -0.26 -16.80 -41.92
C PHE G 126 1.04 -16.10 -42.23
N PHE G 127 1.54 -15.38 -41.23
CA PHE G 127 2.85 -14.75 -41.30
C PHE G 127 3.91 -15.81 -41.04
N PRO G 128 4.89 -15.91 -41.95
CA PRO G 128 5.94 -16.91 -41.87
C PRO G 128 6.54 -16.88 -40.49
N GLU G 129 6.86 -18.07 -40.03
CA GLU G 129 7.57 -18.25 -38.79
C GLU G 129 8.93 -17.53 -38.88
N MET G 130 9.41 -16.97 -37.77
CA MET G 130 10.73 -16.33 -37.73
C MET G 130 11.47 -16.55 -36.40
N ASP G 131 12.77 -16.81 -36.48
CA ASP G 131 13.61 -16.95 -35.29
C ASP G 131 13.93 -15.58 -34.68
N MET G 132 13.19 -15.18 -33.65
CA MET G 132 13.31 -13.85 -33.08
C MET G 132 14.54 -13.64 -32.18
N THR G 133 15.34 -14.68 -32.00
CA THR G 133 16.57 -14.56 -31.21
C THR G 133 17.61 -13.71 -31.94
N ASN G 134 17.41 -13.52 -33.24
CA ASN G 134 18.25 -12.67 -34.05
C ASN G 134 17.85 -11.20 -33.96
N TRP G 135 16.72 -10.93 -33.32
CA TRP G 135 16.12 -9.60 -33.36
C TRP G 135 16.05 -8.92 -31.99
N LYS G 136 16.10 -7.60 -32.00
CA LYS G 136 15.99 -6.77 -30.79
C LYS G 136 14.81 -5.83 -30.92
N GLU G 137 13.98 -5.76 -29.88
CA GLU G 137 12.88 -4.80 -29.90
C GLU G 137 13.47 -3.42 -29.67
N VAL G 138 13.07 -2.46 -30.50
CA VAL G 138 13.56 -1.10 -30.35
C VAL G 138 12.39 -0.17 -30.09
N PHE G 139 11.18 -0.68 -30.27
CA PHE G 139 9.99 0.09 -29.98
C PHE G 139 8.76 -0.76 -29.74
N VAL G 140 7.98 -0.36 -28.75
CA VAL G 140 6.70 -0.99 -28.48
C VAL G 140 5.67 0.07 -28.11
N GLU G 141 4.40 -0.17 -28.45
CA GLU G 141 3.33 0.72 -28.07
C GLU G 141 2.00 -0.01 -28.12
N LYS G 142 1.20 0.16 -27.07
CA LYS G 142 -0.13 -0.45 -27.01
C LYS G 142 -1.08 0.32 -27.91
N GLY G 143 -1.78 -0.39 -28.79
CA GLY G 143 -2.74 0.21 -29.70
C GLY G 143 -3.98 0.76 -29.01
N LEU G 144 -4.69 1.64 -29.71
CA LEU G 144 -5.91 2.24 -29.18
C LEU G 144 -7.06 1.25 -29.21
N THR G 145 -7.57 0.88 -28.03
CA THR G 145 -8.72 -0.02 -27.97
C THR G 145 -9.97 0.75 -27.54
N ASP G 146 -11.00 0.71 -28.40
CA ASP G 146 -12.24 1.44 -28.15
C ASP G 146 -13.39 0.87 -28.97
N GLU G 147 -14.49 1.62 -29.05
CA GLU G 147 -15.67 1.15 -29.76
C GLU G 147 -15.32 0.76 -31.20
N LYS G 148 -14.45 1.55 -31.84
CA LYS G 148 -14.14 1.30 -33.25
C LYS G 148 -13.03 0.27 -33.42
N ASN G 149 -12.26 0.04 -32.36
CA ASN G 149 -11.15 -0.90 -32.39
C ASN G 149 -11.27 -1.84 -31.21
N PRO G 150 -12.12 -2.87 -31.32
CA PRO G 150 -12.55 -3.62 -30.13
C PRO G 150 -11.42 -4.40 -29.45
N TYR G 151 -10.44 -4.83 -30.23
CA TYR G 151 -9.41 -5.75 -29.73
C TYR G 151 -8.21 -5.07 -29.09
N THR G 152 -7.48 -5.86 -28.29
CA THR G 152 -6.21 -5.43 -27.69
C THR G 152 -5.08 -5.82 -28.60
N TYR G 153 -4.28 -4.82 -28.96
CA TYR G 153 -3.14 -5.03 -29.83
C TYR G 153 -1.97 -4.11 -29.48
N TYR G 154 -0.77 -4.49 -29.91
CA TYR G 154 0.43 -3.73 -29.62
C TYR G 154 1.28 -3.56 -30.89
N TYR G 155 1.75 -2.36 -31.16
CA TYR G 155 2.78 -2.18 -32.20
C TYR G 155 4.16 -2.55 -31.66
N HIS G 156 4.90 -3.36 -32.42
CA HIS G 156 6.30 -3.70 -32.12
C HIS G 156 7.24 -3.43 -33.27
N VAL G 157 8.45 -2.97 -32.96
CA VAL G 157 9.48 -2.79 -33.97
C VAL G 157 10.76 -3.49 -33.55
N TYR G 158 11.28 -4.36 -34.43
CA TYR G 158 12.52 -5.08 -34.14
C TYR G 158 13.55 -4.78 -35.23
N GLU G 159 14.79 -4.59 -34.82
CA GLU G 159 15.92 -4.52 -35.75
C GLU G 159 16.88 -5.67 -35.44
N LYS G 160 17.83 -5.92 -36.33
CA LYS G 160 18.70 -7.07 -36.10
C LYS G 160 19.65 -6.92 -34.94
N GLN G 161 19.78 -7.99 -34.18
CA GLN G 161 20.66 -7.99 -33.04
C GLN G 161 22.12 -7.93 -33.51
N GLN G 162 22.84 -6.91 -33.06
CA GLN G 162 24.24 -6.76 -33.39
C GLN G 162 25.09 -7.73 -32.61
N LEU G 163 25.88 -8.50 -33.34
CA LEU G 163 26.78 -9.43 -32.70
C LEU G 163 28.14 -8.81 -32.41
N VAL G 164 28.66 -9.09 -31.22
CA VAL G 164 30.01 -8.64 -30.89
C VAL G 164 30.95 -9.76 -31.33
N PRO G 165 31.88 -9.45 -32.23
CA PRO G 165 32.82 -10.42 -32.80
C PRO G 165 33.66 -11.18 -31.78
N ARG G 166 33.96 -12.44 -32.07
CA ARG G 166 34.88 -13.22 -31.24
C ARG G 166 36.31 -12.86 -31.57
N MET H 1 -20.13 4.12 -33.05
CA MET H 1 -21.41 3.72 -32.51
C MET H 1 -21.70 4.55 -31.27
N ILE H 2 -22.99 4.82 -31.04
CA ILE H 2 -23.42 5.53 -29.85
C ILE H 2 -23.78 4.56 -28.73
N VAL H 3 -22.96 4.58 -27.67
CA VAL H 3 -23.21 3.77 -26.48
C VAL H 3 -24.13 4.53 -25.54
N SER H 4 -25.35 4.02 -25.42
CA SER H 4 -26.36 4.69 -24.60
C SER H 4 -26.69 3.90 -23.34
N PHE H 5 -26.84 4.61 -22.23
CA PHE H 5 -27.38 4.02 -21.02
C PHE H 5 -28.90 4.16 -21.03
N MET H 6 -29.59 3.05 -20.79
CA MET H 6 -31.02 3.09 -20.59
C MET H 6 -31.21 2.64 -19.15
N VAL H 7 -31.75 3.55 -18.35
CA VAL H 7 -31.91 3.30 -16.92
C VAL H 7 -33.19 3.93 -16.39
N ALA H 8 -33.75 3.31 -15.37
CA ALA H 8 -34.82 3.92 -14.60
C ALA H 8 -34.45 3.87 -13.13
N MET H 9 -34.43 5.02 -12.49
CA MET H 9 -34.00 5.09 -11.10
C MET H 9 -34.84 6.08 -10.33
N ASP H 10 -34.80 5.92 -9.02
CA ASP H 10 -35.55 6.76 -8.10
C ASP H 10 -34.70 7.91 -7.59
N GLU H 11 -35.25 8.64 -6.64
CA GLU H 11 -34.63 9.87 -6.17
C GLU H 11 -33.27 9.62 -5.51
N ASN H 12 -33.01 8.37 -5.14
CA ASN H 12 -31.72 7.99 -4.56
C ASN H 12 -30.92 7.02 -5.43
N ARG H 13 -31.24 6.98 -6.72
CA ARG H 13 -30.57 6.11 -7.68
C ARG H 13 -30.83 4.61 -7.54
N VAL H 14 -31.84 4.24 -6.76
CA VAL H 14 -32.22 2.82 -6.69
C VAL H 14 -32.68 2.36 -8.06
N ILE H 15 -32.20 1.19 -8.48
CA ILE H 15 -32.61 0.63 -9.76
C ILE H 15 -33.12 -0.79 -9.58
N GLY H 16 -33.05 -1.29 -8.35
CA GLY H 16 -33.54 -2.61 -8.06
C GLY H 16 -33.68 -2.94 -6.59
N LYS H 17 -34.53 -3.92 -6.32
CA LYS H 17 -34.66 -4.55 -5.02
C LYS H 17 -34.89 -6.02 -5.26
N ASP H 18 -34.05 -6.87 -4.68
CA ASP H 18 -34.13 -8.32 -4.83
C ASP H 18 -34.25 -8.76 -6.29
N ASN H 19 -33.47 -8.11 -7.16
CA ASN H 19 -33.45 -8.45 -8.59
C ASN H 19 -34.75 -8.11 -9.34
N ASN H 20 -35.62 -7.34 -8.70
CA ASN H 20 -36.84 -6.84 -9.35
C ASN H 20 -36.98 -5.32 -9.25
N LEU H 21 -37.98 -4.77 -9.95
CA LEU H 21 -38.26 -3.33 -9.93
C LEU H 21 -39.17 -3.00 -8.75
N PRO H 22 -38.77 -2.03 -7.91
CA PRO H 22 -39.61 -1.66 -6.78
C PRO H 22 -40.97 -1.07 -7.21
N TRP H 23 -41.05 -0.58 -8.44
CA TRP H 23 -42.25 0.06 -8.95
C TRP H 23 -42.86 -0.75 -10.09
N ARG H 24 -44.13 -0.57 -10.35
CA ARG H 24 -44.74 -1.17 -11.53
C ARG H 24 -45.23 -0.02 -12.40
N LEU H 25 -44.48 0.32 -13.44
CA LEU H 25 -44.87 1.39 -14.35
C LEU H 25 -44.89 0.93 -15.79
N PRO H 26 -46.03 0.37 -16.21
CA PRO H 26 -46.15 -0.19 -17.57
C PRO H 26 -45.93 0.89 -18.62
N SER H 27 -46.37 2.11 -18.33
CA SER H 27 -46.13 3.22 -19.25
C SER H 27 -44.64 3.46 -19.50
N GLU H 28 -43.84 3.44 -18.43
CA GLU H 28 -42.39 3.60 -18.51
C GLU H 28 -41.75 2.57 -19.44
N LEU H 29 -42.20 1.32 -19.28
CA LEU H 29 -41.71 0.18 -20.02
C LEU H 29 -42.08 0.28 -21.51
N GLN H 30 -43.23 0.87 -21.77
CA GLN H 30 -43.64 1.16 -23.14
C GLN H 30 -42.71 2.18 -23.78
N TYR H 31 -42.24 3.11 -22.98
CA TYR H 31 -41.27 4.10 -23.45
C TYR H 31 -39.95 3.44 -23.83
N VAL H 32 -39.52 2.50 -22.99
CA VAL H 32 -38.31 1.74 -23.28
C VAL H 32 -38.43 0.95 -24.57
N LYS H 33 -39.53 0.24 -24.73
CA LYS H 33 -39.76 -0.60 -25.89
C LYS H 33 -39.70 0.23 -27.18
N LYS H 34 -40.39 1.37 -27.19
CA LYS H 34 -40.41 2.22 -28.37
C LYS H 34 -39.00 2.74 -28.67
N THR H 35 -38.34 3.31 -27.67
CA THR H 35 -37.02 3.89 -27.86
C THR H 35 -35.94 2.90 -28.32
N THR H 36 -35.95 1.67 -27.81
CA THR H 36 -34.87 0.73 -28.12
C THR H 36 -35.17 -0.18 -29.31
N MET H 37 -36.36 -0.04 -29.89
CA MET H 37 -36.77 -0.85 -31.03
C MET H 37 -35.70 -0.82 -32.14
N GLY H 38 -35.28 -2.00 -32.58
CA GLY H 38 -34.28 -2.14 -33.64
C GLY H 38 -32.83 -1.91 -33.26
N HIS H 39 -32.55 -1.82 -31.96
CA HIS H 39 -31.18 -1.64 -31.47
C HIS H 39 -30.86 -2.69 -30.41
N PRO H 40 -29.58 -3.09 -30.36
CA PRO H 40 -29.07 -4.03 -29.35
C PRO H 40 -29.36 -3.60 -27.93
N LEU H 41 -29.82 -4.56 -27.14
CA LEU H 41 -30.00 -4.40 -25.72
C LEU H 41 -28.90 -5.18 -25.00
N ILE H 42 -28.04 -4.49 -24.26
CA ILE H 42 -26.96 -5.17 -23.56
C ILE H 42 -27.27 -5.20 -22.07
N MET H 43 -27.25 -6.39 -21.48
CA MET H 43 -27.58 -6.52 -20.07
C MET H 43 -26.88 -7.70 -19.42
N GLY H 44 -26.71 -7.61 -18.11
CA GLY H 44 -26.11 -8.70 -17.36
C GLY H 44 -27.08 -9.84 -17.15
N ARG H 45 -26.53 -11.03 -16.89
CA ARG H 45 -27.34 -12.22 -16.66
C ARG H 45 -28.42 -11.98 -15.62
N LYS H 46 -28.03 -11.41 -14.48
CA LYS H 46 -28.97 -11.10 -13.40
C LYS H 46 -30.16 -10.28 -13.89
N ASN H 47 -29.86 -9.20 -14.61
CA ASN H 47 -30.88 -8.37 -15.25
C ASN H 47 -31.81 -9.16 -16.16
N TYR H 48 -31.25 -10.02 -17.00
CA TYR H 48 -32.06 -10.81 -17.92
C TYR H 48 -32.95 -11.79 -17.18
N GLU H 49 -32.40 -12.43 -16.16
CA GLU H 49 -33.16 -13.43 -15.40
C GLU H 49 -34.32 -12.75 -14.68
N ALA H 50 -34.15 -11.47 -14.37
CA ALA H 50 -35.18 -10.71 -13.69
C ALA H 50 -36.35 -10.39 -14.63
N ILE H 51 -36.03 -10.00 -15.85
CA ILE H 51 -37.02 -9.79 -16.91
C ILE H 51 -37.66 -11.13 -17.27
N GLY H 52 -36.82 -12.17 -17.27
CA GLY H 52 -37.22 -13.56 -17.36
C GLY H 52 -37.29 -14.21 -18.74
N ARG H 53 -37.26 -13.39 -19.79
CA ARG H 53 -37.29 -13.89 -21.17
C ARG H 53 -36.83 -12.74 -22.08
N PRO H 54 -36.34 -13.04 -23.29
CA PRO H 54 -35.89 -11.97 -24.17
C PRO H 54 -37.03 -11.01 -24.50
N LEU H 55 -36.67 -9.73 -24.62
CA LEU H 55 -37.55 -8.72 -25.17
C LEU H 55 -37.51 -8.79 -26.69
N PRO H 56 -38.65 -9.15 -27.28
CA PRO H 56 -38.75 -9.39 -28.72
C PRO H 56 -38.54 -8.15 -29.57
N GLY H 57 -37.98 -8.35 -30.76
CA GLY H 57 -37.75 -7.29 -31.71
C GLY H 57 -36.52 -6.48 -31.38
N ARG H 58 -35.60 -7.09 -30.65
CA ARG H 58 -34.32 -6.48 -30.32
C ARG H 58 -33.29 -7.58 -30.11
N ARG H 59 -32.05 -7.32 -30.51
CA ARG H 59 -30.96 -8.25 -30.23
C ARG H 59 -30.63 -8.19 -28.74
N ASN H 60 -31.00 -9.23 -28.00
CA ASN H 60 -30.73 -9.24 -26.58
C ASN H 60 -29.34 -9.81 -26.41
N ILE H 61 -28.45 -9.02 -25.82
CA ILE H 61 -27.09 -9.49 -25.60
C ILE H 61 -26.81 -9.50 -24.11
N ILE H 62 -26.52 -10.71 -23.63
CA ILE H 62 -26.24 -10.96 -22.23
C ILE H 62 -24.75 -10.96 -21.96
N VAL H 63 -24.36 -10.21 -20.93
CA VAL H 63 -22.95 -10.06 -20.57
C VAL H 63 -22.66 -10.91 -19.35
N THR H 64 -21.76 -11.88 -19.51
CA THR H 64 -21.40 -12.77 -18.41
C THR H 64 -19.96 -13.27 -18.53
N ARG H 65 -19.32 -13.48 -17.39
CA ARG H 65 -17.97 -14.03 -17.32
C ARG H 65 -18.00 -15.51 -17.66
N ASN H 66 -19.05 -16.20 -17.23
CA ASN H 66 -19.22 -17.63 -17.47
C ASN H 66 -19.13 -18.07 -18.94
N GLU H 67 -18.05 -18.74 -19.34
CA GLU H 67 -17.86 -19.12 -20.74
C GLU H 67 -18.80 -20.23 -21.18
N GLY H 68 -19.41 -20.93 -20.22
CA GLY H 68 -20.31 -22.02 -20.52
C GLY H 68 -21.76 -21.61 -20.41
N TYR H 69 -22.00 -20.32 -20.57
CA TYR H 69 -23.36 -19.78 -20.49
C TYR H 69 -23.96 -19.53 -21.88
N HIS H 70 -25.18 -20.00 -22.06
CA HIS H 70 -25.93 -19.78 -23.29
C HIS H 70 -27.43 -19.80 -22.99
N VAL H 71 -28.18 -18.94 -23.68
CA VAL H 71 -29.64 -18.96 -23.56
C VAL H 71 -30.30 -18.62 -24.90
N GLU H 72 -31.40 -19.31 -25.21
CA GLU H 72 -32.02 -19.15 -26.52
C GLU H 72 -32.60 -17.77 -26.76
N GLY H 73 -32.39 -17.25 -27.96
CA GLY H 73 -32.95 -15.98 -28.36
C GLY H 73 -32.03 -14.84 -27.97
N CYS H 74 -30.90 -15.17 -27.35
CA CYS H 74 -29.94 -14.16 -26.99
C CYS H 74 -28.52 -14.53 -27.42
N GLU H 75 -27.75 -13.51 -27.76
CA GLU H 75 -26.32 -13.64 -27.98
C GLU H 75 -25.57 -13.36 -26.67
N VAL H 76 -24.45 -14.04 -26.47
CA VAL H 76 -23.71 -13.90 -25.21
C VAL H 76 -22.34 -13.25 -25.44
N ALA H 77 -22.01 -12.26 -24.63
CA ALA H 77 -20.67 -11.67 -24.65
C ALA H 77 -20.04 -11.79 -23.26
N HIS H 78 -18.71 -11.89 -23.22
CA HIS H 78 -18.01 -12.07 -21.96
C HIS H 78 -17.13 -10.89 -21.59
N SER H 79 -17.26 -9.82 -22.39
CA SER H 79 -16.43 -8.65 -22.18
C SER H 79 -16.92 -7.45 -22.97
N VAL H 80 -16.44 -6.28 -22.59
CA VAL H 80 -16.78 -5.06 -23.29
C VAL H 80 -16.27 -5.22 -24.71
N GLU H 81 -15.11 -5.86 -24.82
CA GLU H 81 -14.49 -6.12 -26.11
C GLU H 81 -15.39 -6.95 -27.02
N GLU H 82 -15.94 -8.03 -26.49
CA GLU H 82 -16.80 -8.91 -27.27
C GLU H 82 -18.10 -8.20 -27.67
N VAL H 83 -18.60 -7.35 -26.79
CA VAL H 83 -19.82 -6.59 -27.06
C VAL H 83 -19.65 -5.62 -28.23
N PHE H 84 -18.54 -4.87 -28.22
CA PHE H 84 -18.26 -3.91 -29.28
C PHE H 84 -18.00 -4.61 -30.62
N GLU H 85 -17.50 -5.84 -30.55
CA GLU H 85 -17.35 -6.67 -31.75
C GLU H 85 -18.71 -7.07 -32.32
N LEU H 86 -19.58 -7.59 -31.46
CA LEU H 86 -20.93 -7.99 -31.87
C LEU H 86 -21.76 -6.84 -32.43
N CYS H 87 -21.60 -5.65 -31.88
CA CYS H 87 -22.35 -4.47 -32.32
C CYS H 87 -21.47 -3.59 -33.22
N LYS H 88 -20.41 -4.18 -33.72
CA LYS H 88 -19.49 -3.54 -34.67
C LYS H 88 -20.13 -2.56 -35.65
N ASN H 89 -21.28 -2.91 -36.21
CA ASN H 89 -21.89 -2.08 -37.24
C ASN H 89 -23.10 -1.29 -36.77
N GLU H 90 -23.46 -1.45 -35.50
CA GLU H 90 -24.67 -0.84 -34.96
C GLU H 90 -24.54 0.68 -34.80
N GLU H 91 -25.60 1.39 -35.19
CA GLU H 91 -25.65 2.84 -35.05
C GLU H 91 -25.75 3.19 -33.56
N GLU H 92 -26.63 2.48 -32.84
CA GLU H 92 -26.79 2.74 -31.41
C GLU H 92 -27.17 1.49 -30.60
N ILE H 93 -26.56 1.36 -29.43
CA ILE H 93 -26.83 0.25 -28.53
C ILE H 93 -27.23 0.77 -27.14
N PHE H 94 -28.04 0.00 -26.44
CA PHE H 94 -28.54 0.43 -25.13
C PHE H 94 -28.04 -0.49 -24.02
N ILE H 95 -27.23 0.06 -23.13
CA ILE H 95 -26.82 -0.67 -21.95
C ILE H 95 -28.02 -0.68 -21.00
N PHE H 96 -28.55 -1.87 -20.79
CA PHE H 96 -29.85 -2.03 -20.13
C PHE H 96 -29.68 -2.32 -18.65
N GLY H 97 -28.44 -2.51 -18.24
CA GLY H 97 -28.15 -2.55 -16.83
C GLY H 97 -27.80 -3.84 -16.14
N GLY H 98 -28.00 -3.80 -14.83
CA GLY H 98 -27.05 -4.36 -13.89
C GLY H 98 -26.13 -3.21 -13.58
N ALA H 99 -26.04 -2.83 -12.31
CA ALA H 99 -25.13 -1.78 -11.88
C ALA H 99 -23.69 -2.03 -12.31
N GLN H 100 -23.27 -3.29 -12.28
CA GLN H 100 -21.92 -3.66 -12.67
C GLN H 100 -21.72 -3.44 -14.16
N ILE H 101 -22.81 -3.59 -14.92
CA ILE H 101 -22.79 -3.31 -16.34
C ILE H 101 -22.58 -1.85 -16.72
N TYR H 102 -23.33 -0.95 -16.11
CA TYR H 102 -23.09 0.47 -16.32
C TYR H 102 -21.63 0.80 -16.04
N ASP H 103 -21.10 0.32 -14.92
CA ASP H 103 -19.71 0.57 -14.58
C ASP H 103 -18.78 0.12 -15.71
N LEU H 104 -19.05 -1.05 -16.28
CA LEU H 104 -18.22 -1.59 -17.36
C LEU H 104 -18.20 -0.70 -18.58
N PHE H 105 -19.34 -0.07 -18.87
CA PHE H 105 -19.48 0.73 -20.09
C PHE H 105 -19.37 2.22 -19.83
N LEU H 106 -19.11 2.57 -18.57
CA LEU H 106 -18.94 3.96 -18.18
C LEU H 106 -17.88 4.73 -18.99
N PRO H 107 -16.76 4.06 -19.34
CA PRO H 107 -15.74 4.76 -20.12
C PRO H 107 -16.15 5.09 -21.56
N TYR H 108 -17.23 4.49 -22.06
CA TYR H 108 -17.57 4.60 -23.48
C TYR H 108 -18.90 5.32 -23.75
N VAL H 109 -19.62 5.65 -22.69
CA VAL H 109 -20.98 6.14 -22.83
C VAL H 109 -21.03 7.51 -23.51
N ASP H 110 -21.92 7.65 -24.48
CA ASP H 110 -22.06 8.88 -25.25
C ASP H 110 -23.41 9.52 -25.00
N LYS H 111 -24.35 8.75 -24.45
CA LYS H 111 -25.73 9.20 -24.35
C LYS H 111 -26.47 8.53 -23.20
N LEU H 112 -27.25 9.33 -22.49
CA LEU H 112 -27.93 8.85 -21.29
C LEU H 112 -29.43 9.03 -21.43
N TYR H 113 -30.16 7.92 -21.39
CA TYR H 113 -31.62 7.92 -21.35
C TYR H 113 -32.04 7.50 -19.95
N ILE H 114 -32.40 8.48 -19.13
CA ILE H 114 -32.69 8.24 -17.72
C ILE H 114 -34.10 8.62 -17.30
N THR H 115 -34.83 7.65 -16.74
CA THR H 115 -36.12 7.95 -16.16
C THR H 115 -35.94 8.21 -14.68
N LYS H 116 -36.38 9.38 -14.22
CA LYS H 116 -36.24 9.74 -12.82
C LYS H 116 -37.57 9.63 -12.09
N ILE H 117 -37.69 8.68 -11.16
CA ILE H 117 -38.93 8.51 -10.42
C ILE H 117 -38.85 9.30 -9.13
N HIS H 118 -39.83 10.18 -8.90
CA HIS H 118 -39.80 11.04 -7.73
C HIS H 118 -40.39 10.34 -6.52
N HIS H 119 -39.71 9.30 -6.03
CA HIS H 119 -40.22 8.63 -4.85
C HIS H 119 -39.04 7.81 -4.32
N ALA H 120 -39.11 7.36 -3.07
CA ALA H 120 -38.04 6.56 -2.47
C ALA H 120 -38.46 5.15 -2.06
N PHE H 121 -37.94 4.15 -2.77
CA PHE H 121 -38.30 2.77 -2.50
C PHE H 121 -37.21 2.13 -1.64
N GLU H 122 -37.46 0.90 -1.19
CA GLU H 122 -36.42 0.07 -0.62
C GLU H 122 -35.66 -0.58 -1.76
N GLY H 123 -34.33 -0.48 -1.76
CA GLY H 123 -33.51 -1.06 -2.81
C GLY H 123 -32.17 -1.59 -2.31
N ASP H 124 -31.47 -2.31 -3.18
CA ASP H 124 -30.19 -2.90 -2.79
C ASP H 124 -29.14 -2.79 -3.90
N THR H 125 -29.50 -2.11 -4.99
CA THR H 125 -28.57 -1.84 -6.08
C THR H 125 -28.87 -0.47 -6.68
N PHE H 126 -27.83 0.19 -7.19
CA PHE H 126 -27.91 1.61 -7.52
C PHE H 126 -27.25 2.00 -8.82
N PHE H 127 -27.90 2.90 -9.56
CA PHE H 127 -27.27 3.47 -10.73
C PHE H 127 -26.03 4.26 -10.28
N PRO H 128 -24.85 3.88 -10.77
CA PRO H 128 -23.56 4.50 -10.39
C PRO H 128 -23.54 6.03 -10.52
N GLU H 129 -22.71 6.69 -9.72
CA GLU H 129 -22.59 8.15 -9.83
C GLU H 129 -21.93 8.56 -11.12
N MET H 130 -22.32 9.75 -11.56
CA MET H 130 -21.80 10.37 -12.75
C MET H 130 -21.72 11.87 -12.52
N ASP H 131 -20.69 12.48 -13.09
CA ASP H 131 -20.55 13.92 -13.07
C ASP H 131 -21.40 14.47 -14.20
N MET H 132 -22.53 15.09 -13.85
CA MET H 132 -23.49 15.53 -14.85
C MET H 132 -23.09 16.85 -15.47
N THR H 133 -22.03 17.47 -14.95
CA THR H 133 -21.49 18.69 -15.56
C THR H 133 -20.90 18.37 -16.93
N ASN H 134 -20.76 17.09 -17.23
CA ASN H 134 -20.31 16.64 -18.55
C ASN H 134 -21.46 16.48 -19.52
N TRP H 135 -22.69 16.66 -19.02
CA TRP H 135 -23.84 16.30 -19.83
C TRP H 135 -24.83 17.44 -20.02
N LYS H 136 -25.45 17.48 -21.20
CA LYS H 136 -26.51 18.42 -21.47
C LYS H 136 -27.84 17.73 -21.73
N GLU H 137 -28.90 18.20 -21.09
CA GLU H 137 -30.22 17.66 -21.37
C GLU H 137 -30.65 18.13 -22.76
N VAL H 138 -31.00 17.21 -23.64
CA VAL H 138 -31.50 17.56 -24.96
C VAL H 138 -33.00 17.32 -25.07
N PHE H 139 -33.57 16.59 -24.11
CA PHE H 139 -35.00 16.34 -24.11
C PHE H 139 -35.48 15.95 -22.71
N VAL H 140 -36.73 16.30 -22.42
CA VAL H 140 -37.36 15.98 -21.15
C VAL H 140 -38.88 15.87 -21.32
N GLU H 141 -39.51 14.93 -20.62
CA GLU H 141 -40.96 14.80 -20.67
C GLU H 141 -41.51 14.14 -19.41
N LYS H 142 -42.58 14.71 -18.87
CA LYS H 142 -43.21 14.14 -17.67
C LYS H 142 -43.98 12.89 -18.07
N GLY H 143 -43.70 11.80 -17.38
CA GLY H 143 -44.36 10.53 -17.66
C GLY H 143 -45.78 10.54 -17.19
N LEU H 144 -46.58 9.63 -17.73
CA LEU H 144 -48.00 9.50 -17.39
C LEU H 144 -48.21 8.97 -15.97
N THR H 145 -48.85 9.77 -15.11
CA THR H 145 -49.25 9.28 -13.79
C THR H 145 -50.76 9.05 -13.76
N ASP H 146 -51.15 7.80 -13.53
CA ASP H 146 -52.56 7.42 -13.43
C ASP H 146 -52.78 6.20 -12.53
N GLU H 147 -53.91 5.53 -12.68
CA GLU H 147 -54.21 4.36 -11.85
C GLU H 147 -53.13 3.28 -11.93
N LYS H 148 -52.62 2.99 -13.12
CA LYS H 148 -51.63 1.91 -13.26
C LYS H 148 -50.17 2.37 -13.17
N ASN H 149 -49.93 3.68 -13.29
CA ASN H 149 -48.59 4.22 -13.13
C ASN H 149 -48.61 5.33 -12.07
N PRO H 150 -48.62 4.92 -10.80
CA PRO H 150 -49.05 5.79 -9.69
C PRO H 150 -48.06 6.87 -9.29
N TYR H 151 -46.78 6.62 -9.54
CA TYR H 151 -45.76 7.58 -9.17
C TYR H 151 -45.63 8.70 -10.18
N THR H 152 -44.96 9.76 -9.75
CA THR H 152 -44.62 10.87 -10.63
C THR H 152 -43.23 10.57 -11.14
N TYR H 153 -43.04 10.66 -12.45
CA TYR H 153 -41.73 10.35 -13.02
C TYR H 153 -41.49 11.11 -14.31
N TYR H 154 -40.21 11.28 -14.66
CA TYR H 154 -39.87 12.06 -15.84
C TYR H 154 -38.91 11.28 -16.73
N TYR H 155 -39.09 11.38 -18.04
CA TYR H 155 -38.10 10.86 -18.97
C TYR H 155 -37.07 11.97 -19.20
N HIS H 156 -35.79 11.63 -19.02
CA HIS H 156 -34.71 12.57 -19.32
C HIS H 156 -33.72 11.97 -20.32
N VAL H 157 -33.28 12.76 -21.29
CA VAL H 157 -32.23 12.32 -22.22
C VAL H 157 -31.06 13.32 -22.26
N TYR H 158 -29.83 12.82 -22.10
CA TYR H 158 -28.65 13.69 -22.07
C TYR H 158 -27.61 13.29 -23.11
N GLU H 159 -26.94 14.29 -23.67
CA GLU H 159 -25.77 14.11 -24.52
C GLU H 159 -24.55 14.88 -23.99
N LYS H 160 -23.37 14.56 -24.51
CA LYS H 160 -22.14 15.21 -24.10
C LYS H 160 -22.22 16.71 -24.20
N GLN H 161 -21.69 17.40 -23.18
CA GLN H 161 -21.55 18.83 -23.23
C GLN H 161 -20.47 19.12 -24.26
N GLN H 162 -20.78 19.96 -25.24
CA GLN H 162 -19.75 20.33 -26.20
C GLN H 162 -18.93 21.47 -25.61
N LEU H 163 -17.64 21.26 -25.43
CA LEU H 163 -16.76 22.31 -24.92
C LEU H 163 -16.35 23.30 -25.99
N VAL H 164 -16.39 24.57 -25.61
CA VAL H 164 -15.85 25.63 -26.45
C VAL H 164 -14.37 25.74 -26.11
N PRO H 165 -13.49 25.72 -27.12
CA PRO H 165 -12.05 25.76 -26.83
C PRO H 165 -11.71 27.04 -26.07
N ARG H 166 -10.86 26.96 -25.05
CA ARG H 166 -10.42 28.17 -24.36
C ARG H 166 -9.22 28.80 -25.07
CA CA I . 52.36 15.36 8.04
CL CL J . 32.57 9.02 2.08
O30 34S K . 25.55 21.52 8.21
C16 34S K . 26.60 21.09 8.65
N17 34S K . 27.66 22.00 8.96
N18 34S K . 28.83 21.53 9.45
C19 34S K . 29.95 22.38 9.49
C22 34S K . 29.92 23.63 8.72
C40 34S K . 31.14 24.30 8.37
C38 34S K . 31.09 25.47 7.65
C37 34S K . 29.88 25.99 7.26
C23 34S K . 28.71 25.35 7.61
C21 34S K . 28.76 24.14 8.36
C20 34S K . 27.48 23.42 8.74
C24 34S K . 26.86 24.03 9.99
C25 34S K . 27.62 24.87 10.80
C26 34S K . 27.06 25.42 11.94
C27 34S K . 25.74 25.13 12.28
C28 34S K . 24.98 24.29 11.47
C29 34S K . 25.55 23.74 10.33
C15 34S K . 26.78 19.63 8.87
C14 34S K . 28.02 19.09 9.00
C13 34S K . 28.20 17.60 8.95
C10 34S K . 27.13 16.79 8.62
O11 34S K . 25.90 17.34 8.35
C12 34S K . 24.98 17.52 9.37
C07 34S K . 27.29 15.41 8.57
O08 34S K . 26.23 14.61 8.24
C09 34S K . 26.44 13.25 8.07
C06 34S K . 28.53 14.84 8.85
C05 34S K . 29.60 15.66 9.18
C04 34S K . 30.93 15.04 9.49
C03 34S K . 31.47 15.60 10.75
C32 34S K . 30.68 16.35 11.62
N33 34S K . 31.21 16.83 12.75
C34 34S K . 32.49 16.61 13.06
N35 34S K . 33.03 17.14 14.28
N36 34S K . 33.27 15.90 12.25
C02 34S K . 32.81 15.39 11.10
N01 34S K . 33.67 14.64 10.26
C31 34S K . 29.44 17.04 9.24
CA CA L . -40.50 10.08 23.85
O30 34S M . -23.72 17.88 3.94
C16 34S M . -24.14 17.29 4.91
N17 34S M . -25.15 16.28 4.75
N18 34S M . -25.62 15.62 5.84
C19 34S M . -26.63 14.66 5.69
C22 34S M . -27.50 14.75 4.50
C40 34S M . -28.81 14.16 4.51
C38 34S M . -29.60 14.24 3.38
C37 34S M . -29.14 14.89 2.26
C23 34S M . -27.88 15.46 2.26
C21 34S M . -27.05 15.36 3.42
C20 34S M . -25.67 15.98 3.42
C24 34S M . -24.68 15.07 2.73
C25 34S M . -25.06 13.79 2.34
C26 34S M . -24.16 12.96 1.70
C27 34S M . -22.87 13.40 1.45
C28 34S M . -22.48 14.67 1.83
C29 34S M . -23.38 15.51 2.47
C15 34S M . -23.62 17.60 6.27
C14 34S M . -24.20 17.04 7.37
C13 34S M . -23.91 17.58 8.73
C10 34S M . -23.04 18.63 8.91
O11 34S M . -22.41 19.22 7.83
C12 34S M . -21.36 20.09 8.06
C07 34S M . -22.77 19.12 10.18
O08 34S M . -21.90 20.18 10.35
C09 34S M . -21.44 20.47 11.62
C06 34S M . -23.40 18.55 11.28
C05 34S M . -24.28 17.50 11.11
C04 34S M . -24.94 16.90 12.31
C03 34S M . -24.85 15.41 12.29
C32 34S M . -24.03 14.74 11.38
N33 34S M . -23.99 13.39 11.41
C34 34S M . -24.72 12.70 12.29
N35 34S M . -24.65 11.27 12.30
N36 34S M . -25.51 13.32 13.17
C02 34S M . -25.60 14.66 13.19
N01 34S M . -26.45 15.29 14.12
C31 34S M . -24.53 17.01 9.84
CL CL N . -27.64 24.78 16.01
CA CA O . 15.47 27.34 27.75
CL CL P . 5.88 12.87 39.18
O30 34R Q . -7.58 14.52 34.54
C16 34R Q . -6.93 15.40 34.01
C15 34R Q . -5.58 15.77 34.53
C14 34R Q . -5.49 16.86 35.36
C13 34R Q . -4.47 16.88 36.46
C10 34R Q . -4.60 16.00 37.53
O11 34R Q . -5.65 15.12 37.57
C12 34R Q . -6.85 15.49 38.11
C07 34R Q . -3.66 16.03 38.56
O08 34R Q . -3.77 15.15 39.60
C09 34R Q . -2.80 15.10 40.60
C06 34R Q . -2.60 16.94 38.49
C05 34R Q . -2.48 17.82 37.43
C04 34R Q . -1.34 18.79 37.39
C03 34R Q . -1.74 20.17 36.96
C32 34R Q . -3.04 20.66 37.17
N33 34R Q . -3.36 21.92 36.77
C34 34R Q . -2.45 22.70 36.19
N35 34R Q . -2.79 24.03 35.78
N36 34R Q . -1.20 22.25 35.98
C02 34R Q . -0.81 21.03 36.34
N01 34R Q . 0.54 20.61 36.09
C31 34R Q . -3.42 17.78 36.41
N17 34R Q . -7.49 16.12 32.89
N18 34R Q . -6.78 17.13 32.30
C19 34R Q . -7.36 18.00 31.52
C22 34R Q . -8.83 18.06 31.50
C40 34R Q . -9.46 19.20 31.04
C38 34R Q . -10.85 19.26 31.03
C37 34R Q . -11.58 18.18 31.45
C23 34R Q . -10.94 17.04 31.90
C21 34R Q . -9.55 16.98 31.92
C20 34R Q . -8.84 15.76 32.41
C24 34R Q . -8.74 14.69 31.35
C25 34R Q . -9.57 14.72 30.24
C26 34R Q . -9.47 13.73 29.28
C27 34R Q . -8.54 12.71 29.43
C28 34R Q . -7.71 12.68 30.55
C29 34R Q . -7.82 13.68 31.51
CA CA R . -8.41 2.77 -3.87
CL CL S . 10.77 3.95 3.29
O30 34S T . 16.35 12.11 -7.39
C16 34S T . 15.28 11.64 -7.77
N17 34S T . 14.37 12.45 -8.51
N18 34S T . 13.20 11.92 -8.91
C19 34S T . 12.16 12.78 -9.37
C22 34S T . 12.34 14.23 -9.26
C40 34S T . 11.20 15.10 -9.43
C38 34S T . 11.37 16.46 -9.34
C37 34S T . 12.61 16.99 -9.08
C23 34S T . 13.70 16.15 -8.92
C21 34S T . 13.53 14.73 -9.02
C20 34S T . 14.73 13.82 -8.84
C24 34S T . 15.59 13.79 -10.08
C25 34S T . 15.02 13.93 -11.33
C26 34S T . 15.82 13.90 -12.47
C27 34S T . 17.19 13.74 -12.35
C28 34S T . 17.76 13.61 -11.10
C29 34S T . 16.97 13.63 -9.97
C15 34S T . 14.93 10.23 -7.42
C14 34S T . 14.72 9.89 -6.12
C13 34S T . 14.69 8.45 -5.69
C10 34S T . 15.86 7.82 -5.29
O11 34S T . 17.05 8.52 -5.27
C12 34S T . 18.25 7.82 -5.17
C07 34S T . 15.83 6.49 -4.89
O08 34S T . 17.00 5.87 -4.48
C09 34S T . 16.92 4.85 -3.56
C06 34S T . 14.64 5.78 -4.89
C05 34S T . 13.47 6.41 -5.30
C04 34S T . 12.20 5.64 -5.31
C03 34S T . 11.67 5.53 -6.69
C32 34S T . 12.49 5.76 -7.80
N33 34S T . 11.98 5.65 -9.03
C34 34S T . 10.70 5.31 -9.21
N35 34S T . 10.18 5.19 -10.54
N36 34S T . 9.90 5.09 -8.18
C02 34S T . 10.34 5.18 -6.91
N01 34S T . 9.49 4.94 -5.82
C31 34S T . 13.50 7.74 -5.71
CA CA U . 36.49 -29.18 -10.02
CL CL V . 17.62 -36.13 -14.60
O30 34S W . 10.39 -24.20 -10.14
C16 34S W . 11.52 -24.25 -9.67
N17 34S W . 12.34 -23.09 -9.64
N18 34S W . 13.58 -23.19 -9.10
C19 34S W . 14.50 -22.12 -9.24
C22 34S W . 14.20 -21.02 -10.16
C40 34S W . 15.23 -20.12 -10.57
C38 34S W . 14.93 -19.08 -11.44
C37 34S W . 13.66 -18.92 -11.91
C23 34S W . 12.66 -19.79 -11.51
C21 34S W . 12.96 -20.87 -10.61
C20 34S W . 11.86 -21.82 -10.17
C24 34S W . 11.04 -21.17 -9.07
C25 34S W . 11.52 -20.06 -8.39
C26 34S W . 10.77 -19.47 -7.40
C27 34S W . 9.51 -19.97 -7.06
C28 34S W . 9.03 -21.08 -7.73
C29 34S W . 9.79 -21.68 -8.73
C15 34S W . 12.03 -25.53 -9.11
C14 34S W . 11.43 -26.72 -9.42
C13 34S W . 12.12 -28.01 -9.17
C10 34S W . 11.40 -29.20 -9.20
O11 34S W . 10.05 -29.17 -9.47
C12 34S W . 9.56 -29.78 -10.61
C07 34S W . 12.03 -30.42 -8.98
O08 34S W . 11.31 -31.59 -9.02
C09 34S W . 11.94 -32.81 -8.84
C06 34S W . 13.39 -30.45 -8.71
C05 34S W . 14.12 -29.27 -8.67
C04 34S W . 15.58 -29.36 -8.41
C03 34S W . 16.00 -28.77 -7.10
C32 34S W . 15.10 -28.22 -6.18
N33 34S W . 15.57 -27.72 -5.03
C34 34S W . 16.87 -27.74 -4.73
N35 34S W . 17.36 -27.22 -3.50
N36 34S W . 17.75 -28.27 -5.59
C02 34S W . 17.35 -28.79 -6.77
N01 34S W . 18.31 -29.34 -7.65
C31 34S W . 13.49 -28.05 -8.91
CA CA X . 0.74 -16.15 9.27
CL CL Y . -8.73 -29.94 22.77
O30 34S Z . -23.12 -28.59 18.07
C16 34S Z . -22.26 -27.74 17.91
N17 34S Z . -22.11 -27.12 16.64
N18 34S Z . -21.16 -26.17 16.44
C19 34S Z . -21.07 -25.51 15.20
C22 34S Z . -21.59 -26.20 14.02
C40 34S Z . -21.10 -25.86 12.71
C38 34S Z . -21.59 -26.52 11.60
C37 34S Z . -22.53 -27.51 11.75
C23 34S Z . -22.99 -27.85 13.01
C21 34S Z . -22.49 -27.15 14.16
C20 34S Z . -23.00 -27.52 15.55
C24 34S Z . -24.36 -26.92 15.80
C25 34S Z . -24.96 -26.10 14.84
C26 34S Z . -26.20 -25.56 15.08
C27 34S Z . -26.86 -25.82 16.27
C28 34S Z . -26.27 -26.63 17.22
C29 34S Z . -25.02 -27.19 16.99
C15 34S Z . -21.39 -27.35 19.04
C14 34S Z . -20.30 -26.54 18.85
C13 34S Z . -19.31 -26.34 19.95
C10 34S Z . -19.46 -27.03 21.14
O11 34S Z . -20.51 -27.90 21.33
C12 34S Z . -20.91 -28.20 22.63
C07 34S Z . -18.54 -26.83 22.17
O08 34S Z . -18.69 -27.51 23.36
C09 34S Z . -17.71 -27.40 24.33
C06 34S Z . -17.48 -25.97 22.00
C05 34S Z . -17.34 -25.27 20.81
C04 34S Z . -16.18 -24.34 20.63
C03 34S Z . -16.60 -23.10 19.94
C32 34S Z . -17.93 -22.65 19.97
N33 34S Z . -18.25 -21.52 19.33
C34 34S Z . -17.34 -20.83 18.66
N35 34S Z . -17.72 -19.62 17.98
N36 34S Z . -16.06 -21.22 18.60
C02 34S Z . -15.66 -22.35 19.23
N01 34S Z . -14.32 -22.76 19.17
C31 34S Z . -18.24 -25.47 19.78
O30 34R AA . -22.87 -28.37 18.67
C16 34R AA . -22.07 -27.78 17.97
C15 34R AA . -20.68 -27.53 18.45
C14 34R AA . -20.34 -26.31 18.98
C13 34R AA . -19.33 -26.21 20.07
C10 34R AA . -19.46 -26.99 21.22
O11 34R AA . -20.52 -27.85 21.35
C12 34R AA . -20.93 -28.21 22.62
C07 34R AA . -18.51 -26.91 22.23
O08 34R AA . -18.64 -27.68 23.35
C09 34R AA . -17.72 -27.56 24.38
C06 34R AA . -17.43 -26.03 22.10
C05 34R AA . -17.31 -25.24 20.95
C04 34R AA . -16.15 -24.31 20.82
C03 34R AA . -16.53 -23.10 20.05
C32 34R AA . -17.84 -22.62 20.06
N33 34R AA . -18.16 -21.52 19.36
C34 34R AA . -17.25 -20.87 18.65
N35 34R AA . -17.62 -19.71 17.90
N36 34R AA . -15.99 -21.30 18.61
C02 34R AA . -15.59 -22.39 19.28
N01 34R AA . -14.22 -22.80 19.22
C31 34R AA . -18.25 -25.34 19.95
N17 34R AA . -22.46 -27.34 16.65
N18 34R AA . -21.55 -26.68 15.86
C19 34R AA . -21.94 -26.07 14.77
C22 34R AA . -23.35 -25.82 14.54
C40 34R AA . -23.76 -24.86 13.63
C38 34R AA . -25.11 -24.62 13.43
C37 34R AA . -26.04 -25.36 14.12
C23 34R AA . -25.64 -26.33 15.01
C21 34R AA . -24.28 -26.56 15.22
C20 34R AA . -23.83 -27.60 16.19
C24 34R AA . -23.94 -28.95 15.55
C25 34R AA . -24.55 -29.99 16.24
C26 34R AA . -24.66 -31.24 15.65
C27 34R AA . -24.15 -31.46 14.38
C28 34R AA . -23.56 -30.41 13.69
C29 34R AA . -23.45 -29.16 14.28
CA CA BA . 18.95 -6.59 -45.93
CL CL CA . -0.53 -11.10 -52.26
O30 34R DA . -7.39 -0.42 -46.15
C16 34R DA . -6.20 -0.32 -45.94
C15 34R DA . -5.34 -1.54 -45.88
C14 34R DA . -5.92 -2.78 -46.04
C13 34R DA . -5.14 -4.03 -45.73
C10 34R DA . -5.81 -5.25 -45.63
O11 34R DA . -7.16 -5.30 -45.84
C12 34R DA . -7.69 -6.32 -46.60
C07 34R DA . -5.11 -6.41 -45.36
O08 34R DA . -5.77 -7.61 -45.27
C09 34R DA . -5.35 -8.69 -46.01
C06 34R DA . -3.72 -6.35 -45.16
C05 34R DA . -3.06 -5.13 -45.25
C04 34R DA . -1.58 -5.07 -45.04
C03 34R DA . -1.23 -4.65 -43.65
C32 34R DA . -2.19 -4.07 -42.81
N33 34R DA . -1.85 -3.71 -41.55
C34 34R DA . -0.61 -3.89 -41.10
N35 34R DA . -0.27 -3.48 -39.77
N36 34R DA . 0.33 -4.43 -41.87
C02 34R DA . 0.06 -4.83 -43.13
N01 34R DA . 1.10 -5.42 -43.92
C31 34R DA . -3.77 -3.96 -45.53
N17 34R DA . -5.62 0.99 -45.74
N18 34R DA . -4.27 1.11 -45.49
C19 34R DA . -3.84 2.07 -44.72
C22 34R DA . -4.75 3.11 -44.25
C40 34R DA . -4.33 4.02 -43.31
C38 34R DA . -5.20 5.02 -42.87
C37 34R DA . -6.47 5.08 -43.38
C23 34R DA . -6.88 4.17 -44.34
C21 34R DA . -6.01 3.18 -44.77
C20 34R DA . -6.46 2.19 -45.80
C24 34R DA . -6.36 2.84 -47.14
C25 34R DA . -6.74 4.17 -47.30
C26 34R DA . -6.66 4.78 -48.54
C27 34R DA . -6.20 4.06 -49.63
C28 34R DA . -5.82 2.74 -49.48
C29 34R DA . -5.90 2.13 -48.24
CA CA EA . -18.43 6.25 -26.97
CL CL FA . -26.90 -7.91 -14.14
O30 34S GA . -40.65 -7.25 -19.33
C16 34S GA . -39.97 -6.23 -19.31
N17 34S GA . -40.03 -5.33 -20.41
N18 34S GA . -39.30 -4.19 -20.45
C19 34S GA . -39.09 -3.54 -21.69
C22 34S GA . -39.43 -4.26 -22.92
C40 34S GA . -38.83 -3.88 -24.17
C38 34S GA . -39.15 -4.57 -25.32
C37 34S GA . -40.03 -5.63 -25.27
C23 34S GA . -40.60 -5.99 -24.06
C21 34S GA . -40.27 -5.28 -22.87
C20 34S GA . -40.88 -5.66 -21.54
C24 34S GA . -42.25 -5.02 -21.36
C25 34S GA . -42.75 -4.17 -22.34
C26 34S GA . -44.00 -3.58 -22.16
C27 34S GA . -44.74 -3.85 -21.02
C28 34S GA . -44.24 -4.70 -20.05
C29 34S GA . -43.00 -5.29 -20.22
C15 34S GA . -39.10 -5.98 -18.11
C14 34S GA . -38.74 -4.70 -17.75
C13 34S GA . -37.55 -4.43 -16.89
C10 34S GA . -37.37 -5.15 -15.71
O11 34S GA . -38.28 -6.14 -15.37
C12 34S GA . -38.65 -6.36 -14.05
C07 34S GA . -36.25 -4.89 -14.91
O08 34S GA . -36.02 -5.60 -13.75
C09 34S GA . -35.31 -5.00 -12.72
C06 34S GA . -35.35 -3.91 -15.28
C05 34S GA . -35.54 -3.17 -16.44
C04 34S GA . -34.52 -2.14 -16.78
C03 34S GA . -35.05 -0.79 -17.17
C32 34S GA . -36.35 -0.36 -16.92
N33 34S GA . -36.71 0.87 -17.31
C34 34S GA . -35.86 1.69 -17.93
N35 34S GA . -36.28 3.00 -18.34
N36 34S GA . -34.60 1.30 -18.19
C02 34S GA . -34.17 0.08 -17.82
N01 34S GA . -32.85 -0.33 -18.09
C31 34S GA . -36.65 -3.44 -17.25
O30 34R HA . -40.84 -7.13 -18.16
C16 34R HA . -40.04 -6.36 -18.66
C15 34R HA . -38.77 -6.04 -17.93
C14 34R HA . -38.35 -4.74 -17.81
C13 34R HA . -37.21 -4.42 -16.87
C10 34R HA . -37.14 -5.08 -15.65
O11 34R HA . -38.11 -6.00 -15.31
C12 34R HA . -38.11 -6.53 -14.03
C07 34R HA . -36.10 -4.80 -14.77
O08 34R HA . -36.02 -5.45 -13.57
C09 34R HA . -35.18 -4.97 -12.58
C06 34R HA . -35.13 -3.86 -15.14
C05 34R HA . -35.21 -3.21 -16.35
C04 34R HA . -34.16 -2.21 -16.73
C03 34R HA . -34.75 -0.91 -17.16
C32 34R HA . -36.08 -0.58 -16.88
N33 34R HA . -36.58 0.60 -17.29
C34 34R HA . -35.83 1.47 -17.95
N35 34R HA . -36.38 2.72 -18.38
N36 34R HA . -34.55 1.19 -18.24
C02 34R HA . -33.98 0.03 -17.87
N01 34R HA . -32.61 -0.22 -18.21
C31 34R HA . -36.26 -3.49 -17.23
N17 34R HA . -40.30 -5.77 -19.94
N18 34R HA . -39.39 -4.91 -20.51
C19 34R HA . -39.71 -4.21 -21.56
C22 34R HA . -41.12 -4.05 -21.91
C40 34R HA . -41.54 -2.97 -22.69
C38 34R HA . -42.87 -2.84 -23.01
C37 34R HA . -43.79 -3.77 -22.56
C23 34R HA . -43.37 -4.83 -21.79
C21 34R HA . -42.02 -4.97 -21.47
C20 34R HA . -41.56 -6.11 -20.63
C24 34R HA . -41.42 -7.34 -21.47
C25 34R HA . -40.50 -7.39 -22.50
C26 34R HA . -40.38 -8.53 -23.27
C27 34R HA . -41.20 -9.64 -23.01
C28 34R HA . -42.12 -9.59 -21.99
C29 34R HA . -42.23 -8.44 -21.21
#